data_7VPN
#
_entry.id   7VPN
#
_cell.length_a   219.804
_cell.length_b   219.804
_cell.length_c   77.751
_cell.angle_alpha   90.000
_cell.angle_beta   90.000
_cell.angle_gamma   120.000
#
_symmetry.space_group_name_H-M   'P 64'
#
loop_
_entity.id
_entity.type
_entity.pdbx_description
1 polymer 'CcTet molecule'
2 non-polymer 'MANGANESE (II) ION'
3 non-polymer N-OXALYLGLYCINE
4 water water
#
_entity_poly.entity_id   1
_entity_poly.type   'polypeptide(L)'
_entity_poly.pdbx_seq_one_letter_code
;MSAIPFSTDDCSQDETLPSLLLIDEAAAVLGRMIQGLRTGIPYIHTENDSIKANPILRTALWQAAYVLEKAYRRRYRVPW
TARRYMRELTPRQDGRNANREAVMAKEFPPGAELNSDHPVQEILPAMIIDAEDHILFCYLPSCVSPAIMTIIDAAVGTLA
TTKDGHLQKKSRAREGERARVEMQKVKGKGKQEEEGQEKLGANWREALDLFRQGACKMTPGVLTFAPAWWPVGHENQLPG
PASTLKPPKGEGRMFLSDIPIASALVGAILAQINQPLFESGVKVLRELYSNSKLTKDHSTVSKIIEIWFSPFSSLSLIVN
RATPIHRDTSGPIEGMDILVTGGNYSNGVLVTPSFNRRWTYNPGCVVALLGKLVLHGVPEVDGERYCMAHFWRERLFDAA
GVPFPYPSKWQESYTNIPEALQWHRDNVTR
;
_entity_poly.pdbx_strand_id   A,B,C,D
#
# COMPACT_ATOMS: atom_id res chain seq x y z
N THR A 16 6.90 -20.26 -38.95
CA THR A 16 5.83 -20.98 -39.65
C THR A 16 4.48 -20.37 -39.27
N LEU A 17 4.57 -19.28 -38.50
CA LEU A 17 3.42 -18.53 -38.00
C LEU A 17 3.45 -17.17 -38.68
N PRO A 18 2.70 -16.96 -39.75
CA PRO A 18 3.00 -15.81 -40.62
C PRO A 18 2.66 -14.47 -39.97
N SER A 19 1.68 -14.42 -39.08
CA SER A 19 1.31 -13.15 -38.45
C SER A 19 2.47 -12.58 -37.64
N LEU A 20 3.09 -13.41 -36.79
CA LEU A 20 4.26 -12.98 -36.05
C LEU A 20 5.40 -12.60 -37.00
N LEU A 21 5.45 -13.24 -38.14
CA LEU A 21 6.57 -12.96 -39.02
C LEU A 21 6.35 -11.63 -39.74
N LEU A 22 5.08 -11.29 -39.94
CA LEU A 22 4.74 -10.00 -40.53
C LEU A 22 5.04 -8.87 -39.56
N ILE A 23 4.63 -9.01 -38.30
CA ILE A 23 4.90 -7.90 -37.39
C ILE A 23 6.39 -7.79 -37.12
N ASP A 24 7.11 -8.91 -37.16
CA ASP A 24 8.57 -8.83 -37.11
C ASP A 24 9.12 -7.97 -38.27
N GLU A 25 8.65 -8.24 -39.51
CA GLU A 25 9.18 -7.45 -40.62
C GLU A 25 8.74 -6.01 -40.58
N ALA A 26 7.50 -5.75 -40.19
CA ALA A 26 7.05 -4.37 -40.06
C ALA A 26 7.93 -3.61 -39.08
N ALA A 27 8.27 -4.22 -37.95
CA ALA A 27 9.20 -3.59 -37.02
C ALA A 27 10.56 -3.35 -37.67
N ALA A 28 11.05 -4.32 -38.42
CA ALA A 28 12.38 -4.18 -38.98
C ALA A 28 12.40 -3.06 -40.03
N VAL A 29 11.43 -3.07 -40.93
CA VAL A 29 11.49 -2.10 -42.01
C VAL A 29 11.21 -0.69 -41.51
N LEU A 30 10.34 -0.53 -40.49
CA LEU A 30 10.16 0.81 -39.92
C LEU A 30 11.43 1.30 -39.27
N GLY A 31 12.15 0.44 -38.55
CA GLY A 31 13.44 0.86 -38.02
C GLY A 31 14.40 1.30 -39.12
N ARG A 32 14.39 0.59 -40.26
CA ARG A 32 15.28 0.97 -41.34
C ARG A 32 14.87 2.32 -41.91
N MET A 33 13.55 2.54 -42.04
CA MET A 33 13.08 3.84 -42.51
C MET A 33 13.55 4.95 -41.59
N ILE A 34 13.48 4.74 -40.28
CA ILE A 34 13.91 5.78 -39.36
C ILE A 34 15.42 6.01 -39.49
N GLN A 35 16.18 4.93 -39.54
CA GLN A 35 17.62 5.08 -39.69
C GLN A 35 17.95 5.85 -40.98
N GLY A 36 17.19 5.61 -42.04
CA GLY A 36 17.39 6.35 -43.27
C GLY A 36 17.10 7.84 -43.10
N LEU A 37 15.93 8.17 -42.52
CA LEU A 37 15.63 9.59 -42.27
C LEU A 37 16.74 10.25 -41.49
N ARG A 38 17.40 9.52 -40.59
CA ARG A 38 18.43 10.09 -39.76
C ARG A 38 19.78 10.23 -40.49
N THR A 39 20.09 9.34 -41.43
CA THR A 39 21.40 9.36 -42.06
C THR A 39 21.39 9.97 -43.46
N GLY A 40 20.23 10.13 -44.08
CA GLY A 40 20.22 10.55 -45.47
C GLY A 40 20.67 9.51 -46.48
N ILE A 41 20.64 8.23 -46.10
CA ILE A 41 20.99 7.15 -47.02
C ILE A 41 19.72 6.36 -47.34
N PRO A 42 19.55 5.91 -48.58
CA PRO A 42 18.36 5.11 -48.92
C PRO A 42 18.18 3.89 -48.03
N TYR A 43 16.96 3.71 -47.51
CA TYR A 43 16.68 2.55 -46.69
C TYR A 43 16.39 1.32 -47.55
N ILE A 44 16.66 0.15 -46.99
CA ILE A 44 16.40 -1.12 -47.65
C ILE A 44 14.93 -1.50 -47.48
N HIS A 45 14.26 -1.70 -48.60
CA HIS A 45 12.87 -2.13 -48.61
C HIS A 45 12.73 -3.53 -48.06
N THR A 46 11.54 -3.84 -47.56
CA THR A 46 11.24 -5.18 -47.15
C THR A 46 10.89 -6.02 -48.37
N GLU A 47 11.39 -7.25 -48.39
CA GLU A 47 11.07 -8.19 -49.45
C GLU A 47 9.82 -8.99 -49.14
N ASN A 48 9.25 -8.81 -47.95
CA ASN A 48 8.01 -9.43 -47.54
C ASN A 48 6.88 -8.66 -48.22
N ASP A 49 6.22 -9.23 -49.23
CA ASP A 49 5.31 -8.35 -49.98
C ASP A 49 3.91 -8.32 -49.37
N SER A 50 3.70 -9.00 -48.25
CA SER A 50 2.58 -8.63 -47.42
C SER A 50 2.67 -7.14 -47.05
N ILE A 51 3.89 -6.66 -46.72
CA ILE A 51 4.12 -5.23 -46.55
C ILE A 51 4.22 -4.54 -47.91
N LYS A 52 5.14 -5.02 -48.76
CA LYS A 52 5.57 -4.27 -49.95
C LYS A 52 4.44 -4.04 -50.94
N ALA A 53 3.58 -5.03 -51.11
CA ALA A 53 2.45 -4.92 -52.01
C ALA A 53 1.21 -4.39 -51.31
N ASN A 54 1.33 -3.88 -50.08
CA ASN A 54 0.15 -3.35 -49.39
C ASN A 54 0.29 -1.84 -49.30
N PRO A 55 -0.18 -1.06 -50.27
CA PRO A 55 0.17 0.39 -50.20
C PRO A 55 -0.24 1.05 -48.88
N ILE A 56 -1.38 0.68 -48.30
CA ILE A 56 -1.86 1.34 -47.07
C ILE A 56 -0.90 1.09 -45.91
N LEU A 57 -0.52 -0.18 -45.69
CA LEU A 57 0.42 -0.43 -44.59
C LEU A 57 1.77 0.22 -44.87
N ARG A 58 2.22 0.17 -46.13
CA ARG A 58 3.55 0.69 -46.43
C ARG A 58 3.62 2.19 -46.16
N THR A 59 2.64 2.94 -46.66
CA THR A 59 2.67 4.38 -46.49
C THR A 59 2.41 4.76 -45.04
N ALA A 60 1.65 3.93 -44.32
CA ALA A 60 1.48 4.17 -42.89
C ALA A 60 2.80 4.00 -42.13
N LEU A 61 3.63 3.03 -42.54
CA LEU A 61 4.98 2.92 -41.95
C LEU A 61 5.83 4.16 -42.26
N TRP A 62 5.75 4.67 -43.49
CA TRP A 62 6.45 5.93 -43.81
C TRP A 62 6.02 7.05 -42.86
N GLN A 63 4.70 7.22 -42.70
CA GLN A 63 4.18 8.30 -41.88
C GLN A 63 4.62 8.14 -40.42
N ALA A 64 4.51 6.92 -39.89
CA ALA A 64 4.95 6.69 -38.51
C ALA A 64 6.43 7.01 -38.36
N ALA A 65 7.23 6.66 -39.37
CA ALA A 65 8.66 6.94 -39.29
C ALA A 65 8.89 8.44 -39.11
N TYR A 66 8.19 9.25 -39.89
CA TYR A 66 8.36 10.69 -39.73
C TYR A 66 7.99 11.13 -38.32
N VAL A 67 6.84 10.66 -37.82
CA VAL A 67 6.40 11.15 -36.51
C VAL A 67 7.35 10.68 -35.39
N LEU A 68 7.79 9.43 -35.44
CA LEU A 68 8.66 8.94 -34.37
C LEU A 68 10.02 9.65 -34.40
N GLU A 69 10.56 9.87 -35.60
CA GLU A 69 11.82 10.60 -35.69
C GLU A 69 11.65 12.02 -35.14
N LYS A 70 10.53 12.66 -35.45
CA LYS A 70 10.23 13.93 -34.82
C LYS A 70 10.22 13.81 -33.30
N ALA A 71 9.67 12.72 -32.77
CA ALA A 71 9.56 12.60 -31.30
C ALA A 71 10.92 12.42 -30.63
N TYR A 72 11.81 11.59 -31.20
CA TYR A 72 13.10 11.40 -30.54
C TYR A 72 13.92 12.67 -30.48
N ARG A 73 13.63 13.66 -31.35
CA ARG A 73 14.37 14.91 -31.38
C ARG A 73 13.82 15.93 -30.41
N ARG A 74 12.88 15.55 -29.55
CA ARG A 74 12.16 16.53 -28.74
C ARG A 74 11.84 15.88 -27.39
N ARG A 75 12.82 15.93 -26.47
CA ARG A 75 12.84 15.10 -25.27
C ARG A 75 12.86 15.97 -24.00
N TYR A 76 11.80 15.88 -23.21
CA TYR A 76 11.76 16.51 -21.89
C TYR A 76 12.29 15.52 -20.86
N ARG A 77 13.08 16.03 -19.91
CA ARG A 77 13.61 15.22 -18.82
C ARG A 77 13.02 15.67 -17.49
N VAL A 78 12.50 14.71 -16.72
CA VAL A 78 12.14 14.92 -15.32
C VAL A 78 13.33 14.58 -14.43
N PRO A 79 13.44 15.21 -13.24
CA PRO A 79 14.65 15.05 -12.43
C PRO A 79 14.63 13.85 -11.49
N TRP A 80 13.81 12.85 -11.78
CA TRP A 80 13.79 11.64 -10.97
C TRP A 80 13.94 10.45 -11.89
N THR A 81 14.05 9.27 -11.30
CA THR A 81 14.13 8.03 -12.05
C THR A 81 12.79 7.30 -11.99
N ALA A 82 12.60 6.39 -12.93
CA ALA A 82 11.42 5.55 -12.83
C ALA A 82 11.56 4.58 -11.67
N ARG A 83 12.77 4.05 -11.40
CA ARG A 83 12.96 3.17 -10.24
C ARG A 83 12.47 3.82 -8.93
N ARG A 84 12.87 5.05 -8.67
CA ARG A 84 12.51 5.63 -7.40
C ARG A 84 11.02 5.95 -7.35
N TYR A 85 10.47 6.43 -8.46
CA TYR A 85 9.03 6.68 -8.54
C TYR A 85 8.25 5.40 -8.25
N MET A 86 8.62 4.32 -8.94
CA MET A 86 8.01 3.01 -8.71
C MET A 86 8.13 2.58 -7.25
N ARG A 87 9.21 2.97 -6.57
CA ARG A 87 9.38 2.47 -5.21
C ARG A 87 8.40 3.12 -4.24
N GLU A 88 8.15 4.44 -4.35
CA GLU A 88 7.12 5.05 -3.50
C GLU A 88 5.70 4.54 -3.78
N LEU A 89 5.46 3.87 -4.90
CA LEU A 89 4.09 3.53 -5.24
C LEU A 89 3.61 2.38 -4.38
N THR A 90 2.48 2.59 -3.70
CA THR A 90 1.78 1.50 -3.03
C THR A 90 1.19 0.57 -4.08
N PRO A 91 0.99 -0.71 -3.76
CA PRO A 91 0.66 -1.68 -4.82
C PRO A 91 -0.59 -1.35 -5.63
N ARG A 92 -1.60 -0.68 -5.03
CA ARG A 92 -2.79 -0.28 -5.79
C ARG A 92 -3.04 1.21 -5.60
N GLN A 93 -2.17 2.02 -6.21
CA GLN A 93 -2.24 3.48 -6.11
C GLN A 93 -2.74 4.03 -7.45
N ASP A 94 -4.02 3.87 -7.69
CA ASP A 94 -4.57 4.14 -9.02
C ASP A 94 -4.75 5.61 -9.33
N GLY A 95 -4.48 6.53 -8.39
CA GLY A 95 -4.60 7.96 -8.63
C GLY A 95 -5.78 8.65 -7.99
N ARG A 96 -6.70 7.94 -7.33
CA ARG A 96 -7.90 8.57 -6.79
C ARG A 96 -7.68 9.23 -5.41
N ASN A 97 -6.79 8.69 -4.58
CA ASN A 97 -6.39 9.32 -3.34
C ASN A 97 -5.68 10.64 -3.62
N ALA A 98 -6.40 11.76 -3.53
CA ALA A 98 -5.80 13.03 -3.91
C ALA A 98 -4.67 13.46 -2.96
N ASN A 99 -4.74 13.08 -1.68
CA ASN A 99 -3.68 13.43 -0.75
C ASN A 99 -2.39 12.67 -1.06
N ARG A 100 -2.51 11.34 -1.15
CA ARG A 100 -1.41 10.50 -1.63
C ARG A 100 -0.83 11.06 -2.92
N GLU A 101 -1.67 11.61 -3.79
CA GLU A 101 -1.12 12.10 -5.06
C GLU A 101 -0.37 13.41 -4.87
N ALA A 102 -0.81 14.29 -3.97
CA ALA A 102 -0.06 15.52 -3.72
C ALA A 102 1.29 15.24 -3.06
N VAL A 103 1.36 14.21 -2.21
CA VAL A 103 2.67 13.85 -1.64
C VAL A 103 3.59 13.32 -2.72
N MET A 104 3.11 12.39 -3.56
CA MET A 104 3.93 11.99 -4.71
C MET A 104 4.38 13.21 -5.51
N ALA A 105 3.47 14.16 -5.73
CA ALA A 105 3.78 15.28 -6.61
C ALA A 105 4.87 16.17 -6.04
N LYS A 106 4.91 16.36 -4.70
CA LYS A 106 6.06 17.05 -4.09
C LYS A 106 7.32 16.21 -4.20
N GLU A 107 7.25 14.92 -3.87
CA GLU A 107 8.47 14.14 -3.92
C GLU A 107 9.00 14.01 -5.34
N PHE A 108 8.12 14.06 -6.34
CA PHE A 108 8.52 13.84 -7.74
C PHE A 108 7.97 14.98 -8.61
N PRO A 109 8.57 16.16 -8.53
CA PRO A 109 8.00 17.31 -9.22
C PRO A 109 8.35 17.28 -10.69
N PRO A 110 7.71 18.13 -11.50
CA PRO A 110 7.99 18.09 -12.95
C PRO A 110 9.41 18.48 -13.30
N GLY A 111 9.93 19.54 -12.71
CA GLY A 111 11.30 19.97 -12.94
C GLY A 111 11.37 21.21 -13.80
N ALA A 112 12.59 21.72 -13.95
CA ALA A 112 12.78 22.99 -14.65
C ALA A 112 12.43 22.90 -16.13
N GLU A 113 12.71 21.76 -16.78
CA GLU A 113 12.44 21.66 -18.22
C GLU A 113 10.94 21.64 -18.52
N LEU A 114 10.11 21.23 -17.56
CA LEU A 114 8.66 21.16 -17.72
C LEU A 114 7.87 22.22 -16.98
N ASN A 115 8.23 22.56 -15.73
CA ASN A 115 7.27 23.31 -14.91
C ASN A 115 7.40 24.81 -15.11
N SER A 116 7.42 25.21 -16.37
CA SER A 116 7.16 26.60 -16.66
C SER A 116 5.74 26.93 -16.23
N ASP A 117 5.59 27.60 -15.06
CA ASP A 117 4.34 28.17 -14.55
C ASP A 117 3.09 27.40 -14.96
N HIS A 118 2.17 28.04 -15.69
CA HIS A 118 0.98 27.37 -16.19
C HIS A 118 1.22 26.82 -17.60
N PRO A 119 1.06 25.51 -17.80
CA PRO A 119 1.49 24.86 -19.07
C PRO A 119 0.57 25.12 -20.26
N VAL A 120 1.20 25.25 -21.50
CA VAL A 120 0.44 25.29 -22.76
C VAL A 120 0.27 23.87 -23.28
N GLN A 121 -0.81 23.64 -24.01
CA GLN A 121 -1.09 22.32 -24.58
C GLN A 121 -0.10 21.97 -25.69
N GLU A 122 0.55 20.81 -25.58
CA GLU A 122 1.48 20.36 -26.62
C GLU A 122 0.74 19.90 -27.87
N ILE A 123 1.34 20.17 -29.04
CA ILE A 123 0.81 19.67 -30.30
C ILE A 123 1.83 18.91 -31.14
N LEU A 124 3.17 19.15 -30.96
CA LEU A 124 4.25 18.52 -31.68
C LEU A 124 4.64 17.19 -31.04
N PRO A 125 5.17 16.25 -31.84
CA PRO A 125 5.59 14.97 -31.26
C PRO A 125 6.71 15.20 -30.26
N ALA A 126 6.72 14.38 -29.22
CA ALA A 126 7.72 14.58 -28.17
C ALA A 126 7.77 13.34 -27.30
N MET A 127 8.75 13.31 -26.41
CA MET A 127 8.84 12.26 -25.41
C MET A 127 9.36 12.83 -24.10
N ILE A 128 9.09 12.08 -23.04
CA ILE A 128 9.52 12.40 -21.70
C ILE A 128 10.29 11.21 -21.16
N ILE A 129 11.55 11.47 -20.79
CA ILE A 129 12.55 10.53 -20.30
C ILE A 129 12.88 10.87 -18.84
N ASP A 130 13.24 9.85 -18.06
CA ASP A 130 13.56 10.08 -16.66
C ASP A 130 15.03 10.51 -16.53
N ALA A 131 15.51 10.60 -15.29
CA ALA A 131 16.84 11.15 -15.02
C ALA A 131 17.96 10.30 -15.58
N GLU A 132 17.69 9.03 -15.82
CA GLU A 132 18.67 8.08 -16.34
C GLU A 132 18.29 7.61 -17.74
N ASP A 133 17.58 8.47 -18.49
CA ASP A 133 17.31 8.33 -19.92
C ASP A 133 16.23 7.30 -20.29
N HIS A 134 15.45 6.80 -19.33
CA HIS A 134 14.37 5.87 -19.66
C HIS A 134 13.15 6.61 -20.22
N ILE A 135 12.54 6.05 -21.26
CA ILE A 135 11.37 6.68 -21.86
C ILE A 135 10.16 6.36 -20.99
N LEU A 136 9.51 7.40 -20.47
CA LEU A 136 8.28 7.24 -19.71
C LEU A 136 7.04 7.47 -20.54
N PHE A 137 7.18 8.33 -21.56
CA PHE A 137 6.01 8.81 -22.26
C PHE A 137 6.44 9.24 -23.65
N CYS A 138 5.64 8.87 -24.65
CA CYS A 138 5.94 9.19 -26.04
C CYS A 138 4.64 9.63 -26.70
N TYR A 139 4.63 10.84 -27.23
CA TYR A 139 3.45 11.46 -27.80
C TYR A 139 3.65 11.54 -29.31
N LEU A 140 2.76 10.87 -30.07
CA LEU A 140 2.83 10.77 -31.53
C LEU A 140 1.50 11.22 -32.15
N PRO A 141 1.27 12.52 -32.24
CA PRO A 141 0.06 13.00 -32.94
C PRO A 141 0.13 12.68 -34.42
N SER A 142 -1.03 12.27 -34.99
CA SER A 142 -1.15 11.94 -36.42
C SER A 142 -0.12 10.90 -36.84
N CYS A 143 0.14 9.97 -35.97
CA CYS A 143 1.03 8.86 -36.26
C CYS A 143 0.37 7.81 -37.16
N VAL A 144 -0.96 7.82 -37.28
CA VAL A 144 -1.70 6.80 -38.03
C VAL A 144 -2.35 7.46 -39.24
N SER A 145 -2.12 6.87 -40.42
CA SER A 145 -2.64 7.45 -41.66
C SER A 145 -4.17 7.50 -41.64
N PRO A 146 -4.76 8.43 -42.38
CA PRO A 146 -6.23 8.43 -42.47
C PRO A 146 -6.75 7.09 -42.97
N ALA A 147 -6.06 6.45 -43.90
CA ALA A 147 -6.58 5.18 -44.43
C ALA A 147 -6.69 4.15 -43.32
N ILE A 148 -5.66 4.04 -42.49
CA ILE A 148 -5.74 3.07 -41.40
C ILE A 148 -6.80 3.49 -40.37
N MET A 149 -6.90 4.79 -40.09
CA MET A 149 -7.92 5.24 -39.15
C MET A 149 -9.30 4.87 -39.66
N THR A 150 -9.49 4.89 -40.98
CA THR A 150 -10.76 4.48 -41.58
C THR A 150 -11.00 2.97 -41.45
N ILE A 151 -9.94 2.17 -41.57
CA ILE A 151 -10.07 0.74 -41.32
C ILE A 151 -10.57 0.50 -39.89
N ILE A 152 -9.93 1.15 -38.91
CA ILE A 152 -10.40 1.03 -37.53
C ILE A 152 -11.82 1.56 -37.38
N ASP A 153 -12.14 2.71 -37.98
CA ASP A 153 -13.50 3.27 -37.93
C ASP A 153 -14.53 2.25 -38.38
N ALA A 154 -14.28 1.61 -39.53
CA ALA A 154 -15.19 0.59 -40.01
C ALA A 154 -15.30 -0.58 -39.03
N ALA A 155 -14.16 -1.09 -38.57
CA ALA A 155 -14.20 -2.28 -37.72
C ALA A 155 -14.97 -2.01 -36.44
N VAL A 156 -14.59 -0.94 -35.74
CA VAL A 156 -15.31 -0.52 -34.55
C VAL A 156 -16.78 -0.30 -34.86
N GLY A 157 -17.07 0.35 -35.99
CA GLY A 157 -18.46 0.59 -36.35
C GLY A 157 -19.28 -0.69 -36.40
N THR A 158 -18.82 -1.68 -37.16
CA THR A 158 -19.65 -2.88 -37.27
C THR A 158 -19.65 -3.67 -35.96
N LEU A 159 -18.60 -3.54 -35.14
CA LEU A 159 -18.62 -4.21 -33.84
C LEU A 159 -19.61 -3.56 -32.86
N ALA A 160 -19.76 -2.24 -32.91
CA ALA A 160 -20.46 -1.48 -31.88
C ALA A 160 -21.93 -1.29 -32.17
N THR A 161 -22.44 -1.84 -33.27
CA THR A 161 -23.84 -1.71 -33.63
C THR A 161 -24.45 -3.10 -33.81
N CYS A 216 -23.33 7.12 -28.77
CA CYS A 216 -24.68 7.14 -29.34
C CYS A 216 -24.78 6.30 -30.66
N LYS A 217 -24.12 6.74 -31.74
CA LYS A 217 -24.05 5.90 -32.95
C LYS A 217 -23.15 4.67 -32.75
N MET A 218 -22.20 4.72 -31.82
CA MET A 218 -21.53 3.53 -31.33
C MET A 218 -21.94 3.30 -29.89
N THR A 219 -22.36 2.10 -29.57
CA THR A 219 -22.87 1.82 -28.24
C THR A 219 -21.70 1.83 -27.26
N PRO A 220 -21.73 2.68 -26.23
CA PRO A 220 -20.61 2.77 -25.28
C PRO A 220 -20.26 1.43 -24.64
N GLY A 221 -19.04 1.36 -24.11
CA GLY A 221 -18.62 0.18 -23.37
C GLY A 221 -17.14 -0.08 -23.51
N VAL A 222 -16.66 -1.06 -22.74
CA VAL A 222 -15.30 -1.57 -22.88
C VAL A 222 -15.38 -3.03 -23.30
N LEU A 223 -14.44 -3.45 -24.15
CA LEU A 223 -14.44 -4.79 -24.72
C LEU A 223 -13.00 -5.26 -24.84
N THR A 224 -12.67 -6.45 -24.35
CA THR A 224 -11.27 -6.83 -24.17
C THR A 224 -11.00 -8.14 -24.92
N PHE A 225 -9.87 -8.20 -25.59
CA PHE A 225 -9.54 -9.33 -26.43
C PHE A 225 -8.13 -9.78 -26.10
N ALA A 226 -7.94 -11.08 -26.04
CA ALA A 226 -6.63 -11.66 -25.81
C ALA A 226 -6.70 -13.15 -26.10
N PRO A 227 -5.62 -13.75 -26.63
CA PRO A 227 -5.64 -15.19 -26.93
C PRO A 227 -5.51 -16.03 -25.68
N ALA A 228 -4.88 -15.47 -24.65
CA ALA A 228 -4.63 -16.16 -23.38
C ALA A 228 -4.97 -15.20 -22.27
N TRP A 229 -5.89 -15.59 -21.38
CA TRP A 229 -6.44 -14.60 -20.47
C TRP A 229 -6.99 -15.30 -19.23
N TRP A 230 -7.16 -14.50 -18.18
CA TRP A 230 -7.86 -14.93 -16.99
C TRP A 230 -9.13 -14.12 -16.86
N PRO A 231 -10.29 -14.76 -16.80
CA PRO A 231 -11.53 -14.04 -16.45
C PRO A 231 -11.56 -13.74 -14.96
N VAL A 232 -12.25 -12.65 -14.61
CA VAL A 232 -12.39 -12.28 -13.21
C VAL A 232 -13.07 -13.43 -12.46
N GLY A 233 -12.36 -13.99 -11.48
CA GLY A 233 -12.81 -15.16 -10.75
C GLY A 233 -12.11 -16.45 -11.11
N HIS A 234 -11.21 -16.44 -12.09
CA HIS A 234 -10.53 -17.66 -12.51
C HIS A 234 -9.02 -17.52 -12.43
N GLU A 235 -8.56 -16.64 -11.54
CA GLU A 235 -7.15 -16.24 -11.51
C GLU A 235 -6.23 -17.43 -11.26
N ASN A 236 -6.60 -18.30 -10.33
CA ASN A 236 -5.76 -19.41 -9.93
C ASN A 236 -5.95 -20.69 -10.78
N GLN A 237 -6.61 -20.59 -11.93
CA GLN A 237 -6.63 -21.67 -12.91
C GLN A 237 -5.75 -21.28 -14.09
N LEU A 238 -5.57 -22.21 -15.02
CA LEU A 238 -4.83 -21.93 -16.24
C LEU A 238 -5.54 -20.88 -17.08
N PRO A 239 -4.81 -20.10 -17.88
CA PRO A 239 -5.43 -19.07 -18.71
C PRO A 239 -5.86 -19.64 -20.05
N GLY A 240 -6.80 -18.95 -20.67
CA GLY A 240 -7.35 -19.43 -21.93
C GLY A 240 -8.01 -18.33 -22.72
N PRO A 241 -8.60 -18.67 -23.85
CA PRO A 241 -9.13 -17.64 -24.77
C PRO A 241 -10.05 -16.68 -24.06
N ALA A 242 -9.97 -15.41 -24.45
CA ALA A 242 -10.88 -14.41 -23.93
C ALA A 242 -12.29 -14.74 -24.38
N SER A 243 -13.24 -14.62 -23.45
CA SER A 243 -14.61 -14.99 -23.75
C SER A 243 -15.15 -14.25 -24.97
N THR A 244 -14.65 -13.03 -25.23
CA THR A 244 -15.15 -12.31 -26.39
C THR A 244 -14.65 -12.91 -27.70
N LEU A 245 -13.68 -13.80 -27.64
CA LEU A 245 -13.05 -14.34 -28.82
C LEU A 245 -13.30 -15.83 -29.00
N LYS A 246 -14.07 -16.48 -28.10
CA LYS A 246 -14.29 -17.93 -28.19
C LYS A 246 -15.16 -18.34 -29.38
N PRO A 247 -16.24 -17.59 -29.70
CA PRO A 247 -17.02 -17.90 -30.91
C PRO A 247 -16.23 -17.61 -32.17
N PRO A 248 -15.94 -18.64 -32.98
CA PRO A 248 -15.03 -18.45 -34.13
C PRO A 248 -15.61 -17.58 -35.25
N LYS A 249 -16.92 -17.34 -35.26
CA LYS A 249 -17.50 -16.39 -36.21
C LYS A 249 -18.25 -15.29 -35.49
N GLY A 250 -17.92 -15.05 -34.22
CA GLY A 250 -18.56 -14.03 -33.44
C GLY A 250 -18.01 -12.64 -33.72
N GLU A 251 -18.59 -11.67 -33.00
CA GLU A 251 -18.16 -10.28 -33.12
C GLU A 251 -16.65 -10.14 -32.95
N GLY A 252 -16.12 -10.71 -31.86
CA GLY A 252 -14.71 -10.59 -31.52
C GLY A 252 -13.76 -10.95 -32.63
N ARG A 253 -13.72 -12.24 -32.99
CA ARG A 253 -12.85 -12.68 -34.07
C ARG A 253 -13.01 -11.77 -35.28
N MET A 254 -14.25 -11.42 -35.60
CA MET A 254 -14.47 -10.62 -36.79
C MET A 254 -13.71 -9.31 -36.67
N PHE A 255 -13.80 -8.70 -35.47
CA PHE A 255 -13.11 -7.45 -35.21
C PHE A 255 -11.62 -7.61 -35.39
N LEU A 256 -11.04 -8.68 -34.79
CA LEU A 256 -9.62 -8.97 -35.02
C LEU A 256 -9.30 -9.18 -36.47
N SER A 257 -10.21 -9.77 -37.21
CA SER A 257 -9.92 -10.01 -38.60
C SER A 257 -9.94 -8.73 -39.39
N ASP A 258 -10.64 -7.72 -38.87
CA ASP A 258 -10.75 -6.49 -39.62
C ASP A 258 -9.56 -5.57 -39.45
N ILE A 259 -8.75 -5.77 -38.42
CA ILE A 259 -7.74 -4.77 -38.05
C ILE A 259 -6.28 -5.21 -38.11
N PRO A 260 -5.87 -6.25 -38.84
CA PRO A 260 -4.45 -6.62 -38.77
C PRO A 260 -3.52 -5.52 -39.25
N ILE A 261 -3.92 -4.72 -40.23
CA ILE A 261 -3.03 -3.65 -40.69
C ILE A 261 -2.76 -2.67 -39.57
N ALA A 262 -3.81 -2.32 -38.81
CA ALA A 262 -3.67 -1.42 -37.66
C ALA A 262 -2.83 -2.06 -36.56
N SER A 263 -3.09 -3.34 -36.25
CA SER A 263 -2.32 -4.03 -35.22
C SER A 263 -0.84 -4.03 -35.55
N ALA A 264 -0.53 -4.42 -36.79
CA ALA A 264 0.84 -4.45 -37.28
C ALA A 264 1.50 -3.09 -37.15
N LEU A 265 0.77 -2.02 -37.46
CA LEU A 265 1.35 -0.70 -37.30
C LEU A 265 1.71 -0.45 -35.83
N VAL A 266 0.78 -0.77 -34.90
CA VAL A 266 1.05 -0.35 -33.52
C VAL A 266 2.20 -1.17 -32.97
N GLY A 267 2.27 -2.45 -33.33
CA GLY A 267 3.40 -3.27 -32.90
C GLY A 267 4.73 -2.77 -33.42
N ALA A 268 4.76 -2.31 -34.70
CA ALA A 268 5.99 -1.73 -35.22
C ALA A 268 6.41 -0.49 -34.44
N ILE A 269 5.46 0.40 -34.15
CA ILE A 269 5.77 1.58 -33.34
C ILE A 269 6.39 1.16 -32.02
N LEU A 270 5.80 0.15 -31.37
CA LEU A 270 6.36 -0.33 -30.12
C LEU A 270 7.80 -0.78 -30.29
N ALA A 271 8.09 -1.49 -31.38
CA ALA A 271 9.47 -1.92 -31.59
C ALA A 271 10.41 -0.71 -31.63
N GLN A 272 9.97 0.38 -32.28
CA GLN A 272 10.85 1.54 -32.38
C GLN A 272 11.10 2.18 -31.01
N ILE A 273 10.20 1.95 -30.04
CA ILE A 273 10.38 2.64 -28.76
C ILE A 273 11.07 1.76 -27.72
N ASN A 274 10.87 0.44 -27.81
CA ASN A 274 11.34 -0.53 -26.82
C ASN A 274 11.45 -1.87 -27.54
N GLN A 275 12.53 -2.03 -28.31
CA GLN A 275 12.75 -3.27 -29.05
C GLN A 275 12.74 -4.49 -28.16
N PRO A 276 13.48 -4.54 -27.05
CA PRO A 276 13.43 -5.76 -26.24
C PRO A 276 12.04 -6.11 -25.79
N LEU A 277 11.18 -5.12 -25.42
CA LEU A 277 9.81 -5.46 -25.02
C LEU A 277 9.02 -6.02 -26.20
N PHE A 278 9.23 -5.49 -27.39
CA PHE A 278 8.57 -6.06 -28.56
C PHE A 278 8.97 -7.53 -28.74
N GLU A 279 10.27 -7.81 -28.67
CA GLU A 279 10.64 -9.17 -28.99
C GLU A 279 10.37 -10.13 -27.84
N SER A 280 10.33 -9.63 -26.60
CA SER A 280 9.84 -10.46 -25.51
C SER A 280 8.39 -10.85 -25.74
N GLY A 281 7.55 -9.87 -26.10
CA GLY A 281 6.15 -10.18 -26.34
C GLY A 281 5.97 -11.21 -27.43
N VAL A 282 6.72 -11.06 -28.52
CA VAL A 282 6.57 -12.00 -29.62
C VAL A 282 7.07 -13.38 -29.20
N LYS A 283 8.17 -13.42 -28.45
CA LYS A 283 8.68 -14.66 -27.89
C LYS A 283 7.61 -15.36 -27.07
N VAL A 284 6.93 -14.60 -26.20
CA VAL A 284 5.85 -15.15 -25.37
C VAL A 284 4.74 -15.73 -26.26
N LEU A 285 4.33 -14.99 -27.29
CA LEU A 285 3.27 -15.53 -28.14
C LEU A 285 3.73 -16.83 -28.83
N ARG A 286 4.98 -16.86 -29.28
CA ARG A 286 5.56 -18.08 -29.84
C ARG A 286 5.41 -19.25 -28.87
N GLU A 287 5.81 -19.03 -27.61
CA GLU A 287 5.76 -20.12 -26.65
C GLU A 287 4.33 -20.54 -26.33
N LEU A 288 3.39 -19.60 -26.30
CA LEU A 288 2.00 -20.00 -26.03
C LEU A 288 1.43 -20.77 -27.20
N TYR A 289 1.84 -20.43 -28.42
CA TYR A 289 1.41 -21.20 -29.57
C TYR A 289 1.92 -22.64 -29.50
N SER A 290 3.23 -22.82 -29.33
CA SER A 290 3.81 -24.15 -29.47
C SER A 290 3.63 -25.04 -28.24
N ASN A 291 3.40 -24.49 -27.06
CA ASN A 291 3.38 -25.27 -25.82
C ASN A 291 1.95 -25.39 -25.28
N SER A 292 1.33 -26.53 -25.56
CA SER A 292 -0.10 -26.73 -25.27
C SER A 292 -0.39 -26.78 -23.77
N LYS A 293 0.58 -27.20 -22.97
CA LYS A 293 0.26 -27.39 -21.56
C LYS A 293 0.13 -26.08 -20.80
N LEU A 294 0.26 -24.92 -21.48
CA LEU A 294 0.25 -23.64 -20.79
C LEU A 294 -1.14 -23.03 -20.69
N THR A 295 -2.12 -23.54 -21.42
CA THR A 295 -3.42 -22.90 -21.50
C THR A 295 -4.54 -23.93 -21.57
N LYS A 296 -5.72 -23.54 -21.08
CA LYS A 296 -6.99 -24.17 -21.44
C LYS A 296 -7.30 -23.94 -22.92
N ASP A 297 -8.11 -24.85 -23.49
CA ASP A 297 -8.71 -24.65 -24.81
C ASP A 297 -7.67 -24.26 -25.86
N HIS A 298 -6.51 -24.96 -25.82
CA HIS A 298 -5.37 -24.56 -26.63
C HIS A 298 -5.66 -24.51 -28.12
N SER A 299 -6.68 -25.22 -28.61
CA SER A 299 -7.03 -25.10 -30.02
C SER A 299 -7.53 -23.69 -30.33
N THR A 300 -8.38 -23.15 -29.46
CA THR A 300 -8.87 -21.79 -29.65
C THR A 300 -7.77 -20.77 -29.42
N VAL A 301 -6.94 -20.98 -28.40
CA VAL A 301 -5.74 -20.17 -28.21
C VAL A 301 -4.93 -20.09 -29.50
N SER A 302 -4.68 -21.24 -30.13
CA SER A 302 -3.85 -21.31 -31.32
C SER A 302 -4.49 -20.56 -32.49
N LYS A 303 -5.78 -20.78 -32.69
CA LYS A 303 -6.47 -20.08 -33.78
C LYS A 303 -6.39 -18.56 -33.57
N ILE A 304 -6.58 -18.11 -32.34
CA ILE A 304 -6.54 -16.67 -32.11
C ILE A 304 -5.13 -16.13 -32.33
N ILE A 305 -4.09 -16.84 -31.86
CA ILE A 305 -2.72 -16.38 -32.07
C ILE A 305 -2.43 -16.27 -33.55
N GLU A 306 -3.00 -17.16 -34.36
CA GLU A 306 -2.76 -17.08 -35.79
C GLU A 306 -3.37 -15.83 -36.44
N ILE A 307 -4.23 -15.07 -35.76
CA ILE A 307 -4.71 -13.82 -36.34
C ILE A 307 -4.40 -12.69 -35.34
N TRP A 308 -3.35 -12.87 -34.56
CA TRP A 308 -2.97 -11.91 -33.52
C TRP A 308 -1.76 -11.14 -34.06
N PHE A 309 -2.03 -10.04 -34.73
CA PHE A 309 -0.97 -9.25 -35.37
C PHE A 309 -0.36 -8.21 -34.41
N SER A 310 -0.02 -8.66 -33.21
CA SER A 310 0.40 -7.69 -32.21
C SER A 310 1.36 -8.38 -31.25
N PRO A 311 2.36 -7.68 -30.76
CA PRO A 311 3.23 -8.28 -29.75
C PRO A 311 2.61 -8.24 -28.36
N PHE A 312 1.49 -7.54 -28.17
CA PHE A 312 0.95 -7.29 -26.84
C PHE A 312 0.20 -8.50 -26.30
N SER A 313 0.05 -8.54 -24.97
CA SER A 313 -0.76 -9.60 -24.37
C SER A 313 -2.20 -9.41 -24.74
N SER A 314 -2.63 -8.15 -24.85
CA SER A 314 -4.05 -7.85 -24.82
C SER A 314 -4.37 -6.57 -25.57
N LEU A 315 -5.62 -6.46 -25.97
CA LEU A 315 -6.13 -5.30 -26.67
C LEU A 315 -7.47 -4.96 -26.06
N SER A 316 -7.72 -3.69 -25.86
CA SER A 316 -8.95 -3.31 -25.20
C SER A 316 -9.53 -2.18 -26.04
N LEU A 317 -10.77 -2.34 -26.45
CA LEU A 317 -11.44 -1.26 -27.18
C LEU A 317 -12.36 -0.56 -26.18
N ILE A 318 -12.19 0.75 -26.02
CA ILE A 318 -12.95 1.54 -25.06
C ILE A 318 -13.71 2.55 -25.86
N VAL A 319 -15.03 2.37 -25.98
CA VAL A 319 -15.85 3.10 -26.92
C VAL A 319 -16.73 4.08 -26.14
N ASN A 320 -16.59 5.36 -26.48
CA ASN A 320 -17.46 6.47 -26.06
C ASN A 320 -17.44 6.69 -24.55
N ARG A 321 -16.24 6.66 -23.98
CA ARG A 321 -16.05 6.78 -22.54
C ARG A 321 -14.99 7.83 -22.28
N ALA A 322 -15.25 8.74 -21.33
CA ALA A 322 -14.19 9.61 -20.86
C ALA A 322 -13.40 8.90 -19.77
N THR A 323 -12.19 9.37 -19.51
CA THR A 323 -11.26 8.66 -18.62
C THR A 323 -10.75 9.59 -17.53
N PRO A 324 -11.08 9.33 -16.26
CA PRO A 324 -10.51 10.10 -15.15
C PRO A 324 -8.99 9.99 -15.12
N ILE A 325 -8.33 11.01 -14.57
CA ILE A 325 -6.91 10.91 -14.35
C ILE A 325 -6.65 9.72 -13.45
N HIS A 326 -5.71 8.85 -13.84
CA HIS A 326 -5.51 7.60 -13.10
C HIS A 326 -4.22 6.95 -13.54
N ARG A 327 -3.87 5.89 -12.81
CA ARG A 327 -2.84 4.92 -13.11
C ARG A 327 -3.48 3.55 -13.24
N ASP A 328 -3.07 2.78 -14.25
CA ASP A 328 -3.36 1.36 -14.27
C ASP A 328 -2.62 0.67 -13.13
N THR A 329 -3.23 -0.37 -12.56
CA THR A 329 -2.59 -1.10 -11.47
C THR A 329 -2.50 -2.60 -11.72
N SER A 330 -3.33 -3.15 -12.62
CA SER A 330 -3.04 -4.42 -13.25
C SER A 330 -1.98 -4.22 -14.32
N GLY A 331 -1.18 -5.23 -14.56
CA GLY A 331 -0.11 -5.06 -15.52
C GLY A 331 1.21 -4.73 -14.85
N PRO A 332 2.31 -5.06 -15.52
CA PRO A 332 3.64 -4.86 -14.94
C PRO A 332 3.91 -3.39 -14.69
N ILE A 333 4.54 -3.11 -13.54
CA ILE A 333 4.94 -1.76 -13.16
C ILE A 333 5.86 -1.14 -14.20
N GLU A 334 6.41 -1.95 -15.10
CA GLU A 334 7.35 -1.43 -16.10
C GLU A 334 6.87 -1.68 -17.52
N GLY A 335 5.62 -2.06 -17.72
CA GLY A 335 5.10 -2.28 -19.05
C GLY A 335 4.70 -0.98 -19.72
N MET A 336 4.95 -0.90 -21.01
CA MET A 336 4.54 0.23 -21.82
C MET A 336 3.28 -0.09 -22.62
N ASP A 337 2.22 0.64 -22.35
CA ASP A 337 1.04 0.49 -23.16
C ASP A 337 1.07 1.44 -24.33
N ILE A 338 0.25 1.15 -25.32
CA ILE A 338 0.11 2.05 -26.48
C ILE A 338 -1.37 2.30 -26.71
N LEU A 339 -1.78 3.57 -26.63
CA LEU A 339 -3.15 4.01 -26.87
C LEU A 339 -3.24 4.63 -28.26
N VAL A 340 -4.27 4.24 -29.00
CA VAL A 340 -4.63 4.85 -30.28
C VAL A 340 -6.03 5.43 -30.11
N THR A 341 -6.18 6.73 -30.35
CA THR A 341 -7.52 7.31 -30.23
C THR A 341 -8.12 7.61 -31.60
N GLY A 342 -9.43 7.39 -31.73
CA GLY A 342 -10.09 7.69 -32.97
C GLY A 342 -11.57 8.00 -32.79
N GLY A 343 -12.18 8.46 -33.88
CA GLY A 343 -13.58 8.82 -33.87
C GLY A 343 -13.82 10.05 -34.70
N ASN A 344 -14.84 10.83 -34.40
CA ASN A 344 -14.97 12.09 -35.13
C ASN A 344 -15.31 13.15 -34.10
N TYR A 345 -14.27 13.86 -33.69
CA TYR A 345 -14.30 14.81 -32.59
C TYR A 345 -13.07 15.65 -32.82
N SER A 346 -13.06 16.82 -32.21
CA SER A 346 -12.07 17.83 -32.55
C SER A 346 -11.34 18.39 -31.35
N ASN A 347 -11.78 18.06 -30.14
CA ASN A 347 -11.18 18.76 -29.01
C ASN A 347 -10.61 17.76 -28.01
N GLY A 348 -9.89 16.76 -28.52
CA GLY A 348 -9.31 15.76 -27.65
C GLY A 348 -8.12 16.31 -26.90
N VAL A 349 -7.99 15.87 -25.65
CA VAL A 349 -6.93 16.32 -24.75
C VAL A 349 -6.59 15.17 -23.84
N LEU A 350 -5.31 14.84 -23.74
CA LEU A 350 -4.83 13.88 -22.76
C LEU A 350 -4.08 14.67 -21.70
N VAL A 351 -4.38 14.41 -20.45
CA VAL A 351 -3.87 15.19 -19.32
C VAL A 351 -2.86 14.35 -18.55
N THR A 352 -1.62 14.85 -18.42
CA THR A 352 -0.63 14.22 -17.54
C THR A 352 -0.20 15.22 -16.47
N PRO A 353 -0.77 15.13 -15.27
CA PRO A 353 -0.42 16.08 -14.20
C PRO A 353 1.05 16.00 -13.78
N SER A 354 1.62 14.82 -13.59
CA SER A 354 3.03 14.76 -13.18
C SER A 354 3.97 15.52 -14.11
N PHE A 355 3.65 15.62 -15.40
CA PHE A 355 4.53 16.27 -16.34
C PHE A 355 4.14 17.71 -16.57
N ASN A 356 3.17 18.21 -15.82
CA ASN A 356 2.67 19.55 -16.00
C ASN A 356 2.30 19.77 -17.47
N ARG A 357 1.53 18.82 -18.02
CA ARG A 357 1.25 18.92 -19.44
C ARG A 357 -0.15 18.44 -19.80
N ARG A 358 -0.69 19.06 -20.83
CA ARG A 358 -1.79 18.53 -21.61
C ARG A 358 -1.29 18.28 -23.04
N TRP A 359 -1.86 17.29 -23.71
CA TRP A 359 -1.44 16.90 -25.06
C TRP A 359 -2.67 16.83 -25.94
N THR A 360 -2.67 17.60 -27.03
CA THR A 360 -3.71 17.45 -28.05
C THR A 360 -3.89 16.00 -28.45
N TYR A 361 -5.13 15.53 -28.50
CA TYR A 361 -5.43 14.10 -28.51
C TYR A 361 -6.60 13.78 -29.46
N ASN A 362 -6.40 14.01 -30.75
CA ASN A 362 -7.41 13.92 -31.80
C ASN A 362 -7.24 12.65 -32.63
N PRO A 363 -8.21 12.30 -33.47
CA PRO A 363 -8.18 10.97 -34.09
C PRO A 363 -6.87 10.69 -34.81
N GLY A 364 -6.34 9.49 -34.62
CA GLY A 364 -5.07 9.16 -35.21
C GLY A 364 -3.88 9.47 -34.34
N CYS A 365 -4.11 9.91 -33.11
CA CYS A 365 -3.03 10.15 -32.18
C CYS A 365 -2.67 8.85 -31.48
N VAL A 366 -1.36 8.66 -31.27
CA VAL A 366 -0.83 7.52 -30.54
C VAL A 366 -0.06 8.04 -29.34
N VAL A 367 -0.19 7.35 -28.21
CA VAL A 367 0.55 7.66 -26.99
C VAL A 367 1.07 6.35 -26.45
N ALA A 368 2.39 6.27 -26.28
CA ALA A 368 2.97 5.15 -25.54
C ALA A 368 3.39 5.61 -24.14
N LEU A 369 3.09 4.80 -23.12
CA LEU A 369 3.38 5.32 -21.78
C LEU A 369 3.51 4.19 -20.78
N LEU A 370 4.35 4.44 -19.78
CA LEU A 370 4.41 3.54 -18.63
C LEU A 370 3.15 3.80 -17.80
N GLY A 371 2.06 3.14 -18.16
CA GLY A 371 0.76 3.53 -17.65
C GLY A 371 0.44 3.09 -16.24
N LYS A 372 1.27 2.25 -15.66
CA LYS A 372 1.17 1.98 -14.24
C LYS A 372 2.00 2.96 -13.42
N LEU A 373 2.59 3.93 -14.08
CA LEU A 373 3.41 4.95 -13.47
C LEU A 373 2.91 6.35 -13.77
N VAL A 374 2.42 6.60 -14.99
CA VAL A 374 2.13 7.95 -15.46
C VAL A 374 0.65 8.23 -15.28
N LEU A 375 0.33 9.19 -14.42
CA LEU A 375 -1.07 9.60 -14.29
C LEU A 375 -1.53 10.17 -15.60
N HIS A 376 -2.62 9.64 -16.13
CA HIS A 376 -3.16 10.16 -17.38
C HIS A 376 -4.68 10.08 -17.33
N GLY A 377 -5.32 11.08 -17.93
CA GLY A 377 -6.76 11.08 -18.06
C GLY A 377 -7.14 11.81 -19.32
N VAL A 378 -8.36 11.57 -19.78
CA VAL A 378 -8.84 12.21 -21.01
C VAL A 378 -10.31 12.63 -20.90
N PRO A 379 -10.57 13.93 -20.97
CA PRO A 379 -11.94 14.45 -20.72
C PRO A 379 -12.94 14.15 -21.85
N GLU A 380 -14.22 14.42 -21.56
CA GLU A 380 -15.30 14.28 -22.53
C GLU A 380 -14.97 15.09 -23.78
N VAL A 381 -15.38 14.59 -24.94
CA VAL A 381 -15.11 15.27 -26.20
C VAL A 381 -16.43 15.58 -26.90
N ASP A 382 -16.34 16.36 -27.98
CA ASP A 382 -17.51 16.81 -28.75
C ASP A 382 -17.91 15.83 -29.86
N GLY A 383 -17.87 14.52 -29.65
CA GLY A 383 -18.21 13.60 -30.72
C GLY A 383 -18.10 12.17 -30.24
N GLU A 384 -18.30 11.26 -31.18
CA GLU A 384 -17.98 9.87 -30.91
C GLU A 384 -16.47 9.72 -30.78
N ARG A 385 -16.06 8.82 -29.90
CA ARG A 385 -14.65 8.52 -29.70
C ARG A 385 -14.48 7.08 -29.23
N TYR A 386 -13.46 6.42 -29.72
CA TYR A 386 -13.04 5.15 -29.18
C TYR A 386 -11.52 5.22 -28.98
N CYS A 387 -11.03 4.31 -28.15
CA CYS A 387 -9.62 4.21 -27.87
C CYS A 387 -9.25 2.75 -27.94
N MET A 388 -8.17 2.42 -28.63
CA MET A 388 -7.62 1.08 -28.58
C MET A 388 -6.40 1.10 -27.67
N ALA A 389 -6.46 0.28 -26.65
CA ALA A 389 -5.46 0.25 -25.61
C ALA A 389 -4.76 -1.10 -25.71
N HIS A 390 -3.46 -1.09 -26.05
CA HIS A 390 -2.66 -2.31 -26.11
C HIS A 390 -1.82 -2.43 -24.85
N PHE A 391 -1.89 -3.59 -24.19
CA PHE A 391 -1.27 -3.72 -22.87
C PHE A 391 -0.84 -5.18 -22.59
N TRP A 392 -0.39 -5.40 -21.34
CA TRP A 392 0.44 -6.55 -20.97
C TRP A 392 -0.12 -7.28 -19.76
N ARG A 393 0.04 -8.61 -19.74
CA ARG A 393 -0.13 -9.43 -18.54
C ARG A 393 1.16 -10.18 -18.21
N GLU A 394 1.86 -9.72 -17.16
CA GLU A 394 3.16 -10.29 -16.79
C GLU A 394 3.07 -11.78 -16.50
N ARG A 395 1.95 -12.25 -15.96
CA ARG A 395 1.79 -13.68 -15.68
C ARG A 395 1.98 -14.53 -16.93
N LEU A 396 1.63 -14.01 -18.12
CA LEU A 396 1.87 -14.77 -19.35
C LEU A 396 3.36 -14.87 -19.64
N PHE A 397 4.12 -13.81 -19.37
CA PHE A 397 5.58 -13.89 -19.41
C PHE A 397 6.10 -14.95 -18.46
N ASP A 398 5.65 -14.90 -17.20
CA ASP A 398 6.03 -15.92 -16.23
C ASP A 398 5.77 -17.32 -16.76
N ALA A 399 4.56 -17.54 -17.29
CA ALA A 399 4.16 -18.85 -17.75
C ALA A 399 4.96 -19.30 -18.96
N ALA A 400 5.49 -18.37 -19.73
CA ALA A 400 6.21 -18.72 -20.95
C ALA A 400 7.72 -18.72 -20.76
N GLY A 401 8.18 -18.44 -19.55
CA GLY A 401 9.60 -18.51 -19.29
C GLY A 401 10.38 -17.31 -19.77
N VAL A 402 9.73 -16.19 -20.03
CA VAL A 402 10.37 -14.98 -20.53
C VAL A 402 10.36 -13.92 -19.44
N PRO A 403 11.52 -13.47 -18.97
CA PRO A 403 11.54 -12.31 -18.07
C PRO A 403 10.95 -11.09 -18.74
N PHE A 404 10.29 -10.26 -17.96
CA PHE A 404 9.78 -9.00 -18.49
C PHE A 404 10.89 -7.97 -18.46
N PRO A 405 11.18 -7.31 -19.58
CA PRO A 405 12.35 -6.43 -19.65
C PRO A 405 12.08 -5.09 -19.01
N TYR A 406 13.15 -4.43 -18.67
CA TYR A 406 13.00 -3.13 -18.04
C TYR A 406 12.95 -2.04 -19.12
N PRO A 407 12.20 -0.96 -18.87
CA PRO A 407 12.04 0.07 -19.90
C PRO A 407 13.30 0.51 -20.61
N SER A 408 13.19 0.59 -21.91
CA SER A 408 14.30 0.97 -22.78
C SER A 408 14.75 2.42 -22.56
N LYS A 409 16.01 2.69 -22.84
CA LYS A 409 16.50 4.07 -22.84
C LYS A 409 16.37 4.63 -24.25
N TRP A 410 16.29 5.96 -24.34
CA TRP A 410 16.00 6.52 -25.65
C TRP A 410 17.17 6.31 -26.62
N GLN A 411 18.40 6.26 -26.11
CA GLN A 411 19.55 6.03 -26.98
C GLN A 411 19.49 4.70 -27.71
N GLU A 412 18.74 3.73 -27.19
CA GLU A 412 18.64 2.46 -27.89
C GLU A 412 18.12 2.64 -29.31
N SER A 413 17.37 3.71 -29.55
CA SER A 413 16.90 4.00 -30.90
C SER A 413 18.04 4.22 -31.90
N TYR A 414 19.22 4.62 -31.43
CA TYR A 414 20.34 5.00 -32.29
C TYR A 414 21.45 3.98 -32.38
N THR A 415 21.28 2.81 -31.76
CA THR A 415 22.33 1.78 -31.75
C THR A 415 22.12 0.81 -32.92
N ASN A 416 22.61 1.23 -34.09
CA ASN A 416 22.41 0.46 -35.33
C ASN A 416 23.56 -0.51 -35.57
N GLU B 15 -24.07 36.52 2.84
CA GLU B 15 -25.53 36.38 2.54
C GLU B 15 -26.23 35.43 3.51
N THR B 16 -25.54 34.56 4.25
CA THR B 16 -26.22 33.60 5.20
C THR B 16 -27.39 32.89 4.54
N LEU B 17 -27.03 31.94 3.71
CA LEU B 17 -27.88 31.25 2.74
C LEU B 17 -29.21 30.85 3.35
N PRO B 18 -30.29 31.38 2.81
CA PRO B 18 -31.59 30.98 3.15
C PRO B 18 -31.82 29.50 2.84
N SER B 19 -31.32 28.98 1.74
CA SER B 19 -31.54 27.56 1.39
C SER B 19 -30.99 26.66 2.46
N LEU B 20 -29.84 26.96 3.00
CA LEU B 20 -29.30 26.14 4.10
C LEU B 20 -30.15 26.29 5.35
N LEU B 21 -30.61 27.47 5.66
CA LEU B 21 -31.47 27.70 6.82
C LEU B 21 -32.79 26.94 6.65
N LEU B 22 -33.34 26.88 5.46
CA LEU B 22 -34.59 26.16 5.28
C LEU B 22 -34.40 24.68 5.54
N ILE B 23 -33.31 24.11 5.02
CA ILE B 23 -33.19 22.66 5.24
C ILE B 23 -32.84 22.35 6.70
N ASP B 24 -32.12 23.24 7.40
CA ASP B 24 -31.91 23.03 8.83
C ASP B 24 -33.26 23.04 9.56
N GLU B 25 -34.15 23.96 9.17
CA GLU B 25 -35.44 24.02 9.84
C GLU B 25 -36.25 22.78 9.55
N ALA B 26 -36.23 22.31 8.30
CA ALA B 26 -37.01 21.14 7.94
C ALA B 26 -36.51 19.91 8.67
N ALA B 27 -35.20 19.80 8.86
CA ALA B 27 -34.67 18.71 9.66
C ALA B 27 -35.17 18.79 11.11
N ALA B 28 -35.10 19.99 11.70
CA ALA B 28 -35.51 20.15 13.09
C ALA B 28 -36.98 19.79 13.28
N VAL B 29 -37.85 20.31 12.40
CA VAL B 29 -39.28 20.03 12.50
C VAL B 29 -39.54 18.53 12.39
N LEU B 30 -38.91 17.87 11.41
CA LEU B 30 -39.17 16.44 11.24
C LEU B 30 -38.71 15.62 12.45
N GLY B 31 -37.53 15.96 13.00
CA GLY B 31 -37.14 15.37 14.27
C GLY B 31 -38.18 15.55 15.37
N ARG B 32 -38.78 16.75 15.44
CA ARG B 32 -39.83 17.00 16.43
C ARG B 32 -41.05 16.12 16.19
N MET B 33 -41.52 16.05 14.94
CA MET B 33 -42.67 15.22 14.63
C MET B 33 -42.44 13.78 15.05
N ILE B 34 -41.26 13.24 14.74
CA ILE B 34 -41.03 11.83 15.09
C ILE B 34 -41.03 11.64 16.60
N GLN B 35 -40.35 12.55 17.33
CA GLN B 35 -40.45 12.48 18.78
C GLN B 35 -41.89 12.49 19.24
N GLY B 36 -42.70 13.39 18.70
CA GLY B 36 -44.12 13.40 19.01
C GLY B 36 -44.78 12.04 18.85
N LEU B 37 -44.57 11.39 17.69
CA LEU B 37 -45.11 10.04 17.47
C LEU B 37 -44.60 9.04 18.50
N ARG B 38 -43.38 9.22 18.99
CA ARG B 38 -42.84 8.22 19.91
C ARG B 38 -43.30 8.46 21.36
N THR B 39 -43.43 9.71 21.78
CA THR B 39 -43.75 9.97 23.17
C THR B 39 -45.24 9.91 23.47
N GLY B 40 -46.09 9.97 22.45
CA GLY B 40 -47.52 10.10 22.65
C GLY B 40 -48.05 11.52 22.60
N ILE B 41 -47.21 12.56 22.67
CA ILE B 41 -47.68 13.95 22.63
C ILE B 41 -47.51 14.45 21.20
N PRO B 42 -48.60 14.68 20.46
CA PRO B 42 -48.45 15.18 19.08
C PRO B 42 -47.69 16.49 19.05
N TYR B 43 -46.80 16.62 18.08
CA TYR B 43 -46.09 17.88 17.88
C TYR B 43 -46.97 18.80 17.05
N ILE B 44 -47.26 19.98 17.60
CA ILE B 44 -47.94 21.03 16.85
C ILE B 44 -46.92 22.08 16.48
N HIS B 45 -46.75 22.32 15.20
CA HIS B 45 -45.79 23.32 14.78
C HIS B 45 -46.40 24.70 14.98
N THR B 46 -45.90 25.43 15.98
CA THR B 46 -46.26 26.84 16.11
C THR B 46 -45.15 27.83 15.82
N GLU B 47 -43.88 27.41 15.84
CA GLU B 47 -42.81 28.34 15.45
C GLU B 47 -43.11 28.97 14.10
N ASN B 48 -42.73 30.23 13.95
CA ASN B 48 -43.11 31.04 12.80
C ASN B 48 -41.88 31.07 11.89
N ASP B 49 -41.73 30.02 11.10
CA ASP B 49 -40.55 29.75 10.30
C ASP B 49 -40.93 29.38 8.87
N SER B 50 -39.97 28.91 8.07
CA SER B 50 -40.33 28.50 6.72
C SER B 50 -41.20 27.24 6.72
N ILE B 51 -41.14 26.43 7.78
CA ILE B 51 -41.94 25.21 7.81
C ILE B 51 -43.39 25.50 8.19
N LYS B 52 -43.63 26.42 9.13
CA LYS B 52 -45.00 26.90 9.27
C LYS B 52 -45.48 27.60 8.00
N ALA B 53 -44.55 28.11 7.19
CA ALA B 53 -44.93 28.91 6.04
C ALA B 53 -45.36 28.04 4.88
N ASN B 54 -44.59 26.97 4.56
CA ASN B 54 -44.82 26.09 3.39
C ASN B 54 -45.61 24.84 3.79
N PRO B 55 -46.95 24.90 3.86
CA PRO B 55 -47.68 23.74 4.37
C PRO B 55 -47.56 22.49 3.47
N ILE B 56 -47.23 22.63 2.18
CA ILE B 56 -47.03 21.43 1.37
C ILE B 56 -45.78 20.67 1.83
N LEU B 57 -44.71 21.38 2.15
CA LEU B 57 -43.55 20.73 2.75
C LEU B 57 -43.85 20.17 4.13
N ARG B 58 -44.60 20.90 4.96
CA ARG B 58 -44.95 20.34 6.27
C ARG B 58 -45.73 19.03 6.14
N THR B 59 -46.65 18.96 5.17
CA THR B 59 -47.34 17.69 4.95
C THR B 59 -46.33 16.60 4.62
N ALA B 60 -45.40 16.89 3.70
CA ALA B 60 -44.48 15.82 3.31
C ALA B 60 -43.64 15.38 4.50
N LEU B 61 -43.25 16.34 5.34
CA LEU B 61 -42.51 16.02 6.55
C LEU B 61 -43.32 15.10 7.47
N TRP B 62 -44.62 15.33 7.59
CA TRP B 62 -45.44 14.44 8.41
C TRP B 62 -45.47 13.03 7.83
N GLN B 63 -45.62 12.91 6.52
CA GLN B 63 -45.70 11.57 5.93
C GLN B 63 -44.38 10.83 6.13
N ALA B 64 -43.28 11.54 5.89
CA ALA B 64 -41.96 10.98 6.16
C ALA B 64 -41.84 10.54 7.61
N ALA B 65 -42.33 11.37 8.54
CA ALA B 65 -42.28 11.04 9.97
C ALA B 65 -42.88 9.67 10.22
N TYR B 66 -44.07 9.43 9.68
CA TYR B 66 -44.73 8.15 9.97
C TYR B 66 -43.93 6.98 9.38
N VAL B 67 -43.39 7.16 8.17
CA VAL B 67 -42.63 6.07 7.56
C VAL B 67 -41.33 5.81 8.31
N LEU B 68 -40.62 6.88 8.71
CA LEU B 68 -39.37 6.73 9.44
C LEU B 68 -39.58 6.07 10.80
N GLU B 69 -40.68 6.43 11.47
CA GLU B 69 -40.98 5.86 12.77
C GLU B 69 -41.22 4.36 12.65
N LYS B 70 -42.02 3.93 11.67
CA LYS B 70 -42.11 2.50 11.44
C LYS B 70 -40.76 1.88 11.08
N ALA B 71 -39.95 2.53 10.23
CA ALA B 71 -38.72 1.86 9.81
C ALA B 71 -37.81 1.59 11.01
N TYR B 72 -37.72 2.54 11.94
CA TYR B 72 -36.81 2.34 13.07
C TYR B 72 -37.26 1.23 14.01
N ARG B 73 -38.50 0.77 13.92
CA ARG B 73 -39.04 -0.26 14.79
C ARG B 73 -38.98 -1.63 14.15
N ARG B 74 -38.33 -1.76 13.00
CA ARG B 74 -38.29 -3.01 12.26
C ARG B 74 -36.85 -3.22 11.78
N ARG B 75 -35.99 -3.66 12.69
CA ARG B 75 -34.56 -3.76 12.43
C ARG B 75 -34.17 -5.21 12.20
N TYR B 76 -33.45 -5.46 11.11
CA TYR B 76 -32.74 -6.71 10.88
C TYR B 76 -31.25 -6.50 11.11
N ARG B 77 -30.60 -7.50 11.71
CA ARG B 77 -29.17 -7.45 12.05
C ARG B 77 -28.41 -8.48 11.23
N VAL B 78 -27.33 -8.04 10.57
CA VAL B 78 -26.39 -8.97 9.95
C VAL B 78 -25.31 -9.29 10.97
N PRO B 79 -24.71 -10.50 10.91
CA PRO B 79 -23.79 -10.92 11.98
C PRO B 79 -22.36 -10.43 11.84
N TRP B 80 -22.13 -9.35 11.10
CA TRP B 80 -20.79 -8.83 10.91
C TRP B 80 -20.83 -7.32 11.07
N THR B 81 -19.67 -6.68 11.05
CA THR B 81 -19.61 -5.23 11.16
C THR B 81 -19.31 -4.65 9.80
N ALA B 82 -19.81 -3.45 9.56
CA ALA B 82 -19.49 -2.76 8.32
C ALA B 82 -18.00 -2.53 8.21
N ARG B 83 -17.38 -2.09 9.31
CA ARG B 83 -15.93 -1.88 9.36
C ARG B 83 -15.17 -3.08 8.81
N ARG B 84 -15.57 -4.29 9.19
CA ARG B 84 -14.83 -5.45 8.71
C ARG B 84 -15.15 -5.76 7.26
N TYR B 85 -16.41 -5.78 6.90
CA TYR B 85 -16.83 -6.02 5.51
C TYR B 85 -16.11 -5.05 4.58
N MET B 86 -15.97 -3.83 5.02
CA MET B 86 -15.35 -2.85 4.15
C MET B 86 -13.88 -3.13 3.98
N ARG B 87 -13.19 -3.51 5.04
CA ARG B 87 -11.73 -3.78 5.04
C ARG B 87 -11.41 -4.91 4.12
N GLU B 88 -12.26 -5.88 4.04
CA GLU B 88 -12.13 -7.03 3.16
C GLU B 88 -12.69 -6.77 1.76
N LEU B 89 -12.49 -5.61 1.16
CA LEU B 89 -13.04 -5.33 -0.19
C LEU B 89 -11.92 -4.70 -1.01
N THR B 90 -11.78 -5.05 -2.28
CA THR B 90 -10.80 -4.44 -3.16
C THR B 90 -11.19 -2.98 -3.41
N PRO B 91 -10.19 -2.06 -3.54
CA PRO B 91 -10.49 -0.66 -3.84
C PRO B 91 -11.63 -0.44 -4.83
N ARG B 92 -11.56 -1.11 -5.99
CA ARG B 92 -12.62 -1.04 -6.99
C ARG B 92 -13.17 -2.45 -7.18
N GLN B 93 -14.32 -2.72 -6.56
CA GLN B 93 -15.01 -4.02 -6.60
C GLN B 93 -16.50 -3.73 -6.84
N ASP B 94 -16.83 -3.28 -8.06
CA ASP B 94 -18.16 -2.75 -8.33
C ASP B 94 -19.26 -3.82 -8.30
N GLY B 95 -18.94 -5.09 -8.09
CA GLY B 95 -19.94 -6.11 -7.83
C GLY B 95 -20.08 -7.20 -8.86
N ARG B 96 -19.47 -7.09 -10.04
CA ARG B 96 -19.73 -8.03 -11.12
C ARG B 96 -18.68 -9.13 -11.27
N ASN B 97 -17.71 -9.21 -10.37
CA ASN B 97 -16.83 -10.38 -10.28
C ASN B 97 -17.50 -11.43 -9.39
N ALA B 98 -18.07 -12.47 -10.01
CA ALA B 98 -18.97 -13.37 -9.28
C ALA B 98 -18.26 -14.17 -8.20
N ASN B 99 -16.97 -14.45 -8.38
CA ASN B 99 -16.29 -15.34 -7.44
C ASN B 99 -15.92 -14.62 -6.15
N ARG B 100 -15.36 -13.40 -6.25
CA ARG B 100 -15.11 -12.61 -5.06
C ARG B 100 -16.40 -12.32 -4.31
N GLU B 101 -17.53 -12.24 -5.04
CA GLU B 101 -18.80 -12.03 -4.35
C GLU B 101 -19.29 -13.28 -3.67
N ALA B 102 -19.10 -14.47 -4.28
CA ALA B 102 -19.45 -15.71 -3.59
C ALA B 102 -18.58 -15.93 -2.37
N VAL B 103 -17.32 -15.47 -2.42
CA VAL B 103 -16.47 -15.54 -1.23
C VAL B 103 -16.95 -14.56 -0.16
N MET B 104 -17.37 -13.35 -0.58
CA MET B 104 -18.04 -12.41 0.34
C MET B 104 -19.25 -13.06 0.99
N ALA B 105 -20.14 -13.63 0.17
CA ALA B 105 -21.35 -14.27 0.66
C ALA B 105 -21.06 -15.39 1.63
N LYS B 106 -19.96 -16.11 1.43
CA LYS B 106 -19.48 -17.08 2.41
C LYS B 106 -19.04 -16.39 3.70
N GLU B 107 -18.11 -15.44 3.59
CA GLU B 107 -17.50 -14.84 4.77
C GLU B 107 -18.48 -14.02 5.58
N PHE B 108 -19.42 -13.35 4.90
CA PHE B 108 -20.34 -12.40 5.51
C PHE B 108 -21.73 -12.78 5.04
N PRO B 109 -22.31 -13.83 5.60
CA PRO B 109 -23.64 -14.26 5.17
C PRO B 109 -24.71 -13.34 5.71
N PRO B 110 -25.95 -13.45 5.19
CA PRO B 110 -27.03 -12.57 5.67
C PRO B 110 -27.33 -12.72 7.16
N GLY B 111 -27.21 -13.91 7.72
CA GLY B 111 -27.45 -14.12 9.14
C GLY B 111 -28.81 -14.75 9.41
N ALA B 112 -28.96 -15.21 10.65
CA ALA B 112 -30.18 -15.93 11.02
C ALA B 112 -31.42 -15.08 10.84
N GLU B 113 -31.32 -13.77 11.12
CA GLU B 113 -32.49 -12.92 11.02
C GLU B 113 -32.94 -12.71 9.58
N LEU B 114 -32.11 -13.04 8.61
CA LEU B 114 -32.46 -12.90 7.21
C LEU B 114 -32.30 -14.17 6.39
N ASN B 115 -31.59 -15.20 6.91
CA ASN B 115 -31.18 -16.40 6.16
C ASN B 115 -32.37 -17.30 5.83
N SER B 116 -33.50 -16.67 5.54
CA SER B 116 -34.78 -17.32 5.34
C SER B 116 -34.90 -17.84 3.92
N ASP B 117 -33.85 -18.53 3.43
CA ASP B 117 -33.62 -18.68 1.99
C ASP B 117 -34.88 -19.11 1.25
N HIS B 118 -35.07 -18.51 0.05
CA HIS B 118 -36.33 -18.29 -0.63
C HIS B 118 -37.15 -17.26 0.15
N PRO B 119 -36.71 -15.99 0.16
CA PRO B 119 -37.40 -14.96 0.95
C PRO B 119 -38.57 -14.34 0.19
N VAL B 120 -39.39 -13.59 0.94
CA VAL B 120 -40.48 -12.81 0.35
C VAL B 120 -39.99 -11.40 0.03
N GLN B 121 -40.68 -10.73 -0.91
CA GLN B 121 -40.42 -9.32 -1.16
C GLN B 121 -40.95 -8.47 -0.01
N GLU B 122 -40.14 -7.50 0.43
CA GLU B 122 -40.50 -6.64 1.55
C GLU B 122 -41.40 -5.47 1.13
N ILE B 123 -42.38 -5.16 1.98
CA ILE B 123 -43.26 -4.02 1.76
C ILE B 123 -43.28 -3.06 2.94
N LEU B 124 -42.97 -3.46 4.11
CA LEU B 124 -43.05 -2.59 5.26
C LEU B 124 -41.73 -1.85 5.44
N PRO B 125 -41.77 -0.61 5.93
CA PRO B 125 -40.53 0.12 6.19
C PRO B 125 -39.64 -0.68 7.13
N ALA B 126 -38.32 -0.60 6.91
CA ALA B 126 -37.43 -1.43 7.72
C ALA B 126 -36.03 -0.87 7.64
N MET B 127 -35.13 -1.48 8.41
CA MET B 127 -33.75 -1.09 8.29
C MET B 127 -32.87 -2.27 8.65
N ILE B 128 -31.68 -2.27 8.09
CA ILE B 128 -30.71 -3.33 8.30
C ILE B 128 -29.52 -2.67 8.95
N ILE B 129 -29.09 -3.24 10.08
CA ILE B 129 -28.01 -2.74 10.92
C ILE B 129 -26.92 -3.80 11.00
N ASP B 130 -25.69 -3.34 11.16
CA ASP B 130 -24.58 -4.28 11.34
C ASP B 130 -24.50 -4.74 12.79
N ALA B 131 -23.65 -5.75 13.03
CA ALA B 131 -23.49 -6.32 14.36
C ALA B 131 -23.09 -5.30 15.41
N GLU B 132 -22.76 -4.07 15.02
CA GLU B 132 -22.41 -3.00 15.96
C GLU B 132 -23.35 -1.82 15.83
N ASP B 133 -24.57 -2.07 15.34
CA ASP B 133 -25.75 -1.20 15.32
C ASP B 133 -25.67 -0.07 14.31
N HIS B 134 -24.66 -0.04 13.45
CA HIS B 134 -24.63 0.95 12.38
C HIS B 134 -25.70 0.65 11.35
N ILE B 135 -26.44 1.68 10.94
CA ILE B 135 -27.44 1.49 9.88
C ILE B 135 -26.71 1.27 8.57
N LEU B 136 -26.98 0.14 7.93
CA LEU B 136 -26.47 -0.07 6.59
C LEU B 136 -27.49 0.30 5.54
N PHE B 137 -28.78 0.11 5.84
CA PHE B 137 -29.78 0.24 4.79
C PHE B 137 -31.15 0.56 5.40
N CYS B 138 -31.82 1.57 4.88
CA CYS B 138 -33.09 2.02 5.41
C CYS B 138 -34.11 2.09 4.29
N TYR B 139 -35.16 1.29 4.39
CA TYR B 139 -36.19 1.17 3.37
C TYR B 139 -37.41 1.96 3.83
N LEU B 140 -37.83 2.93 3.01
CA LEU B 140 -38.84 3.90 3.37
C LEU B 140 -39.85 3.97 2.22
N PRO B 141 -40.70 2.97 2.07
CA PRO B 141 -41.67 2.97 0.96
C PRO B 141 -42.79 3.99 1.15
N SER B 142 -43.37 4.41 0.02
CA SER B 142 -44.38 5.50 -0.01
C SER B 142 -44.01 6.65 0.93
N CYS B 143 -42.75 7.07 0.83
CA CYS B 143 -42.23 8.11 1.72
C CYS B 143 -42.48 9.53 1.24
N VAL B 144 -42.57 9.77 -0.08
CA VAL B 144 -42.70 11.12 -0.61
C VAL B 144 -44.17 11.38 -0.90
N SER B 145 -44.66 12.53 -0.46
CA SER B 145 -46.06 12.78 -0.61
C SER B 145 -46.42 12.84 -2.10
N PRO B 146 -47.69 12.58 -2.42
CA PRO B 146 -48.12 12.68 -3.83
C PRO B 146 -47.98 14.07 -4.41
N ALA B 147 -48.16 15.09 -3.60
CA ALA B 147 -47.96 16.45 -4.09
C ALA B 147 -46.52 16.67 -4.52
N ILE B 148 -45.57 16.16 -3.73
CA ILE B 148 -44.19 16.35 -4.12
C ILE B 148 -43.81 15.44 -5.28
N MET B 149 -44.36 14.21 -5.35
CA MET B 149 -44.06 13.44 -6.54
C MET B 149 -44.59 14.12 -7.78
N THR B 150 -45.69 14.89 -7.67
CA THR B 150 -46.18 15.58 -8.84
C THR B 150 -45.24 16.71 -9.25
N ILE B 151 -44.71 17.43 -8.25
CA ILE B 151 -43.68 18.43 -8.52
C ILE B 151 -42.49 17.80 -9.24
N ILE B 152 -41.95 16.70 -8.70
CA ILE B 152 -40.76 16.08 -9.29
C ILE B 152 -41.06 15.53 -10.68
N ASP B 153 -42.21 14.86 -10.86
CA ASP B 153 -42.56 14.37 -12.19
C ASP B 153 -42.58 15.52 -13.18
N ALA B 154 -43.10 16.68 -12.79
CA ALA B 154 -43.13 17.77 -13.75
C ALA B 154 -41.73 18.28 -14.04
N ALA B 155 -40.89 18.42 -13.02
CA ALA B 155 -39.54 18.94 -13.25
C ALA B 155 -38.74 17.99 -14.15
N VAL B 156 -38.75 16.70 -13.83
CA VAL B 156 -38.09 15.71 -14.66
C VAL B 156 -38.69 15.69 -16.06
N GLY B 157 -40.01 15.78 -16.15
CA GLY B 157 -40.64 15.80 -17.47
C GLY B 157 -40.15 16.94 -18.35
N THR B 158 -40.22 18.18 -17.85
CA THR B 158 -39.81 19.28 -18.70
C THR B 158 -38.32 19.19 -19.01
N LEU B 159 -37.50 18.75 -18.05
CA LEU B 159 -36.08 18.58 -18.33
C LEU B 159 -35.83 17.52 -19.40
N ALA B 160 -36.50 16.37 -19.28
CA ALA B 160 -36.23 15.24 -20.15
C ALA B 160 -36.64 15.54 -21.58
N THR B 161 -37.67 16.36 -21.77
CA THR B 161 -38.10 16.77 -23.10
C THR B 161 -37.76 18.25 -23.30
N MET B 218 -39.45 10.14 -22.33
CA MET B 218 -38.25 10.80 -21.80
C MET B 218 -36.95 10.12 -22.24
N THR B 219 -36.02 10.91 -22.75
CA THR B 219 -34.74 10.42 -23.24
C THR B 219 -34.01 9.65 -22.14
N PRO B 220 -33.62 8.39 -22.33
CA PRO B 220 -32.84 7.69 -21.29
C PRO B 220 -31.51 8.37 -21.06
N GLY B 221 -30.94 8.16 -19.88
CA GLY B 221 -29.62 8.68 -19.61
C GLY B 221 -29.48 9.09 -18.16
N VAL B 222 -28.30 9.65 -17.87
CA VAL B 222 -27.93 10.08 -16.54
C VAL B 222 -27.48 11.53 -16.61
N LEU B 223 -27.73 12.28 -15.53
CA LEU B 223 -27.44 13.70 -15.61
C LEU B 223 -27.04 14.14 -14.21
N THR B 224 -25.97 14.92 -14.09
CA THR B 224 -25.41 15.10 -12.77
C THR B 224 -25.24 16.57 -12.43
N PHE B 225 -25.71 16.94 -11.24
CA PHE B 225 -25.73 18.32 -10.79
C PHE B 225 -25.01 18.43 -9.46
N ALA B 226 -24.21 19.50 -9.32
CA ALA B 226 -23.46 19.78 -8.11
C ALA B 226 -22.91 21.21 -8.15
N PRO B 227 -22.78 21.87 -7.03
CA PRO B 227 -22.25 23.22 -7.08
C PRO B 227 -20.74 23.22 -7.23
N ALA B 228 -20.08 22.18 -6.71
CA ALA B 228 -18.62 22.06 -6.79
C ALA B 228 -18.25 20.66 -7.28
N TRP B 229 -17.54 20.58 -8.41
CA TRP B 229 -17.41 19.31 -9.11
C TRP B 229 -16.14 19.29 -9.95
N TRP B 230 -15.55 18.13 -10.08
CA TRP B 230 -14.50 17.93 -11.07
C TRP B 230 -15.07 17.25 -12.31
N PRO B 231 -14.88 17.80 -13.51
CA PRO B 231 -15.20 17.04 -14.71
C PRO B 231 -14.26 15.85 -14.81
N VAL B 232 -14.78 14.77 -15.40
CA VAL B 232 -13.95 13.60 -15.69
C VAL B 232 -12.75 14.03 -16.52
N GLY B 233 -11.56 13.65 -16.06
CA GLY B 233 -10.30 14.03 -16.70
C GLY B 233 -9.66 15.31 -16.19
N HIS B 234 -10.30 16.03 -15.27
CA HIS B 234 -9.74 17.26 -14.74
C HIS B 234 -9.56 17.19 -13.24
N GLU B 235 -9.43 15.99 -12.69
CA GLU B 235 -9.36 15.84 -11.25
C GLU B 235 -8.14 16.55 -10.65
N ASN B 236 -7.11 16.83 -11.45
CA ASN B 236 -5.95 17.57 -10.96
C ASN B 236 -6.25 19.04 -10.84
N GLN B 237 -7.45 19.44 -11.16
CA GLN B 237 -7.83 20.83 -11.04
C GLN B 237 -8.69 21.07 -9.81
N LEU B 238 -8.92 22.33 -9.61
CA LEU B 238 -9.66 22.79 -8.47
C LEU B 238 -11.16 22.66 -8.81
N PRO B 239 -12.02 22.31 -7.85
CA PRO B 239 -13.43 22.02 -8.20
C PRO B 239 -14.14 23.24 -8.75
N GLY B 240 -15.15 22.99 -9.60
CA GLY B 240 -15.93 24.05 -10.21
C GLY B 240 -17.39 23.70 -10.40
N PRO B 241 -18.16 24.65 -10.94
CA PRO B 241 -19.58 24.37 -11.22
C PRO B 241 -19.75 23.19 -12.14
N ALA B 242 -20.61 22.26 -11.76
CA ALA B 242 -20.96 21.22 -12.70
C ALA B 242 -21.42 21.88 -13.98
N SER B 243 -20.99 21.33 -15.12
CA SER B 243 -21.32 21.97 -16.39
C SER B 243 -22.80 21.92 -16.68
N THR B 244 -23.51 20.95 -16.14
CA THR B 244 -24.97 20.97 -16.27
C THR B 244 -25.57 22.23 -15.67
N LEU B 245 -24.87 22.89 -14.73
CA LEU B 245 -25.39 24.07 -14.07
C LEU B 245 -24.78 25.38 -14.52
N LYS B 246 -23.72 25.33 -15.34
CA LYS B 246 -23.05 26.57 -15.74
C LYS B 246 -24.00 27.57 -16.39
N PRO B 247 -24.71 27.25 -17.46
CA PRO B 247 -25.60 28.26 -18.10
C PRO B 247 -26.66 28.73 -17.13
N PRO B 248 -26.69 30.03 -16.82
CA PRO B 248 -27.61 30.51 -15.78
C PRO B 248 -29.07 30.24 -16.10
N LYS B 249 -29.46 30.34 -17.37
CA LYS B 249 -30.82 30.09 -17.80
C LYS B 249 -31.01 28.69 -18.37
N GLY B 250 -30.02 27.81 -18.21
CA GLY B 250 -30.09 26.50 -18.82
C GLY B 250 -31.08 25.57 -18.16
N GLU B 251 -31.18 24.38 -18.75
CA GLU B 251 -32.18 23.35 -18.37
C GLU B 251 -31.93 22.87 -16.95
N GLY B 252 -30.65 22.66 -16.63
CA GLY B 252 -30.31 22.10 -15.32
C GLY B 252 -30.54 23.10 -14.20
N ARG B 253 -30.10 24.34 -14.39
CA ARG B 253 -30.38 25.37 -13.38
C ARG B 253 -31.87 25.47 -13.14
N MET B 254 -32.65 25.34 -14.22
CA MET B 254 -34.10 25.35 -14.08
C MET B 254 -34.60 24.14 -13.31
N PHE B 255 -33.98 22.98 -13.51
CA PHE B 255 -34.45 21.79 -12.80
C PHE B 255 -34.20 21.92 -11.30
N LEU B 256 -32.97 22.28 -10.92
CA LEU B 256 -32.73 22.72 -9.55
C LEU B 256 -33.79 23.68 -9.07
N SER B 257 -34.12 24.70 -9.88
CA SER B 257 -35.13 25.67 -9.45
C SER B 257 -36.47 25.01 -9.20
N ASP B 258 -36.81 23.99 -9.98
CA ASP B 258 -38.12 23.36 -9.82
C ASP B 258 -38.21 22.43 -8.64
N ILE B 259 -37.09 21.90 -8.14
CA ILE B 259 -37.22 20.87 -7.10
C ILE B 259 -36.78 21.21 -5.68
N PRO B 260 -36.73 22.48 -5.24
CA PRO B 260 -36.21 22.74 -3.87
C PRO B 260 -36.97 22.03 -2.76
N ILE B 261 -38.30 21.92 -2.80
CA ILE B 261 -38.91 21.31 -1.61
C ILE B 261 -38.74 19.80 -1.64
N ALA B 262 -38.63 19.19 -2.83
CA ALA B 262 -38.18 17.80 -2.88
C ALA B 262 -36.80 17.68 -2.24
N SER B 263 -35.86 18.52 -2.66
CA SER B 263 -34.50 18.45 -2.11
C SER B 263 -34.51 18.60 -0.59
N ALA B 264 -35.31 19.53 -0.07
CA ALA B 264 -35.33 19.76 1.38
C ALA B 264 -35.95 18.59 2.12
N LEU B 265 -37.00 17.97 1.55
CA LEU B 265 -37.52 16.77 2.18
C LEU B 265 -36.44 15.69 2.29
N VAL B 266 -35.66 15.50 1.23
CA VAL B 266 -34.64 14.46 1.30
C VAL B 266 -33.58 14.85 2.30
N GLY B 267 -33.25 16.14 2.39
CA GLY B 267 -32.28 16.58 3.38
C GLY B 267 -32.73 16.27 4.79
N ALA B 268 -33.99 16.61 5.10
CA ALA B 268 -34.53 16.33 6.44
C ALA B 268 -34.51 14.85 6.74
N ILE B 269 -34.73 14.01 5.71
CA ILE B 269 -34.71 12.58 5.99
C ILE B 269 -33.29 12.14 6.34
N LEU B 270 -32.30 12.65 5.59
CA LEU B 270 -30.91 12.40 5.97
C LEU B 270 -30.66 12.75 7.43
N ALA B 271 -31.07 13.97 7.84
CA ALA B 271 -30.87 14.40 9.22
C ALA B 271 -31.45 13.40 10.20
N GLN B 272 -32.58 12.77 9.84
CA GLN B 272 -33.15 11.82 10.79
C GLN B 272 -32.31 10.56 10.91
N ILE B 273 -31.67 10.12 9.82
CA ILE B 273 -30.94 8.85 9.88
C ILE B 273 -29.51 9.02 10.38
N ASN B 274 -28.89 10.16 10.08
CA ASN B 274 -27.47 10.41 10.33
C ASN B 274 -27.35 11.92 10.47
N GLN B 275 -27.69 12.43 11.65
CA GLN B 275 -27.55 13.87 11.88
C GLN B 275 -26.15 14.39 11.67
N PRO B 276 -25.09 13.73 12.13
CA PRO B 276 -23.77 14.34 11.93
C PRO B 276 -23.41 14.51 10.47
N LEU B 277 -23.70 13.51 9.63
CA LEU B 277 -23.46 13.68 8.20
C LEU B 277 -24.19 14.91 7.66
N PHE B 278 -25.50 15.03 7.96
CA PHE B 278 -26.26 16.21 7.56
C PHE B 278 -25.58 17.53 7.97
N GLU B 279 -25.21 17.64 9.25
CA GLU B 279 -24.54 18.84 9.75
C GLU B 279 -23.24 19.13 9.01
N SER B 280 -22.46 18.09 8.79
CA SER B 280 -21.18 18.24 8.07
C SER B 280 -21.38 18.67 6.62
N GLY B 281 -22.36 18.08 5.93
CA GLY B 281 -22.66 18.51 4.59
C GLY B 281 -22.99 19.97 4.53
N VAL B 282 -23.79 20.46 5.49
CA VAL B 282 -24.07 21.90 5.51
C VAL B 282 -22.82 22.71 5.79
N LYS B 283 -21.95 22.25 6.71
CA LYS B 283 -20.70 22.97 6.98
C LYS B 283 -19.83 23.07 5.71
N VAL B 284 -19.66 21.95 5.00
CA VAL B 284 -18.92 21.96 3.75
C VAL B 284 -19.51 22.99 2.80
N LEU B 285 -20.84 22.96 2.64
CA LEU B 285 -21.44 23.88 1.67
C LEU B 285 -21.21 25.32 2.09
N ARG B 286 -21.29 25.61 3.39
CA ARG B 286 -21.09 27.00 3.85
C ARG B 286 -19.66 27.44 3.57
N GLU B 287 -18.70 26.57 3.85
CA GLU B 287 -17.28 26.84 3.56
C GLU B 287 -17.07 27.12 2.07
N LEU B 288 -17.54 26.22 1.19
CA LEU B 288 -17.44 26.46 -0.25
C LEU B 288 -18.09 27.78 -0.65
N TYR B 289 -19.16 28.17 0.04
CA TYR B 289 -19.84 29.40 -0.34
C TYR B 289 -19.00 30.61 0.05
N SER B 290 -18.31 30.54 1.18
CA SER B 290 -17.67 31.75 1.68
C SER B 290 -16.19 31.86 1.34
N ASN B 291 -15.50 30.73 1.12
CA ASN B 291 -14.06 30.71 0.87
C ASN B 291 -13.83 30.58 -0.64
N SER B 292 -13.68 31.72 -1.31
CA SER B 292 -13.57 31.70 -2.75
C SER B 292 -12.31 31.02 -3.26
N LYS B 293 -11.40 30.63 -2.38
CA LYS B 293 -10.15 30.06 -2.85
C LYS B 293 -10.24 28.57 -3.11
N LEU B 294 -11.39 27.94 -2.82
CA LEU B 294 -11.52 26.48 -2.91
C LEU B 294 -12.02 25.98 -4.25
N THR B 295 -12.56 26.88 -5.09
CA THR B 295 -13.26 26.52 -6.30
C THR B 295 -12.88 27.51 -7.39
N LYS B 296 -12.86 27.05 -8.63
CA LYS B 296 -12.78 27.99 -9.72
C LYS B 296 -14.19 28.41 -10.09
N ASP B 297 -14.31 29.53 -10.80
CA ASP B 297 -15.61 30.09 -11.15
C ASP B 297 -16.49 30.20 -9.90
N HIS B 298 -15.92 30.73 -8.83
CA HIS B 298 -16.61 30.77 -7.55
C HIS B 298 -17.88 31.67 -7.54
N SER B 299 -17.96 32.70 -8.40
CA SER B 299 -19.22 33.42 -8.52
C SER B 299 -20.36 32.47 -8.79
N THR B 300 -20.16 31.59 -9.78
CA THR B 300 -21.18 30.65 -10.20
C THR B 300 -21.42 29.58 -9.16
N VAL B 301 -20.35 29.13 -8.50
CA VAL B 301 -20.51 28.18 -7.41
C VAL B 301 -21.46 28.74 -6.36
N SER B 302 -21.24 30.02 -6.00
CA SER B 302 -22.08 30.69 -5.02
C SER B 302 -23.54 30.79 -5.49
N LYS B 303 -23.74 31.25 -6.73
CA LYS B 303 -25.09 31.29 -7.27
C LYS B 303 -25.74 29.92 -7.16
N ILE B 304 -24.99 28.84 -7.38
CA ILE B 304 -25.62 27.52 -7.34
C ILE B 304 -25.92 27.15 -5.90
N ILE B 305 -25.04 27.48 -4.97
CA ILE B 305 -25.32 27.11 -3.57
C ILE B 305 -26.59 27.82 -3.07
N GLU B 306 -26.84 29.02 -3.60
CA GLU B 306 -28.05 29.73 -3.22
C GLU B 306 -29.32 28.94 -3.55
N ILE B 307 -29.30 28.11 -4.57
CA ILE B 307 -30.47 27.31 -4.90
C ILE B 307 -30.24 25.83 -4.60
N TRP B 308 -29.28 25.53 -3.71
CA TRP B 308 -28.93 24.14 -3.41
C TRP B 308 -29.61 23.77 -2.09
N PHE B 309 -30.84 23.26 -2.17
CA PHE B 309 -31.61 22.96 -0.96
C PHE B 309 -31.31 21.55 -0.44
N SER B 310 -30.01 21.29 -0.18
CA SER B 310 -29.59 19.92 0.06
C SER B 310 -28.29 19.90 0.83
N PRO B 311 -28.09 18.93 1.74
CA PRO B 311 -26.77 18.77 2.37
C PRO B 311 -25.78 18.01 1.51
N PHE B 312 -26.20 17.39 0.41
CA PHE B 312 -25.31 16.51 -0.31
C PHE B 312 -24.33 17.26 -1.21
N SER B 313 -23.27 16.53 -1.59
CA SER B 313 -22.33 16.99 -2.60
C SER B 313 -23.01 17.06 -3.97
N SER B 314 -23.82 16.06 -4.31
CA SER B 314 -24.30 15.98 -5.67
C SER B 314 -25.68 15.38 -5.71
N LEU B 315 -26.37 15.70 -6.78
CA LEU B 315 -27.60 15.04 -7.18
C LEU B 315 -27.37 14.42 -8.54
N SER B 316 -27.93 13.25 -8.77
CA SER B 316 -27.80 12.64 -10.09
C SER B 316 -29.16 12.09 -10.49
N LEU B 317 -29.61 12.43 -11.68
CA LEU B 317 -30.90 12.01 -12.21
C LEU B 317 -30.70 10.92 -13.25
N ILE B 318 -31.23 9.73 -12.98
CA ILE B 318 -31.10 8.57 -13.87
C ILE B 318 -32.47 8.32 -14.46
N VAL B 319 -32.63 8.57 -15.76
CA VAL B 319 -33.93 8.45 -16.43
C VAL B 319 -33.94 7.19 -17.30
N ASN B 320 -35.00 6.39 -17.11
CA ASN B 320 -35.32 5.23 -17.96
C ASN B 320 -34.11 4.35 -18.16
N ARG B 321 -33.64 3.78 -17.07
CA ARG B 321 -32.41 3.05 -17.16
C ARG B 321 -32.43 2.09 -16.00
N ALA B 322 -32.48 0.80 -16.30
CA ALA B 322 -32.30 -0.18 -15.25
C ALA B 322 -30.93 0.01 -14.62
N THR B 323 -30.82 -0.36 -13.37
CA THR B 323 -29.57 -0.28 -12.63
C THR B 323 -29.12 -1.69 -12.30
N PRO B 324 -27.97 -2.11 -12.78
CA PRO B 324 -27.51 -3.48 -12.53
C PRO B 324 -26.96 -3.63 -11.12
N ILE B 325 -26.91 -4.87 -10.66
CA ILE B 325 -26.41 -5.13 -9.31
C ILE B 325 -24.95 -4.66 -9.25
N HIS B 326 -24.68 -3.75 -8.32
CA HIS B 326 -23.39 -3.08 -8.28
C HIS B 326 -23.20 -2.48 -6.90
N ARG B 327 -21.96 -2.13 -6.60
CA ARG B 327 -21.63 -1.16 -5.55
C ARG B 327 -21.11 0.10 -6.18
N ASP B 328 -21.25 1.18 -5.43
CA ASP B 328 -20.66 2.44 -5.81
C ASP B 328 -19.16 2.36 -5.59
N THR B 329 -18.39 2.85 -6.56
CA THR B 329 -16.94 2.90 -6.43
C THR B 329 -16.44 4.26 -5.94
N SER B 330 -17.08 5.33 -6.34
CA SER B 330 -16.57 6.65 -5.93
C SER B 330 -17.28 7.14 -4.71
N GLY B 331 -16.66 8.04 -4.00
CA GLY B 331 -17.36 8.49 -2.79
C GLY B 331 -16.88 7.80 -1.56
N PRO B 332 -17.11 8.37 -0.39
CA PRO B 332 -16.58 7.82 0.79
C PRO B 332 -17.26 6.52 1.10
N ILE B 333 -16.56 5.57 1.70
CA ILE B 333 -17.12 4.27 2.12
C ILE B 333 -18.12 4.52 3.24
N GLU B 334 -17.89 5.51 4.07
CA GLU B 334 -18.81 5.95 5.12
C GLU B 334 -20.12 6.51 4.57
N GLY B 335 -20.05 7.18 3.46
CA GLY B 335 -21.18 7.85 2.81
C GLY B 335 -22.50 7.13 2.77
N MET B 336 -23.57 7.83 3.13
CA MET B 336 -24.90 7.27 2.96
C MET B 336 -25.66 8.03 1.88
N ASP B 337 -25.96 7.33 0.80
CA ASP B 337 -26.65 7.88 -0.34
C ASP B 337 -28.14 7.74 -0.15
N ILE B 338 -28.89 8.61 -0.80
CA ILE B 338 -30.35 8.52 -0.72
C ILE B 338 -30.93 8.49 -2.12
N LEU B 339 -31.69 7.43 -2.42
CA LEU B 339 -32.38 7.24 -3.67
C LEU B 339 -33.86 7.53 -3.49
N VAL B 340 -34.43 8.21 -4.48
CA VAL B 340 -35.87 8.45 -4.61
C VAL B 340 -36.27 7.99 -5.99
N THR B 341 -37.30 7.17 -6.09
CA THR B 341 -37.72 6.69 -7.40
C THR B 341 -39.11 7.23 -7.72
N GLY B 342 -39.37 7.50 -9.00
CA GLY B 342 -40.69 7.96 -9.41
C GLY B 342 -40.92 7.69 -10.88
N GLY B 343 -42.11 8.06 -11.36
CA GLY B 343 -42.58 7.86 -12.71
C GLY B 343 -43.91 7.12 -12.68
N ASN B 344 -44.35 6.56 -13.81
CA ASN B 344 -45.50 5.67 -13.75
C ASN B 344 -45.10 4.29 -14.26
N TYR B 345 -44.91 3.41 -13.27
CA TYR B 345 -44.68 1.99 -13.37
C TYR B 345 -45.24 1.37 -12.11
N SER B 346 -45.30 0.04 -12.04
CA SER B 346 -46.11 -0.65 -11.02
C SER B 346 -45.40 -1.78 -10.30
N ASN B 347 -44.33 -2.35 -10.83
CA ASN B 347 -43.78 -3.52 -10.18
C ASN B 347 -42.30 -3.27 -9.92
N GLY B 348 -42.02 -2.21 -9.18
CA GLY B 348 -40.63 -1.89 -8.91
C GLY B 348 -40.05 -2.90 -7.95
N VAL B 349 -38.80 -3.26 -8.19
CA VAL B 349 -38.04 -4.04 -7.22
C VAL B 349 -36.66 -3.43 -7.09
N LEU B 350 -36.19 -3.32 -5.86
CA LEU B 350 -34.80 -3.09 -5.56
C LEU B 350 -34.27 -4.36 -4.93
N VAL B 351 -33.14 -4.85 -5.43
CA VAL B 351 -32.61 -6.16 -5.05
C VAL B 351 -31.33 -5.92 -4.25
N THR B 352 -31.29 -6.47 -3.01
CA THR B 352 -30.11 -6.44 -2.16
C THR B 352 -29.72 -7.88 -1.84
N PRO B 353 -28.80 -8.44 -2.66
CA PRO B 353 -28.47 -9.87 -2.54
C PRO B 353 -27.73 -10.23 -1.26
N SER B 354 -26.83 -9.36 -0.80
CA SER B 354 -26.12 -9.64 0.45
C SER B 354 -27.06 -9.76 1.64
N PHE B 355 -28.28 -9.25 1.54
CA PHE B 355 -29.22 -9.35 2.64
C PHE B 355 -30.32 -10.36 2.36
N ASN B 356 -30.19 -11.09 1.25
CA ASN B 356 -31.22 -12.02 0.81
C ASN B 356 -32.59 -11.35 0.81
N ARG B 357 -32.66 -10.15 0.23
CA ARG B 357 -33.96 -9.49 0.19
C ARG B 357 -34.20 -8.78 -1.13
N ARG B 358 -35.45 -8.80 -1.59
CA ARG B 358 -35.99 -7.86 -2.58
C ARG B 358 -36.97 -6.93 -1.87
N TRP B 359 -37.04 -5.69 -2.34
CA TRP B 359 -37.87 -4.65 -1.72
C TRP B 359 -38.71 -3.96 -2.78
N THR B 360 -40.01 -3.89 -2.53
CA THR B 360 -40.90 -3.19 -3.46
C THR B 360 -40.43 -1.76 -3.64
N TYR B 361 -40.39 -1.31 -4.89
CA TYR B 361 -39.67 -0.08 -5.23
C TYR B 361 -40.52 0.75 -6.20
N ASN B 362 -41.68 1.16 -5.75
CA ASN B 362 -42.63 1.88 -6.56
C ASN B 362 -42.45 3.38 -6.35
N PRO B 363 -43.13 4.23 -7.12
CA PRO B 363 -42.92 5.68 -6.99
C PRO B 363 -43.17 6.19 -5.57
N GLY B 364 -42.42 7.21 -5.19
CA GLY B 364 -42.44 7.70 -3.83
C GLY B 364 -41.58 6.93 -2.86
N CYS B 365 -41.04 5.79 -3.26
CA CYS B 365 -40.17 5.02 -2.37
C CYS B 365 -38.83 5.72 -2.16
N VAL B 366 -38.35 5.73 -0.92
CA VAL B 366 -37.06 6.31 -0.60
C VAL B 366 -36.19 5.24 0.01
N VAL B 367 -34.91 5.19 -0.37
CA VAL B 367 -33.99 4.22 0.21
C VAL B 367 -32.71 4.93 0.58
N ALA B 368 -32.23 4.68 1.80
CA ALA B 368 -30.95 5.19 2.24
C ALA B 368 -30.01 4.01 2.41
N LEU B 369 -28.77 4.17 1.95
CA LEU B 369 -27.90 3.00 1.98
C LEU B 369 -26.47 3.45 1.89
N LEU B 370 -25.58 2.66 2.49
CA LEU B 370 -24.14 2.78 2.26
C LEU B 370 -23.83 2.11 0.93
N GLY B 371 -23.75 2.93 -0.12
CA GLY B 371 -23.64 2.40 -1.47
C GLY B 371 -22.27 1.81 -1.81
N LYS B 372 -21.22 2.28 -1.14
CA LYS B 372 -19.93 1.60 -1.24
C LYS B 372 -19.99 0.15 -0.74
N LEU B 373 -20.96 -0.21 0.10
CA LEU B 373 -21.04 -1.54 0.69
C LEU B 373 -22.22 -2.37 0.22
N VAL B 374 -23.40 -1.77 0.04
CA VAL B 374 -24.60 -2.56 -0.23
C VAL B 374 -24.68 -2.80 -1.73
N LEU B 375 -24.52 -4.05 -2.11
CA LEU B 375 -24.85 -4.48 -3.47
C LEU B 375 -26.31 -4.26 -3.73
N HIS B 376 -26.62 -3.50 -4.78
CA HIS B 376 -28.01 -3.25 -5.08
C HIS B 376 -28.20 -3.08 -6.57
N GLY B 377 -29.43 -3.34 -7.02
CA GLY B 377 -29.80 -3.19 -8.40
C GLY B 377 -31.32 -3.14 -8.54
N VAL B 378 -31.76 -2.64 -9.68
CA VAL B 378 -33.20 -2.51 -9.94
C VAL B 378 -33.47 -2.88 -11.39
N PRO B 379 -34.23 -3.96 -11.64
CA PRO B 379 -34.49 -4.39 -13.02
C PRO B 379 -35.33 -3.38 -13.79
N GLU B 380 -35.43 -3.61 -15.10
CA GLU B 380 -36.27 -2.80 -15.96
C GLU B 380 -37.72 -2.87 -15.47
N VAL B 381 -38.49 -1.81 -15.74
CA VAL B 381 -39.91 -1.75 -15.39
C VAL B 381 -40.68 -1.30 -16.62
N ASP B 382 -42.00 -1.57 -16.60
CA ASP B 382 -42.87 -1.25 -17.74
C ASP B 382 -43.52 0.10 -17.49
N GLY B 383 -42.87 1.16 -17.93
CA GLY B 383 -43.38 2.50 -17.73
C GLY B 383 -42.24 3.50 -17.61
N GLU B 384 -42.63 4.73 -17.33
CA GLU B 384 -41.64 5.79 -17.17
C GLU B 384 -41.05 5.73 -15.76
N ARG B 385 -39.73 5.61 -15.67
CA ARG B 385 -39.08 5.64 -14.38
C ARG B 385 -37.94 6.65 -14.41
N TYR B 386 -37.69 7.27 -13.27
CA TYR B 386 -36.48 8.03 -13.02
C TYR B 386 -36.09 7.81 -11.57
N CYS B 387 -34.82 8.06 -11.30
CA CYS B 387 -34.28 7.94 -9.97
C CYS B 387 -33.51 9.22 -9.68
N MET B 388 -33.74 9.81 -8.52
CA MET B 388 -32.91 10.90 -8.05
C MET B 388 -32.00 10.33 -6.98
N ALA B 389 -30.68 10.44 -7.19
CA ALA B 389 -29.70 9.86 -6.28
C ALA B 389 -28.83 10.98 -5.71
N HIS B 390 -28.81 11.09 -4.39
CA HIS B 390 -28.09 12.14 -3.68
C HIS B 390 -26.87 11.49 -3.05
N PHE B 391 -25.69 12.03 -3.33
CA PHE B 391 -24.47 11.32 -2.89
C PHE B 391 -23.37 12.32 -2.57
N TRP B 392 -22.17 11.79 -2.28
CA TRP B 392 -21.09 12.52 -1.61
C TRP B 392 -19.78 12.46 -2.40
N ARG B 393 -18.96 13.50 -2.23
CA ARG B 393 -17.56 13.50 -2.68
C ARG B 393 -16.67 13.90 -1.52
N GLU B 394 -15.92 12.93 -0.96
CA GLU B 394 -15.07 13.23 0.20
C GLU B 394 -14.08 14.38 -0.06
N ARG B 395 -13.54 14.50 -1.28
CA ARG B 395 -12.58 15.59 -1.54
C ARG B 395 -13.17 16.94 -1.20
N LEU B 396 -14.50 17.08 -1.30
CA LEU B 396 -15.08 18.35 -0.90
C LEU B 396 -14.99 18.55 0.60
N PHE B 397 -15.08 17.46 1.35
CA PHE B 397 -14.88 17.58 2.79
C PHE B 397 -13.45 17.98 3.11
N ASP B 398 -12.47 17.32 2.46
CA ASP B 398 -11.07 17.63 2.72
C ASP B 398 -10.77 19.08 2.39
N ALA B 399 -11.20 19.55 1.23
CA ALA B 399 -10.92 20.93 0.88
C ALA B 399 -11.60 21.89 1.85
N ALA B 400 -12.75 21.51 2.41
CA ALA B 400 -13.43 22.46 3.29
C ALA B 400 -12.96 22.38 4.74
N GLY B 401 -12.09 21.43 5.07
CA GLY B 401 -11.63 21.28 6.43
C GLY B 401 -12.52 20.46 7.32
N VAL B 402 -13.55 19.82 6.78
CA VAL B 402 -14.55 19.13 7.59
C VAL B 402 -14.28 17.64 7.53
N PRO B 403 -14.02 17.00 8.64
CA PRO B 403 -13.96 15.52 8.65
C PRO B 403 -15.21 14.90 8.06
N PHE B 404 -15.15 13.64 7.67
CA PHE B 404 -16.33 12.93 7.18
C PHE B 404 -16.75 11.90 8.22
N PRO B 405 -17.91 12.02 8.85
CA PRO B 405 -18.23 11.17 10.00
C PRO B 405 -18.47 9.71 9.64
N TYR B 406 -18.40 8.86 10.68
CA TYR B 406 -18.62 7.45 10.39
C TYR B 406 -20.12 7.16 10.46
N PRO B 407 -20.61 6.18 9.70
CA PRO B 407 -22.05 5.86 9.75
C PRO B 407 -22.64 5.83 11.16
N SER B 408 -23.76 6.53 11.33
CA SER B 408 -24.39 6.62 12.63
C SER B 408 -25.08 5.32 13.02
N LYS B 409 -25.25 5.12 14.33
CA LYS B 409 -25.97 3.96 14.84
C LYS B 409 -27.43 4.33 15.05
N TRP B 410 -28.30 3.31 15.05
CA TRP B 410 -29.74 3.59 15.09
C TRP B 410 -30.18 4.16 16.43
N GLN B 411 -29.48 3.83 17.51
CA GLN B 411 -29.87 4.39 18.79
C GLN B 411 -29.76 5.90 18.80
N GLU B 412 -28.96 6.47 17.91
CA GLU B 412 -28.84 7.93 17.88
C GLU B 412 -30.19 8.58 17.65
N SER B 413 -31.10 7.87 16.99
CA SER B 413 -32.40 8.44 16.73
C SER B 413 -33.17 8.69 18.02
N TYR B 414 -32.96 7.84 19.01
CA TYR B 414 -33.73 7.85 20.22
C TYR B 414 -33.07 8.63 21.35
N THR B 415 -32.00 9.36 21.09
CA THR B 415 -31.62 10.34 22.08
C THR B 415 -32.78 11.33 22.19
N ASN B 416 -32.90 11.95 23.36
CA ASN B 416 -34.01 12.82 23.76
C ASN B 416 -35.23 12.01 24.18
N ILE B 417 -35.29 10.71 23.89
CA ILE B 417 -36.18 9.84 24.66
C ILE B 417 -35.37 8.61 25.09
N PRO B 418 -34.29 8.79 25.86
CA PRO B 418 -33.41 7.65 26.20
C PRO B 418 -34.17 6.40 26.63
N GLU B 419 -35.31 6.59 27.27
CA GLU B 419 -36.23 5.53 27.66
C GLU B 419 -36.82 4.82 26.44
N ALA B 420 -36.00 4.03 25.74
CA ALA B 420 -36.48 3.23 24.61
C ALA B 420 -37.22 1.96 25.05
N LEU B 421 -36.95 1.48 26.27
CA LEU B 421 -37.67 0.39 26.94
C LEU B 421 -37.39 -0.92 26.20
N THR C 16 38.47 17.71 0.53
CA THR C 16 39.93 17.78 0.75
C THR C 16 40.34 16.86 1.88
N LEU C 17 39.38 16.40 2.65
CA LEU C 17 39.61 15.47 3.77
C LEU C 17 40.40 14.29 3.20
N PRO C 18 41.57 13.95 3.74
CA PRO C 18 42.41 12.91 3.21
C PRO C 18 41.96 11.47 3.20
N SER C 19 41.27 11.04 4.21
CA SER C 19 40.87 9.62 4.21
C SER C 19 40.02 9.28 2.99
N LEU C 20 39.17 10.17 2.55
CA LEU C 20 38.38 9.92 1.35
C LEU C 20 39.24 10.03 0.09
N LEU C 21 40.16 11.00 0.06
CA LEU C 21 41.09 11.07 -1.06
C LEU C 21 41.85 9.76 -1.20
N LEU C 22 42.31 9.18 -0.08
CA LEU C 22 43.06 7.93 -0.14
C LEU C 22 42.21 6.81 -0.73
N ILE C 23 40.98 6.62 -0.22
CA ILE C 23 40.20 5.51 -0.76
C ILE C 23 39.87 5.77 -2.23
N ASP C 24 39.74 7.04 -2.63
CA ASP C 24 39.57 7.35 -4.04
C ASP C 24 40.76 6.86 -4.85
N GLU C 25 41.97 7.21 -4.39
CA GLU C 25 43.18 6.80 -5.07
C GLU C 25 43.24 5.29 -5.20
N ALA C 26 42.86 4.58 -4.14
CA ALA C 26 42.93 3.12 -4.16
C ALA C 26 41.95 2.53 -5.16
N ALA C 27 40.72 3.06 -5.21
CA ALA C 27 39.73 2.61 -6.18
C ALA C 27 40.20 2.83 -7.62
N ALA C 28 40.77 4.01 -7.88
CA ALA C 28 41.24 4.30 -9.23
C ALA C 28 42.34 3.34 -9.65
N VAL C 29 43.40 3.24 -8.83
CA VAL C 29 44.53 2.39 -9.16
C VAL C 29 44.07 0.96 -9.37
N LEU C 30 43.22 0.45 -8.48
CA LEU C 30 42.80 -0.93 -8.61
C LEU C 30 42.10 -1.12 -9.95
N GLY C 31 41.22 -0.19 -10.31
CA GLY C 31 40.56 -0.33 -11.60
C GLY C 31 41.52 -0.30 -12.78
N ARG C 32 42.57 0.50 -12.70
CA ARG C 32 43.50 0.53 -13.84
C ARG C 32 44.43 -0.69 -13.86
N MET C 33 44.77 -1.27 -12.69
CA MET C 33 45.38 -2.60 -12.68
C MET C 33 44.51 -3.63 -13.40
N ILE C 34 43.21 -3.65 -13.08
CA ILE C 34 42.36 -4.64 -13.75
C ILE C 34 42.31 -4.39 -15.26
N GLN C 35 42.21 -3.13 -15.67
CA GLN C 35 42.19 -2.86 -17.11
C GLN C 35 43.47 -3.34 -17.77
N GLY C 36 44.60 -3.20 -17.07
CA GLY C 36 45.84 -3.68 -17.61
C GLY C 36 45.85 -5.18 -17.79
N LEU C 37 45.45 -5.91 -16.74
CA LEU C 37 45.35 -7.36 -16.83
C LEU C 37 44.45 -7.78 -18.00
N ARG C 38 43.29 -7.12 -18.14
CA ARG C 38 42.36 -7.53 -19.21
C ARG C 38 42.94 -7.26 -20.60
N THR C 39 43.62 -6.14 -20.80
CA THR C 39 44.09 -5.86 -22.15
C THR C 39 45.51 -6.33 -22.39
N GLY C 40 46.23 -6.69 -21.34
CA GLY C 40 47.58 -7.12 -21.56
C GLY C 40 48.60 -6.03 -21.78
N ILE C 41 48.47 -4.88 -21.15
CA ILE C 41 49.64 -4.04 -20.95
C ILE C 41 49.76 -3.90 -19.43
N PRO C 42 50.89 -4.25 -18.84
CA PRO C 42 51.04 -4.11 -17.39
C PRO C 42 50.74 -2.69 -16.95
N TYR C 43 50.10 -2.56 -15.79
CA TYR C 43 49.82 -1.23 -15.27
C TYR C 43 51.13 -0.64 -14.76
N ILE C 44 51.36 0.63 -15.10
CA ILE C 44 52.52 1.38 -14.69
C ILE C 44 51.99 2.60 -13.93
N HIS C 45 52.31 2.67 -12.64
CA HIS C 45 51.82 3.72 -11.76
C HIS C 45 52.75 4.93 -11.81
N THR C 46 52.39 5.94 -12.58
CA THR C 46 53.21 7.14 -12.63
C THR C 46 52.77 8.22 -11.64
N GLU C 47 51.64 8.06 -10.96
CA GLU C 47 51.27 9.05 -9.96
C GLU C 47 52.25 9.01 -8.79
N ASN C 48 52.44 10.17 -8.17
CA ASN C 48 53.14 10.25 -6.89
C ASN C 48 52.08 10.48 -5.82
N ASP C 49 51.56 9.40 -5.25
CA ASP C 49 50.35 9.44 -4.43
C ASP C 49 50.45 8.38 -3.33
N SER C 50 49.33 8.18 -2.62
CA SER C 50 49.30 7.31 -1.46
C SER C 50 49.66 5.87 -1.82
N ILE C 51 49.22 5.40 -2.99
CA ILE C 51 49.55 4.04 -3.41
C ILE C 51 51.05 3.90 -3.60
N LYS C 52 51.70 4.94 -4.11
CA LYS C 52 53.15 4.89 -4.21
C LYS C 52 53.77 4.91 -2.81
N ALA C 53 53.15 5.65 -1.89
CA ALA C 53 53.63 5.77 -0.53
C ALA C 53 53.50 4.48 0.27
N ASN C 54 52.46 3.68 0.03
CA ASN C 54 52.15 2.50 0.86
C ASN C 54 52.26 1.25 0.00
N PRO C 55 53.45 0.65 -0.09
CA PRO C 55 53.60 -0.59 -0.87
C PRO C 55 52.75 -1.73 -0.38
N ILE C 56 52.47 -1.83 0.93
CA ILE C 56 51.61 -2.91 1.40
C ILE C 56 50.25 -2.78 0.73
N LEU C 57 49.77 -1.55 0.62
CA LEU C 57 48.50 -1.31 -0.06
C LEU C 57 48.62 -1.61 -1.55
N ARG C 58 49.69 -1.14 -2.19
CA ARG C 58 49.94 -1.40 -3.60
C ARG C 58 49.85 -2.89 -3.93
N THR C 59 50.57 -3.72 -3.19
CA THR C 59 50.52 -5.15 -3.50
C THR C 59 49.21 -5.79 -3.05
N ALA C 60 48.53 -5.21 -2.05
CA ALA C 60 47.16 -5.64 -1.75
C ALA C 60 46.24 -5.44 -2.97
N LEU C 61 46.32 -4.25 -3.57
CA LEU C 61 45.54 -3.95 -4.76
C LEU C 61 45.91 -4.89 -5.91
N TRP C 62 47.22 -5.19 -6.07
CA TRP C 62 47.63 -6.13 -7.12
C TRP C 62 46.99 -7.51 -6.94
N GLN C 63 47.02 -8.03 -5.71
CA GLN C 63 46.43 -9.35 -5.46
C GLN C 63 44.94 -9.33 -5.76
N ALA C 64 44.24 -8.31 -5.24
CA ALA C 64 42.80 -8.20 -5.51
C ALA C 64 42.51 -8.07 -7.00
N ALA C 65 43.36 -7.32 -7.72
CA ALA C 65 43.20 -7.21 -9.16
C ALA C 65 43.16 -8.59 -9.82
N TYR C 66 44.10 -9.46 -9.45
CA TYR C 66 44.09 -10.77 -10.09
C TYR C 66 42.82 -11.54 -9.77
N VAL C 67 42.39 -11.52 -8.51
CA VAL C 67 41.18 -12.28 -8.16
C VAL C 67 39.94 -11.71 -8.89
N LEU C 68 39.77 -10.38 -8.84
CA LEU C 68 38.61 -9.73 -9.49
C LEU C 68 38.59 -9.98 -10.99
N GLU C 69 39.75 -9.86 -11.64
CA GLU C 69 39.79 -10.12 -13.07
C GLU C 69 39.37 -11.53 -13.34
N LYS C 70 39.74 -12.46 -12.47
CA LYS C 70 39.30 -13.86 -12.65
C LYS C 70 37.79 -13.99 -12.44
N ALA C 71 37.27 -13.45 -11.34
CA ALA C 71 35.84 -13.54 -11.00
C ALA C 71 34.96 -13.04 -12.13
N TYR C 72 35.33 -11.90 -12.74
CA TYR C 72 34.49 -11.37 -13.81
C TYR C 72 34.43 -12.28 -15.02
N ARG C 73 35.33 -13.24 -15.16
CA ARG C 73 35.31 -14.13 -16.31
C ARG C 73 34.53 -15.42 -16.06
N ARG C 74 34.18 -15.71 -14.80
CA ARG C 74 33.45 -16.92 -14.40
C ARG C 74 32.07 -16.52 -13.89
N ARG C 75 31.09 -16.55 -14.79
CA ARG C 75 29.79 -15.91 -14.59
C ARG C 75 28.65 -16.89 -14.80
N TYR C 76 27.85 -17.12 -13.75
CA TYR C 76 26.62 -17.88 -13.83
C TYR C 76 25.41 -16.95 -13.81
N ARG C 77 24.45 -17.22 -14.68
CA ARG C 77 23.24 -16.41 -14.79
C ARG C 77 22.01 -17.19 -14.36
N VAL C 78 21.20 -16.61 -13.47
CA VAL C 78 19.93 -17.18 -13.05
C VAL C 78 18.82 -16.69 -13.98
N PRO C 79 17.79 -17.49 -14.28
CA PRO C 79 16.82 -17.08 -15.32
C PRO C 79 15.91 -15.92 -14.94
N TRP C 80 16.00 -15.34 -13.75
CA TRP C 80 15.09 -14.28 -13.35
C TRP C 80 15.84 -12.96 -13.18
N THR C 81 15.10 -11.87 -13.03
CA THR C 81 15.70 -10.60 -12.69
C THR C 81 15.62 -10.36 -11.19
N ALA C 82 16.55 -9.55 -10.67
CA ALA C 82 16.53 -9.25 -9.25
C ALA C 82 15.34 -8.37 -8.90
N ARG C 83 15.01 -7.41 -9.76
CA ARG C 83 13.77 -6.64 -9.66
C ARG C 83 12.60 -7.52 -9.26
N ARG C 84 12.39 -8.57 -10.05
CA ARG C 84 11.26 -9.47 -9.87
C ARG C 84 11.30 -10.17 -8.51
N TYR C 85 12.43 -10.86 -8.23
CA TYR C 85 12.67 -11.52 -6.94
C TYR C 85 12.31 -10.62 -5.78
N MET C 86 12.86 -9.42 -5.80
CA MET C 86 12.65 -8.46 -4.73
C MET C 86 11.18 -8.11 -4.55
N ARG C 87 10.42 -7.95 -5.65
CA ARG C 87 8.99 -7.68 -5.49
C ARG C 87 8.30 -8.75 -4.66
N GLU C 88 8.63 -10.02 -4.90
CA GLU C 88 7.93 -11.14 -4.27
C GLU C 88 8.46 -11.46 -2.88
N LEU C 89 9.14 -10.53 -2.22
CA LEU C 89 9.58 -10.71 -0.84
C LEU C 89 8.81 -9.79 0.09
N THR C 90 8.32 -10.37 1.20
CA THR C 90 7.65 -9.61 2.23
C THR C 90 8.64 -8.61 2.82
N PRO C 91 8.14 -7.53 3.45
CA PRO C 91 9.06 -6.49 3.97
C PRO C 91 10.25 -7.00 4.78
N ARG C 92 10.04 -7.95 5.69
CA ARG C 92 11.10 -8.42 6.60
C ARG C 92 11.16 -9.96 6.55
N GLN C 93 11.38 -10.47 5.34
CA GLN C 93 11.43 -11.91 5.06
C GLN C 93 12.85 -12.42 5.30
N ASP C 94 13.18 -12.61 6.59
CA ASP C 94 14.55 -12.96 7.01
C ASP C 94 15.00 -14.33 6.53
N GLY C 95 14.17 -15.05 5.77
CA GLY C 95 14.54 -16.35 5.28
C GLY C 95 14.40 -17.49 6.27
N ARG C 96 13.72 -17.30 7.40
CA ARG C 96 13.50 -18.45 8.28
C ARG C 96 12.29 -19.26 7.89
N ASN C 97 11.18 -18.57 7.66
CA ASN C 97 9.94 -19.19 7.24
C ASN C 97 10.22 -20.10 6.04
N ALA C 98 10.19 -21.41 6.24
CA ALA C 98 10.68 -22.34 5.23
C ALA C 98 9.65 -22.70 4.17
N ASN C 99 8.36 -22.51 4.43
CA ASN C 99 7.35 -22.72 3.40
C ASN C 99 7.36 -21.57 2.39
N ARG C 100 7.33 -20.34 2.90
CA ARG C 100 7.59 -19.16 2.09
C ARG C 100 8.81 -19.38 1.20
N GLU C 101 9.89 -19.92 1.78
CA GLU C 101 11.12 -20.12 1.02
C GLU C 101 11.00 -21.25 0.03
N ALA C 102 10.21 -22.28 0.32
CA ALA C 102 10.00 -23.33 -0.68
C ALA C 102 9.28 -22.78 -1.89
N VAL C 103 8.32 -21.87 -1.67
CA VAL C 103 7.66 -21.19 -2.79
C VAL C 103 8.67 -20.34 -3.56
N MET C 104 9.40 -19.48 -2.84
CA MET C 104 10.48 -18.65 -3.38
C MET C 104 11.43 -19.45 -4.27
N ALA C 105 11.80 -20.64 -3.84
CA ALA C 105 12.73 -21.47 -4.59
C ALA C 105 12.05 -22.20 -5.74
N LYS C 106 10.73 -22.35 -5.70
CA LYS C 106 10.08 -22.97 -6.84
C LYS C 106 9.84 -21.97 -7.97
N GLU C 107 9.41 -20.75 -7.64
CA GLU C 107 9.23 -19.73 -8.67
C GLU C 107 10.56 -19.19 -9.19
N PHE C 108 11.58 -19.15 -8.33
CA PHE C 108 12.88 -18.60 -8.67
C PHE C 108 13.96 -19.68 -8.58
N PRO C 109 13.89 -20.71 -9.41
CA PRO C 109 14.88 -21.79 -9.34
C PRO C 109 16.25 -21.30 -9.73
N PRO C 110 17.31 -22.06 -9.44
CA PRO C 110 18.65 -21.59 -9.79
C PRO C 110 18.89 -21.53 -11.29
N GLY C 111 18.16 -22.30 -12.08
CA GLY C 111 18.28 -22.28 -13.54
C GLY C 111 19.21 -23.37 -14.04
N ALA C 112 19.26 -23.48 -15.37
CA ALA C 112 19.97 -24.61 -15.98
C ALA C 112 21.46 -24.59 -15.66
N GLU C 113 22.09 -23.41 -15.67
CA GLU C 113 23.52 -23.33 -15.45
C GLU C 113 23.94 -23.73 -14.05
N LEU C 114 23.03 -23.81 -13.10
CA LEU C 114 23.41 -24.09 -11.73
C LEU C 114 22.75 -25.32 -11.14
N ASN C 115 21.64 -25.81 -11.72
CA ASN C 115 20.86 -26.89 -11.12
C ASN C 115 21.37 -28.28 -11.51
N SER C 116 22.67 -28.42 -11.71
CA SER C 116 23.33 -29.73 -11.71
C SER C 116 23.33 -30.20 -10.26
N ASP C 117 22.20 -30.76 -9.84
CA ASP C 117 21.99 -31.07 -8.45
C ASP C 117 22.92 -32.20 -8.01
N HIS C 118 23.17 -32.24 -6.70
CA HIS C 118 24.40 -32.77 -6.14
C HIS C 118 25.56 -32.06 -6.81
N PRO C 119 25.73 -30.77 -6.53
CA PRO C 119 26.83 -30.01 -7.12
C PRO C 119 28.08 -30.11 -6.25
N VAL C 120 29.20 -29.69 -6.82
CA VAL C 120 30.46 -29.65 -6.10
C VAL C 120 30.60 -28.28 -5.45
N GLN C 121 31.29 -28.26 -4.31
CA GLN C 121 31.64 -27.00 -3.67
C GLN C 121 32.58 -26.23 -4.60
N GLU C 122 32.52 -24.89 -4.53
CA GLU C 122 33.25 -24.01 -5.44
C GLU C 122 34.50 -23.43 -4.78
N ILE C 123 35.55 -23.23 -5.60
CA ILE C 123 36.84 -22.73 -5.12
C ILE C 123 37.44 -21.67 -6.05
N LEU C 124 37.07 -21.69 -7.32
CA LEU C 124 37.53 -20.67 -8.25
C LEU C 124 36.68 -19.41 -8.15
N PRO C 125 37.31 -18.23 -8.12
CA PRO C 125 36.56 -16.96 -8.05
C PRO C 125 35.46 -16.89 -9.10
N ALA C 126 34.33 -16.27 -8.76
CA ALA C 126 33.24 -16.23 -9.73
C ALA C 126 32.21 -15.18 -9.32
N MET C 127 31.14 -15.11 -10.11
CA MET C 127 30.02 -14.25 -9.75
C MET C 127 28.76 -14.81 -10.33
N ILE C 128 27.65 -14.35 -9.77
CA ILE C 128 26.32 -14.72 -10.20
C ILE C 128 25.59 -13.44 -10.54
N ILE C 129 24.98 -13.43 -11.73
CA ILE C 129 24.32 -12.29 -12.34
C ILE C 129 22.89 -12.70 -12.65
N ASP C 130 21.96 -11.72 -12.65
CA ASP C 130 20.59 -12.05 -12.97
C ASP C 130 20.42 -12.03 -14.49
N ALA C 131 19.20 -12.18 -14.98
CA ALA C 131 19.00 -12.26 -16.43
C ALA C 131 19.24 -10.94 -17.14
N GLU C 132 19.46 -9.84 -16.41
CA GLU C 132 19.70 -8.54 -17.01
C GLU C 132 21.08 -8.04 -16.66
N ASP C 133 21.95 -8.94 -16.20
CA ASP C 133 23.39 -8.78 -16.02
C ASP C 133 23.76 -8.05 -14.73
N HIS C 134 22.81 -7.75 -13.86
CA HIS C 134 23.18 -7.19 -12.56
C HIS C 134 23.91 -8.24 -11.74
N ILE C 135 24.96 -7.83 -11.05
CA ILE C 135 25.70 -8.74 -10.19
C ILE C 135 24.95 -8.91 -8.87
N LEU C 136 24.61 -10.16 -8.54
CA LEU C 136 24.03 -10.53 -7.25
C LEU C 136 25.10 -10.95 -6.27
N PHE C 137 26.10 -11.68 -6.78
CA PHE C 137 27.03 -12.38 -5.89
C PHE C 137 28.43 -12.42 -6.49
N CYS C 138 29.44 -11.99 -5.75
CA CYS C 138 30.82 -12.05 -6.23
C CYS C 138 31.71 -12.73 -5.20
N TYR C 139 32.21 -13.92 -5.55
CA TYR C 139 33.08 -14.74 -4.72
C TYR C 139 34.54 -14.47 -5.08
N LEU C 140 35.31 -13.96 -4.11
CA LEU C 140 36.72 -13.64 -4.28
C LEU C 140 37.54 -14.37 -3.23
N PRO C 141 37.86 -15.64 -3.45
CA PRO C 141 38.71 -16.38 -2.49
C PRO C 141 40.15 -15.91 -2.54
N SER C 142 40.78 -15.88 -1.36
CA SER C 142 42.21 -15.56 -1.23
C SER C 142 42.49 -14.16 -1.76
N CYS C 143 41.58 -13.24 -1.43
CA CYS C 143 41.61 -11.89 -1.97
C CYS C 143 42.44 -10.91 -1.16
N VAL C 144 42.57 -11.08 0.15
CA VAL C 144 43.31 -10.12 0.95
C VAL C 144 44.72 -10.63 1.17
N SER C 145 45.69 -9.78 0.88
CA SER C 145 47.08 -10.21 0.95
C SER C 145 47.45 -10.59 2.38
N PRO C 146 48.28 -11.64 2.55
CA PRO C 146 48.87 -11.98 3.85
C PRO C 146 49.22 -10.83 4.78
N ALA C 147 49.95 -9.83 4.28
CA ALA C 147 50.34 -8.73 5.15
C ALA C 147 49.12 -8.08 5.82
N ILE C 148 48.02 -7.96 5.07
CA ILE C 148 46.85 -7.29 5.60
C ILE C 148 46.02 -8.21 6.50
N MET C 149 45.92 -9.49 6.16
CA MET C 149 45.39 -10.45 7.14
C MET C 149 46.13 -10.32 8.47
N THR C 150 47.45 -10.19 8.42
CA THR C 150 48.23 -10.00 9.64
C THR C 150 47.79 -8.75 10.38
N ILE C 151 47.74 -7.62 9.68
CA ILE C 151 47.29 -6.36 10.30
C ILE C 151 45.91 -6.53 10.93
N ILE C 152 45.04 -7.30 10.28
CA ILE C 152 43.66 -7.41 10.73
C ILE C 152 43.55 -8.34 11.92
N ASP C 153 44.18 -9.52 11.84
CA ASP C 153 44.35 -10.38 13.00
C ASP C 153 44.86 -9.58 14.19
N ALA C 154 45.83 -8.70 13.96
CA ALA C 154 46.38 -7.92 15.06
C ALA C 154 45.33 -7.01 15.68
N ALA C 155 44.68 -6.17 14.86
CA ALA C 155 43.68 -5.25 15.39
C ALA C 155 42.54 -5.99 16.07
N VAL C 156 42.12 -7.12 15.50
CA VAL C 156 41.00 -7.86 16.04
C VAL C 156 41.38 -8.50 17.37
N GLY C 157 42.56 -9.13 17.45
CA GLY C 157 43.00 -9.69 18.72
C GLY C 157 43.21 -8.64 19.80
N THR C 158 43.76 -7.48 19.43
CA THR C 158 44.03 -6.46 20.43
C THR C 158 42.77 -5.70 20.86
N LEU C 159 41.70 -5.76 20.08
CA LEU C 159 40.44 -5.29 20.63
C LEU C 159 39.70 -6.37 21.41
N ALA C 160 39.74 -7.62 20.95
CA ALA C 160 38.86 -8.67 21.48
C ALA C 160 39.21 -9.01 22.93
N THR C 161 40.43 -9.46 23.18
CA THR C 161 40.85 -9.89 24.51
C THR C 161 41.28 -8.66 25.31
N MET C 218 38.61 -15.98 20.68
CA MET C 218 38.43 -14.84 21.63
C MET C 218 36.96 -14.66 21.96
N THR C 219 36.58 -13.51 22.50
CA THR C 219 35.39 -13.38 23.36
C THR C 219 34.22 -13.19 22.40
N PRO C 220 33.42 -14.23 22.13
CA PRO C 220 32.46 -14.25 21.04
C PRO C 220 31.40 -13.16 21.14
N GLY C 221 31.00 -12.61 20.00
CA GLY C 221 30.04 -11.50 20.01
C GLY C 221 29.99 -10.80 18.68
N VAL C 222 29.47 -9.60 18.69
CA VAL C 222 29.22 -8.75 17.53
C VAL C 222 29.42 -7.31 17.98
N LEU C 223 29.90 -6.46 17.08
CA LEU C 223 30.14 -5.08 17.49
C LEU C 223 30.22 -4.19 16.25
N THR C 224 29.48 -3.07 16.26
CA THR C 224 29.20 -2.30 15.06
C THR C 224 29.74 -0.87 15.20
N PHE C 225 30.45 -0.40 14.17
CA PHE C 225 31.08 0.91 14.14
C PHE C 225 30.50 1.71 12.96
N ALA C 226 30.30 3.02 13.17
CA ALA C 226 29.84 3.91 12.10
C ALA C 226 29.98 5.37 12.51
N PRO C 227 30.23 6.29 11.58
CA PRO C 227 30.25 7.72 11.94
C PRO C 227 28.86 8.30 12.23
N ALA C 228 27.82 7.71 11.64
CA ALA C 228 26.44 8.13 11.88
C ALA C 228 25.60 6.90 12.16
N TRP C 229 24.86 6.92 13.26
CA TRP C 229 24.13 5.75 13.69
C TRP C 229 22.88 6.17 14.45
N TRP C 230 21.96 5.22 14.56
CA TRP C 230 20.71 5.37 15.30
C TRP C 230 20.69 4.29 16.37
N PRO C 231 20.61 4.64 17.65
CA PRO C 231 20.47 3.61 18.70
C PRO C 231 19.00 3.23 18.91
N VAL C 232 18.75 1.93 19.13
CA VAL C 232 17.37 1.45 19.12
C VAL C 232 16.53 2.29 20.06
N GLY C 233 15.30 2.60 19.63
CA GLY C 233 14.48 3.55 20.33
C GLY C 233 14.77 5.01 20.03
N HIS C 234 15.89 5.33 19.36
CA HIS C 234 16.20 6.72 19.05
C HIS C 234 15.99 7.06 17.58
N GLU C 235 15.34 6.19 16.82
CA GLU C 235 15.17 6.41 15.39
C GLU C 235 14.51 7.76 15.12
N ASN C 236 13.57 8.16 15.98
CA ASN C 236 12.93 9.46 15.81
C ASN C 236 13.90 10.63 15.93
N GLN C 237 15.09 10.41 16.47
CA GLN C 237 16.06 11.48 16.70
C GLN C 237 17.05 11.53 15.53
N LEU C 238 17.86 12.59 15.48
CA LEU C 238 18.88 12.59 14.45
C LEU C 238 19.92 11.49 14.70
N PRO C 239 20.72 11.16 13.68
CA PRO C 239 21.81 10.21 13.90
C PRO C 239 22.98 10.85 14.63
N GLY C 240 23.68 10.02 15.40
CA GLY C 240 24.86 10.46 16.11
C GLY C 240 25.92 9.37 16.13
N PRO C 241 27.15 9.74 16.50
CA PRO C 241 28.24 8.77 16.53
C PRO C 241 27.83 7.49 17.23
N ALA C 242 28.24 6.36 16.66
CA ALA C 242 27.94 5.08 17.29
C ALA C 242 28.52 5.07 18.70
N SER C 243 27.91 4.29 19.57
CA SER C 243 28.38 4.19 20.94
C SER C 243 29.85 3.78 20.99
N THR C 244 30.18 2.68 20.29
CA THR C 244 31.52 2.09 20.31
C THR C 244 32.62 3.04 19.85
N LEU C 245 32.28 4.17 19.24
CA LEU C 245 33.26 5.12 18.70
C LEU C 245 33.27 6.44 19.44
N LYS C 246 32.51 6.57 20.54
CA LYS C 246 32.43 7.82 21.28
C LYS C 246 33.68 8.12 22.13
N PRO C 247 34.26 7.15 22.85
CA PRO C 247 35.55 7.39 23.50
C PRO C 247 36.60 7.73 22.46
N PRO C 248 37.16 8.94 22.50
CA PRO C 248 38.26 9.26 21.59
C PRO C 248 39.49 8.32 21.68
N LYS C 249 39.54 7.34 22.59
CA LYS C 249 40.64 6.33 22.62
C LYS C 249 40.13 5.01 23.28
N GLY C 250 38.84 4.71 23.07
CA GLY C 250 38.27 3.43 23.40
C GLY C 250 38.85 2.32 22.55
N GLU C 251 38.35 1.11 22.83
CA GLU C 251 38.70 -0.05 22.03
C GLU C 251 38.31 0.16 20.57
N GLY C 252 37.08 0.59 20.33
CA GLY C 252 36.58 0.78 19.00
C GLY C 252 37.40 1.75 18.16
N ARG C 253 37.60 2.96 18.65
CA ARG C 253 38.29 3.94 17.83
C ARG C 253 39.75 3.52 17.60
N MET C 254 40.35 2.83 18.58
CA MET C 254 41.68 2.28 18.36
C MET C 254 41.66 1.28 17.22
N PHE C 255 40.73 0.32 17.29
CA PHE C 255 40.53 -0.65 16.21
C PHE C 255 40.43 0.01 14.85
N LEU C 256 39.61 1.05 14.75
CA LEU C 256 39.50 1.78 13.48
C LEU C 256 40.86 2.34 13.05
N SER C 257 41.63 2.89 14.00
CA SER C 257 42.96 3.40 13.66
C SER C 257 43.88 2.30 13.17
N ASP C 258 43.64 1.05 13.57
CA ASP C 258 44.54 -0.04 13.18
C ASP C 258 44.36 -0.51 11.74
N ILE C 259 43.23 -0.24 11.09
CA ILE C 259 42.98 -0.94 9.83
C ILE C 259 42.76 -0.08 8.59
N PRO C 260 43.15 1.21 8.55
CA PRO C 260 42.81 1.99 7.36
C PRO C 260 43.23 1.36 6.07
N ILE C 261 44.31 0.58 6.05
CA ILE C 261 44.75 -0.02 4.79
C ILE C 261 43.79 -1.14 4.38
N ALA C 262 43.30 -1.92 5.34
CA ALA C 262 42.33 -2.96 5.00
C ALA C 262 40.99 -2.36 4.61
N SER C 263 40.56 -1.33 5.35
CA SER C 263 39.33 -0.62 4.96
C SER C 263 39.43 -0.09 3.54
N ALA C 264 40.57 0.51 3.20
CA ALA C 264 40.72 1.08 1.86
C ALA C 264 40.70 -0.01 0.81
N LEU C 265 41.32 -1.15 1.09
CA LEU C 265 41.26 -2.24 0.12
C LEU C 265 39.83 -2.67 -0.11
N VAL C 266 39.02 -2.70 0.97
CA VAL C 266 37.64 -3.17 0.85
C VAL C 266 36.81 -2.17 0.05
N GLY C 267 36.98 -0.88 0.32
CA GLY C 267 36.34 0.13 -0.51
C GLY C 267 36.67 -0.04 -1.98
N ALA C 268 37.97 -0.22 -2.27
CA ALA C 268 38.42 -0.36 -3.65
C ALA C 268 37.77 -1.57 -4.32
N ILE C 269 37.63 -2.67 -3.59
CA ILE C 269 36.97 -3.83 -4.18
C ILE C 269 35.54 -3.48 -4.56
N LEU C 270 34.88 -2.71 -3.68
CA LEU C 270 33.51 -2.29 -3.96
C LEU C 270 33.44 -1.47 -5.26
N ALA C 271 34.35 -0.50 -5.41
CA ALA C 271 34.38 0.34 -6.61
C ALA C 271 34.55 -0.49 -7.88
N GLN C 272 35.40 -1.53 -7.83
CA GLN C 272 35.47 -2.43 -8.98
C GLN C 272 34.14 -3.13 -9.23
N ILE C 273 33.37 -3.43 -8.20
CA ILE C 273 32.10 -4.10 -8.48
C ILE C 273 30.97 -3.13 -8.82
N ASN C 274 30.95 -1.94 -8.23
CA ASN C 274 29.80 -1.03 -8.38
C ASN C 274 30.30 0.39 -8.07
N GLN C 275 30.79 1.07 -9.11
CA GLN C 275 31.31 2.39 -8.82
C GLN C 275 30.24 3.38 -8.40
N PRO C 276 29.06 3.40 -9.05
CA PRO C 276 28.01 4.32 -8.58
C PRO C 276 27.84 4.20 -7.08
N LEU C 277 27.76 2.97 -6.55
CA LEU C 277 27.52 2.82 -5.11
C LEU C 277 28.67 3.39 -4.29
N PHE C 278 29.91 3.11 -4.70
CA PHE C 278 31.09 3.60 -3.98
C PHE C 278 31.14 5.12 -3.99
N GLU C 279 31.04 5.68 -5.19
CA GLU C 279 31.04 7.13 -5.39
C GLU C 279 29.94 7.82 -4.58
N SER C 280 28.77 7.16 -4.49
CA SER C 280 27.65 7.71 -3.75
C SER C 280 27.94 7.71 -2.25
N GLY C 281 28.29 6.54 -1.69
CA GLY C 281 28.69 6.48 -0.29
C GLY C 281 29.72 7.53 0.08
N VAL C 282 30.66 7.82 -0.82
CA VAL C 282 31.64 8.85 -0.53
C VAL C 282 30.99 10.22 -0.49
N LYS C 283 30.14 10.54 -1.48
CA LYS C 283 29.44 11.83 -1.45
C LYS C 283 28.65 12.00 -0.15
N VAL C 284 28.01 10.92 0.32
CA VAL C 284 27.25 10.97 1.57
C VAL C 284 28.15 11.35 2.73
N LEU C 285 29.28 10.65 2.89
CA LEU C 285 30.21 11.00 3.99
C LEU C 285 30.71 12.43 3.85
N ARG C 286 31.07 12.83 2.64
CA ARG C 286 31.40 14.23 2.37
C ARG C 286 30.34 15.17 2.96
N GLU C 287 29.06 14.82 2.78
CA GLU C 287 27.98 15.68 3.24
C GLU C 287 27.83 15.66 4.77
N LEU C 288 27.91 14.46 5.38
CA LEU C 288 27.89 14.35 6.84
C LEU C 288 29.00 15.19 7.47
N TYR C 289 30.16 15.24 6.83
CA TYR C 289 31.28 15.99 7.39
C TYR C 289 31.10 17.49 7.18
N SER C 290 30.64 17.91 5.99
CA SER C 290 30.58 19.33 5.71
C SER C 290 29.35 20.00 6.32
N ASN C 291 28.32 19.24 6.69
CA ASN C 291 27.03 19.79 7.11
C ASN C 291 26.68 19.26 8.50
N SER C 292 26.85 20.13 9.51
CA SER C 292 26.64 19.75 10.91
C SER C 292 25.17 19.52 11.25
N LYS C 293 24.26 20.03 10.41
CA LYS C 293 22.83 20.05 10.72
C LYS C 293 22.21 18.67 10.67
N LEU C 294 22.91 17.66 10.15
CA LEU C 294 22.34 16.34 9.99
C LEU C 294 22.62 15.42 11.17
N THR C 295 23.46 15.82 12.10
CA THR C 295 24.01 14.86 13.04
C THR C 295 24.04 15.41 14.46
N LYS C 296 23.56 14.60 15.40
CA LYS C 296 23.89 14.75 16.81
C LYS C 296 25.40 14.71 16.98
N ASP C 297 25.91 15.55 17.88
CA ASP C 297 27.27 15.37 18.37
C ASP C 297 28.26 15.45 17.21
N HIS C 298 28.16 16.56 16.49
CA HIS C 298 28.63 16.61 15.11
C HIS C 298 30.14 16.48 15.01
N SER C 299 30.91 17.09 15.92
CA SER C 299 32.35 17.06 15.72
C SER C 299 33.00 15.78 16.20
N THR C 300 32.35 15.02 17.09
CA THR C 300 32.76 13.63 17.25
C THR C 300 32.56 12.85 15.94
N VAL C 301 31.48 13.15 15.21
CA VAL C 301 31.29 12.57 13.88
C VAL C 301 32.45 12.96 12.97
N SER C 302 32.64 14.27 12.77
CA SER C 302 33.80 14.77 12.02
C SER C 302 35.07 13.99 12.35
N LYS C 303 35.31 13.77 13.64
CA LYS C 303 36.52 13.07 14.05
C LYS C 303 36.51 11.63 13.54
N ILE C 304 35.35 10.97 13.61
CA ILE C 304 35.28 9.61 13.10
C ILE C 304 35.40 9.57 11.58
N ILE C 305 34.91 10.60 10.90
CA ILE C 305 34.96 10.62 9.44
C ILE C 305 36.40 10.78 8.98
N GLU C 306 37.19 11.61 9.67
CA GLU C 306 38.59 11.80 9.28
C GLU C 306 39.40 10.52 9.34
N ILE C 307 38.97 9.51 10.08
CA ILE C 307 39.67 8.22 10.13
C ILE C 307 38.81 7.10 9.56
N TRP C 308 37.70 7.45 8.92
CA TRP C 308 36.82 6.47 8.32
C TRP C 308 37.35 6.19 6.92
N PHE C 309 37.97 5.03 6.73
CA PHE C 309 38.67 4.81 5.47
C PHE C 309 37.85 3.87 4.59
N SER C 310 36.60 4.24 4.38
CA SER C 310 35.63 3.33 3.82
C SER C 310 34.51 4.16 3.21
N PRO C 311 33.86 3.68 2.17
CA PRO C 311 32.68 4.39 1.67
C PRO C 311 31.38 3.82 2.23
N PHE C 312 31.47 2.72 2.99
CA PHE C 312 30.28 2.12 3.55
C PHE C 312 29.74 2.93 4.72
N SER C 313 28.44 2.74 4.98
CA SER C 313 27.81 3.41 6.11
C SER C 313 28.24 2.79 7.42
N SER C 314 28.62 1.51 7.40
CA SER C 314 28.73 0.82 8.67
C SER C 314 29.60 -0.42 8.53
N LEU C 315 30.57 -0.56 9.44
CA LEU C 315 31.34 -1.79 9.58
C LEU C 315 30.89 -2.53 10.83
N SER C 316 30.85 -3.86 10.76
CA SER C 316 30.37 -4.66 11.87
C SER C 316 31.24 -5.91 11.96
N LEU C 317 31.87 -6.09 13.12
CA LEU C 317 32.73 -7.24 13.38
C LEU C 317 31.93 -8.34 14.08
N ILE C 318 32.11 -9.57 13.61
CA ILE C 318 31.36 -10.74 14.07
C ILE C 318 32.41 -11.75 14.48
N VAL C 319 32.75 -11.78 15.76
CA VAL C 319 33.82 -12.63 16.28
C VAL C 319 33.22 -13.90 16.83
N ASN C 320 33.63 -15.03 16.26
CA ASN C 320 33.28 -16.39 16.70
C ASN C 320 31.77 -16.57 16.86
N ARG C 321 31.10 -16.50 15.71
CA ARG C 321 29.70 -16.87 15.58
C ARG C 321 29.50 -17.45 14.19
N ALA C 322 28.93 -18.65 14.10
CA ALA C 322 28.39 -19.05 12.82
C ALA C 322 27.27 -18.07 12.44
N THR C 323 26.83 -18.16 11.19
CA THR C 323 25.68 -17.40 10.85
C THR C 323 24.67 -18.30 10.15
N PRO C 324 23.39 -18.17 10.49
CA PRO C 324 22.40 -19.05 9.90
C PRO C 324 21.91 -18.52 8.54
N ILE C 325 21.57 -19.46 7.65
CA ILE C 325 21.13 -19.05 6.32
C ILE C 325 19.96 -18.08 6.46
N HIS C 326 20.17 -16.84 6.02
CA HIS C 326 19.23 -15.73 6.29
C HIS C 326 19.26 -14.73 5.14
N ARG C 327 18.61 -13.58 5.36
CA ARG C 327 18.80 -12.35 4.60
C ARG C 327 18.87 -11.16 5.53
N ASP C 328 19.62 -10.14 5.12
CA ASP C 328 19.63 -8.88 5.83
C ASP C 328 18.23 -8.25 5.81
N THR C 329 17.69 -7.96 6.98
CA THR C 329 16.34 -7.38 7.02
C THR C 329 16.39 -5.87 6.88
N SER C 330 17.38 -5.22 7.47
CA SER C 330 17.48 -3.77 7.45
C SER C 330 18.22 -3.30 6.20
N GLY C 331 18.31 -1.98 6.00
CA GLY C 331 19.21 -1.43 5.01
C GLY C 331 18.77 -1.62 3.57
N PRO C 332 19.38 -0.84 2.67
CA PRO C 332 18.76 -0.61 1.35
C PRO C 332 18.62 -1.89 0.54
N ILE C 333 17.50 -1.96 -0.19
CA ILE C 333 17.18 -3.10 -1.03
C ILE C 333 18.24 -3.37 -2.08
N GLU C 334 18.81 -2.33 -2.66
CA GLU C 334 19.82 -2.54 -3.68
C GLU C 334 21.24 -2.35 -3.18
N GLY C 335 21.48 -2.62 -1.88
CA GLY C 335 22.79 -2.45 -1.29
C GLY C 335 23.67 -3.68 -1.43
N MET C 336 24.94 -3.43 -1.80
CA MET C 336 25.97 -4.46 -1.96
C MET C 336 26.76 -4.54 -0.67
N ASP C 337 26.64 -5.66 0.06
CA ASP C 337 27.43 -5.86 1.27
C ASP C 337 28.77 -6.53 0.94
N ILE C 338 29.79 -6.19 1.70
CA ILE C 338 31.10 -6.84 1.51
C ILE C 338 31.50 -7.51 2.82
N LEU C 339 31.74 -8.83 2.75
CA LEU C 339 32.15 -9.67 3.87
C LEU C 339 33.60 -10.11 3.70
N VAL C 340 34.42 -9.86 4.72
CA VAL C 340 35.82 -10.30 4.79
C VAL C 340 35.92 -11.31 5.93
N THR C 341 36.13 -12.58 5.61
CA THR C 341 36.33 -13.60 6.65
C THR C 341 37.82 -13.82 6.93
N GLY C 342 38.14 -14.09 8.19
CA GLY C 342 39.50 -14.41 8.54
C GLY C 342 39.60 -15.33 9.75
N GLY C 343 40.85 -15.63 10.12
CA GLY C 343 41.15 -16.37 11.33
C GLY C 343 42.12 -17.51 11.15
N ASN C 344 41.90 -18.62 11.86
CA ASN C 344 42.72 -19.80 11.72
C ASN C 344 41.84 -21.03 11.87
N TYR C 345 40.71 -21.02 11.18
CA TYR C 345 39.92 -22.19 10.86
C TYR C 345 40.40 -22.72 9.51
N SER C 346 39.69 -23.69 8.94
CA SER C 346 40.25 -24.41 7.81
C SER C 346 39.20 -25.05 6.91
N ASN C 347 37.98 -25.15 7.42
CA ASN C 347 36.88 -25.78 6.71
C ASN C 347 35.75 -24.78 6.49
N GLY C 348 36.11 -23.52 6.20
CA GLY C 348 35.11 -22.49 5.98
C GLY C 348 34.20 -22.83 4.82
N VAL C 349 32.90 -22.67 5.02
CA VAL C 349 31.94 -22.97 3.98
C VAL C 349 30.92 -21.85 4.00
N LEU C 350 30.63 -21.26 2.85
CA LEU C 350 29.56 -20.29 2.73
C LEU C 350 28.48 -20.89 1.85
N VAL C 351 27.22 -20.77 2.28
CA VAL C 351 26.15 -21.51 1.63
C VAL C 351 25.15 -20.54 1.02
N THR C 352 24.86 -20.75 -0.27
CA THR C 352 23.83 -19.99 -0.98
C THR C 352 22.84 -21.00 -1.54
N PRO C 353 21.73 -21.24 -0.83
CA PRO C 353 20.74 -22.20 -1.31
C PRO C 353 20.07 -21.75 -2.58
N SER C 354 19.81 -20.43 -2.70
CA SER C 354 19.17 -19.88 -3.89
C SER C 354 19.90 -20.30 -5.15
N PHE C 355 21.24 -20.30 -5.11
CA PHE C 355 22.06 -20.59 -6.28
C PHE C 355 22.53 -22.03 -6.36
N ASN C 356 22.14 -22.88 -5.39
CA ASN C 356 22.56 -24.28 -5.35
C ASN C 356 24.07 -24.39 -5.23
N ARG C 357 24.65 -23.64 -4.28
CA ARG C 357 26.12 -23.66 -4.18
C ARG C 357 26.60 -23.56 -2.74
N ARG C 358 27.73 -24.23 -2.49
CA ARG C 358 28.60 -23.99 -1.34
C ARG C 358 29.91 -23.41 -1.87
N TRP C 359 30.54 -22.56 -1.06
CA TRP C 359 31.74 -21.81 -1.47
C TRP C 359 32.82 -21.91 -0.39
N THR C 360 33.99 -22.40 -0.78
CA THR C 360 35.11 -22.45 0.15
C THR C 360 35.40 -21.06 0.70
N TYR C 361 35.33 -20.92 2.02
CA TYR C 361 35.26 -19.62 2.67
C TYR C 361 36.30 -19.58 3.81
N ASN C 362 37.57 -19.62 3.46
CA ASN C 362 38.67 -19.65 4.42
C ASN C 362 39.29 -18.28 4.57
N PRO C 363 40.17 -18.07 5.56
CA PRO C 363 40.68 -16.71 5.83
C PRO C 363 41.16 -16.02 4.57
N GLY C 364 41.03 -14.68 4.58
CA GLY C 364 41.32 -13.86 3.43
C GLY C 364 40.30 -13.89 2.31
N CYS C 365 39.24 -14.69 2.43
CA CYS C 365 38.17 -14.73 1.42
C CYS C 365 37.27 -13.51 1.54
N VAL C 366 36.89 -12.96 0.39
CA VAL C 366 36.00 -11.80 0.34
C VAL C 366 34.79 -12.19 -0.48
N VAL C 367 33.63 -11.74 -0.04
CA VAL C 367 32.37 -12.00 -0.72
C VAL C 367 31.57 -10.69 -0.80
N ALA C 368 31.07 -10.38 -1.99
CA ALA C 368 30.16 -9.25 -2.13
C ALA C 368 28.79 -9.76 -2.53
N LEU C 369 27.73 -9.24 -1.91
CA LEU C 369 26.44 -9.84 -2.20
C LEU C 369 25.34 -8.84 -1.91
N LEU C 370 24.25 -8.97 -2.66
CA LEU C 370 23.06 -8.20 -2.30
C LEU C 370 22.46 -8.82 -1.03
N GLY C 371 22.68 -8.14 0.11
CA GLY C 371 22.34 -8.72 1.40
C GLY C 371 20.87 -9.08 1.51
N LYS C 372 20.00 -8.16 1.10
CA LYS C 372 18.56 -8.38 1.18
C LYS C 372 18.08 -9.52 0.29
N LEU C 373 18.81 -9.86 -0.76
CA LEU C 373 18.30 -10.85 -1.69
C LEU C 373 18.86 -12.24 -1.43
N VAL C 374 20.14 -12.31 -1.12
CA VAL C 374 20.85 -13.58 -1.19
C VAL C 374 20.71 -14.30 0.14
N LEU C 375 20.13 -15.49 0.10
CA LEU C 375 20.24 -16.42 1.21
C LEU C 375 21.68 -16.84 1.40
N HIS C 376 22.26 -16.42 2.50
CA HIS C 376 23.67 -16.76 2.77
C HIS C 376 23.84 -17.25 4.18
N GLY C 377 24.71 -18.21 4.37
CA GLY C 377 24.97 -18.64 5.74
C GLY C 377 26.29 -19.34 5.85
N VAL C 378 26.90 -19.20 7.02
CA VAL C 378 28.18 -19.91 7.30
C VAL C 378 28.09 -20.79 8.54
N PRO C 379 28.34 -22.09 8.37
CA PRO C 379 28.37 -23.07 9.45
C PRO C 379 29.56 -22.93 10.42
N GLU C 380 29.53 -23.63 11.54
CA GLU C 380 30.65 -23.44 12.51
C GLU C 380 31.96 -24.03 12.01
N VAL C 381 33.06 -23.48 12.49
CA VAL C 381 34.37 -23.94 11.99
C VAL C 381 35.31 -24.29 13.13
N ASP C 382 36.12 -25.28 12.88
CA ASP C 382 37.11 -25.64 13.89
C ASP C 382 38.14 -24.52 13.99
N GLY C 383 37.99 -23.67 15.00
CA GLY C 383 38.96 -22.63 15.27
C GLY C 383 38.27 -21.30 15.47
N GLU C 384 39.10 -20.30 15.79
CA GLU C 384 38.63 -18.92 15.74
C GLU C 384 38.33 -18.53 14.28
N ARG C 385 37.19 -17.89 14.06
CA ARG C 385 36.84 -17.22 12.82
C ARG C 385 36.29 -15.85 13.15
N TYR C 386 36.49 -14.91 12.24
CA TYR C 386 35.94 -13.59 12.48
C TYR C 386 35.52 -13.02 11.13
N CYS C 387 34.57 -12.09 11.18
CA CYS C 387 34.01 -11.52 9.96
C CYS C 387 33.92 -10.02 10.06
N MET C 388 34.41 -9.34 9.03
CA MET C 388 34.18 -7.91 8.84
C MET C 388 33.09 -7.75 7.77
N ALA C 389 31.93 -7.23 8.19
CA ALA C 389 30.83 -6.93 7.29
C ALA C 389 30.77 -5.43 7.07
N HIS C 390 30.72 -5.02 5.81
CA HIS C 390 30.52 -3.63 5.43
C HIS C 390 29.16 -3.51 4.75
N PHE C 391 28.33 -2.59 5.25
CA PHE C 391 26.94 -2.48 4.82
C PHE C 391 26.47 -1.03 4.96
N TRP C 392 25.17 -0.84 4.74
CA TRP C 392 24.61 0.46 4.39
C TRP C 392 23.36 0.76 5.19
N ARG C 393 23.15 2.05 5.44
CA ARG C 393 21.94 2.57 6.06
C ARG C 393 21.39 3.65 5.14
N GLU C 394 20.28 3.32 4.46
CA GLU C 394 19.74 4.18 3.40
C GLU C 394 19.32 5.55 3.92
N ARG C 395 18.85 5.62 5.17
CA ARG C 395 18.40 6.91 5.70
C ARG C 395 19.50 7.94 5.63
N LEU C 396 20.76 7.49 5.68
CA LEU C 396 21.88 8.42 5.55
C LEU C 396 21.92 9.03 4.17
N PHE C 397 21.70 8.22 3.13
CA PHE C 397 21.65 8.75 1.78
C PHE C 397 20.53 9.78 1.64
N ASP C 398 19.35 9.43 2.15
CA ASP C 398 18.26 10.41 2.16
C ASP C 398 18.68 11.70 2.86
N ALA C 399 19.20 11.56 4.10
CA ALA C 399 19.66 12.71 4.87
C ALA C 399 20.65 13.57 4.11
N ALA C 400 21.60 12.95 3.41
CA ALA C 400 22.61 13.70 2.67
C ALA C 400 22.11 14.19 1.32
N GLY C 401 20.89 13.82 0.95
CA GLY C 401 20.38 14.24 -0.35
C GLY C 401 21.09 13.55 -1.47
N VAL C 402 21.32 12.24 -1.35
CA VAL C 402 22.10 11.48 -2.31
C VAL C 402 21.31 10.22 -2.63
N PRO C 403 20.89 10.01 -3.88
CA PRO C 403 20.06 8.84 -4.19
C PRO C 403 20.88 7.57 -4.16
N PHE C 404 20.27 6.52 -3.63
CA PHE C 404 20.92 5.23 -3.62
C PHE C 404 20.80 4.57 -4.99
N PRO C 405 21.91 4.31 -5.69
CA PRO C 405 21.84 3.75 -7.04
C PRO C 405 21.38 2.31 -7.03
N TYR C 406 21.03 1.78 -8.26
CA TYR C 406 20.65 0.37 -8.41
C TYR C 406 21.88 -0.45 -8.74
N PRO C 407 21.88 -1.73 -8.41
CA PRO C 407 23.08 -2.53 -8.60
C PRO C 407 23.62 -2.41 -10.01
N SER C 408 24.93 -2.47 -10.11
CA SER C 408 25.65 -2.40 -11.37
C SER C 408 25.54 -3.70 -12.14
N LYS C 409 25.64 -3.60 -13.46
CA LYS C 409 25.80 -4.81 -14.26
C LYS C 409 27.29 -5.06 -14.48
N TRP C 410 27.63 -6.30 -14.85
CA TRP C 410 29.04 -6.69 -14.89
C TRP C 410 29.80 -6.02 -16.05
N GLN C 411 29.13 -5.76 -17.20
CA GLN C 411 29.85 -5.16 -18.31
C GLN C 411 30.47 -3.84 -17.91
N GLU C 412 29.83 -3.12 -16.98
CA GLU C 412 30.32 -1.81 -16.56
C GLU C 412 31.77 -1.84 -16.06
N SER C 413 32.26 -2.99 -15.56
CA SER C 413 33.67 -3.05 -15.15
C SER C 413 34.60 -2.99 -16.33
N TYR C 414 34.15 -3.45 -17.50
CA TYR C 414 35.04 -3.58 -18.64
C TYR C 414 35.22 -2.27 -19.38
N THR C 415 34.20 -1.42 -19.40
CA THR C 415 34.20 -0.27 -20.28
C THR C 415 33.00 0.59 -19.97
N ASN C 416 33.09 1.87 -20.33
CA ASN C 416 31.93 2.76 -20.31
C ASN C 416 31.40 3.07 -21.71
N ILE C 417 31.95 2.44 -22.74
CA ILE C 417 31.66 2.77 -24.13
C ILE C 417 30.51 1.91 -24.60
N PRO C 418 29.35 2.50 -24.95
CA PRO C 418 28.17 1.74 -25.39
C PRO C 418 28.26 1.30 -26.86
N GLU C 419 29.22 0.44 -27.13
CA GLU C 419 29.29 -0.32 -28.37
C GLU C 419 30.08 -1.55 -28.01
N ALA C 420 30.94 -1.38 -27.01
CA ALA C 420 31.78 -2.44 -26.48
C ALA C 420 31.21 -3.11 -25.25
N LEU C 421 30.44 -2.40 -24.41
CA LEU C 421 29.77 -3.17 -23.35
C LEU C 421 28.52 -3.85 -23.87
N GLN C 422 28.11 -3.52 -25.10
CA GLN C 422 27.23 -4.40 -25.86
C GLN C 422 28.00 -5.51 -26.56
N TRP C 423 29.28 -5.29 -26.86
CA TRP C 423 30.10 -6.35 -27.43
C TRP C 423 30.36 -7.47 -26.43
N HIS C 424 30.47 -7.14 -25.14
CA HIS C 424 30.95 -8.09 -24.13
C HIS C 424 29.89 -9.13 -23.75
N ARG C 425 28.64 -8.68 -23.57
CA ARG C 425 27.57 -9.62 -23.22
C ARG C 425 27.31 -10.62 -24.35
N ASP C 426 27.60 -10.23 -25.60
CA ASP C 426 27.38 -11.11 -26.75
C ASP C 426 28.32 -12.30 -26.77
N ASN C 427 29.41 -12.27 -26.01
CA ASN C 427 30.38 -13.35 -25.98
C ASN C 427 29.79 -14.66 -25.52
N LEU D 20 -13.42 -21.77 34.63
CA LEU D 20 -12.69 -20.62 35.16
C LEU D 20 -13.54 -19.36 35.13
N LEU D 21 -13.69 -18.71 36.28
CA LEU D 21 -14.45 -17.47 36.39
C LEU D 21 -13.68 -16.40 37.17
N LEU D 22 -12.40 -16.63 37.46
CA LEU D 22 -11.61 -15.66 38.20
C LEU D 22 -11.63 -14.30 37.52
N ILE D 23 -11.13 -14.25 36.27
CA ILE D 23 -10.91 -12.96 35.63
C ILE D 23 -12.23 -12.21 35.46
N ASP D 24 -13.31 -12.93 35.12
CA ASP D 24 -14.69 -12.44 35.16
C ASP D 24 -14.96 -11.57 36.41
N GLU D 25 -15.16 -12.10 37.64
CA GLU D 25 -15.38 -11.03 38.58
C GLU D 25 -14.08 -10.31 38.96
N ALA D 26 -12.88 -10.77 38.62
CA ALA D 26 -11.76 -9.95 39.10
C ALA D 26 -11.87 -8.59 38.44
N ALA D 27 -12.37 -8.60 37.20
CA ALA D 27 -12.71 -7.39 36.48
C ALA D 27 -13.89 -6.67 37.10
N ALA D 28 -14.97 -7.42 37.38
CA ALA D 28 -16.13 -6.80 38.03
C ALA D 28 -15.73 -6.07 39.32
N VAL D 29 -15.19 -6.83 40.27
CA VAL D 29 -14.45 -6.39 41.45
C VAL D 29 -13.72 -5.08 41.19
N LEU D 30 -12.67 -5.12 40.35
CA LEU D 30 -11.85 -3.94 40.12
C LEU D 30 -12.69 -2.72 39.73
N GLY D 31 -13.63 -2.90 38.80
CA GLY D 31 -14.48 -1.80 38.39
C GLY D 31 -15.25 -1.17 39.55
N ARG D 32 -15.78 -2.03 40.43
CA ARG D 32 -16.39 -1.54 41.67
C ARG D 32 -15.41 -0.70 42.47
N MET D 33 -14.15 -1.16 42.62
CA MET D 33 -13.25 -0.37 43.46
C MET D 33 -12.91 0.97 42.80
N ILE D 34 -12.98 1.05 41.47
CA ILE D 34 -12.71 2.31 40.77
C ILE D 34 -13.85 3.31 41.01
N GLN D 35 -15.09 2.84 40.80
CA GLN D 35 -16.28 3.64 41.06
C GLN D 35 -16.38 4.05 42.51
N GLY D 36 -15.84 3.21 43.40
CA GLY D 36 -15.80 3.59 44.79
C GLY D 36 -14.75 4.64 45.08
N LEU D 37 -13.64 4.61 44.32
CA LEU D 37 -12.65 5.67 44.44
C LEU D 37 -13.15 6.98 43.85
N ARG D 38 -14.09 6.91 42.91
CA ARG D 38 -14.63 8.12 42.28
C ARG D 38 -15.66 8.82 43.16
N THR D 39 -16.62 8.08 43.74
CA THR D 39 -17.68 8.76 44.49
C THR D 39 -17.29 9.12 45.93
N GLY D 40 -16.46 8.32 46.61
CA GLY D 40 -16.07 8.67 47.96
C GLY D 40 -16.12 7.53 48.96
N ILE D 41 -17.20 6.75 48.94
CA ILE D 41 -17.38 5.60 49.83
C ILE D 41 -16.49 4.45 49.35
N PRO D 42 -15.47 4.06 50.12
CA PRO D 42 -14.61 2.95 49.70
C PRO D 42 -15.39 1.63 49.69
N TYR D 43 -15.26 0.90 48.59
CA TYR D 43 -15.85 -0.43 48.48
C TYR D 43 -15.19 -1.38 49.47
N ILE D 44 -16.00 -2.27 50.03
CA ILE D 44 -15.54 -3.42 50.85
C ILE D 44 -16.17 -4.67 50.21
N HIS D 45 -15.37 -5.72 49.99
CA HIS D 45 -15.72 -6.92 49.17
C HIS D 45 -16.55 -7.95 49.97
N THR D 46 -17.86 -7.77 49.93
CA THR D 46 -18.85 -8.57 50.73
C THR D 46 -19.01 -10.01 50.22
N GLU D 47 -18.52 -10.31 49.03
CA GLU D 47 -18.65 -11.68 48.46
C GLU D 47 -17.57 -12.66 48.99
N ASN D 48 -17.83 -13.95 48.80
CA ASN D 48 -16.90 -15.06 49.18
C ASN D 48 -16.74 -15.94 47.94
N ASP D 49 -15.98 -15.38 47.00
CA ASP D 49 -15.58 -15.89 45.67
C ASP D 49 -14.07 -16.10 45.70
N SER D 50 -13.44 -15.97 44.55
CA SER D 50 -12.02 -16.27 44.39
C SER D 50 -11.12 -15.07 44.66
N ILE D 51 -11.68 -13.85 44.73
CA ILE D 51 -10.88 -12.64 44.92
C ILE D 51 -10.43 -12.51 46.37
N LYS D 52 -11.30 -12.85 47.33
CA LYS D 52 -10.89 -12.83 48.72
C LYS D 52 -9.98 -14.01 49.07
N ALA D 53 -10.04 -15.10 48.30
CA ALA D 53 -9.13 -16.22 48.51
C ALA D 53 -7.67 -15.82 48.30
N ASN D 54 -7.42 -14.82 47.45
CA ASN D 54 -6.08 -14.27 47.22
C ASN D 54 -6.03 -12.83 47.72
N PRO D 55 -5.58 -12.59 48.96
CA PRO D 55 -5.43 -11.20 49.43
C PRO D 55 -4.38 -10.43 48.67
N ILE D 56 -3.37 -11.14 48.14
CA ILE D 56 -2.38 -10.53 47.26
C ILE D 56 -3.04 -9.92 46.03
N LEU D 57 -4.02 -10.62 45.46
CA LEU D 57 -4.73 -10.08 44.31
C LEU D 57 -5.57 -8.87 44.69
N ARG D 58 -6.08 -8.82 45.92
CA ARG D 58 -6.82 -7.64 46.37
C ARG D 58 -5.91 -6.43 46.54
N THR D 59 -4.73 -6.61 47.15
CA THR D 59 -3.83 -5.47 47.27
C THR D 59 -3.31 -5.03 45.90
N ALA D 60 -3.16 -5.98 44.96
CA ALA D 60 -2.79 -5.63 43.59
C ALA D 60 -3.89 -4.83 42.90
N LEU D 61 -5.15 -5.31 43.00
CA LEU D 61 -6.27 -4.58 42.41
C LEU D 61 -6.46 -3.22 43.09
N TRP D 62 -6.07 -3.08 44.37
CA TRP D 62 -6.08 -1.80 45.07
C TRP D 62 -5.09 -0.81 44.45
N GLN D 63 -3.81 -1.17 44.55
CA GLN D 63 -2.73 -0.42 43.91
C GLN D 63 -3.11 0.00 42.49
N ALA D 64 -3.55 -0.97 41.69
CA ALA D 64 -4.11 -0.70 40.37
C ALA D 64 -5.19 0.37 40.46
N ALA D 65 -6.35 0.03 41.03
CA ALA D 65 -7.47 0.95 41.18
C ALA D 65 -7.04 2.40 41.36
N TYR D 66 -6.06 2.62 42.24
CA TYR D 66 -5.56 3.98 42.46
C TYR D 66 -4.90 4.53 41.21
N VAL D 67 -3.98 3.76 40.61
CA VAL D 67 -3.31 4.29 39.42
C VAL D 67 -4.31 4.53 38.28
N LEU D 68 -5.27 3.62 38.09
CA LEU D 68 -6.20 3.76 36.95
C LEU D 68 -7.09 4.99 37.10
N GLU D 69 -7.71 5.12 38.29
CA GLU D 69 -8.53 6.28 38.58
C GLU D 69 -7.76 7.57 38.31
N LYS D 70 -6.52 7.66 38.80
CA LYS D 70 -5.74 8.86 38.53
C LYS D 70 -5.52 9.06 37.04
N ALA D 71 -5.34 7.95 36.30
CA ALA D 71 -5.01 8.05 34.89
C ALA D 71 -6.14 8.66 34.07
N TYR D 72 -7.36 8.08 34.16
CA TYR D 72 -8.49 8.62 33.39
C TYR D 72 -8.68 10.11 33.62
N ARG D 73 -8.14 10.64 34.72
CA ARG D 73 -8.19 12.04 35.10
C ARG D 73 -7.14 12.89 34.41
N ARG D 74 -6.28 12.29 33.59
CA ARG D 74 -5.25 13.04 32.87
C ARG D 74 -5.25 12.57 31.43
N ARG D 75 -5.91 13.32 30.55
CA ARG D 75 -6.09 12.86 29.17
C ARG D 75 -5.86 14.00 28.19
N TYR D 76 -4.93 13.79 27.27
CA TYR D 76 -4.65 14.66 26.15
C TYR D 76 -5.36 14.17 24.91
N ARG D 77 -5.71 15.09 24.01
CA ARG D 77 -6.31 14.70 22.76
C ARG D 77 -5.52 15.18 21.56
N VAL D 78 -5.51 14.33 20.53
CA VAL D 78 -4.84 14.58 19.27
C VAL D 78 -5.91 15.03 18.28
N PRO D 79 -5.60 15.95 17.33
CA PRO D 79 -6.63 16.53 16.46
C PRO D 79 -6.94 15.66 15.23
N TRP D 80 -7.31 14.41 15.49
CA TRP D 80 -7.66 13.45 14.44
C TRP D 80 -8.24 12.20 15.11
N THR D 81 -8.84 11.36 14.30
CA THR D 81 -9.43 10.11 14.76
C THR D 81 -8.54 8.93 14.38
N ALA D 82 -8.55 7.92 15.23
CA ALA D 82 -7.88 6.67 14.89
C ALA D 82 -8.38 6.13 13.57
N ARG D 83 -9.65 6.38 13.25
CA ARG D 83 -10.21 5.86 12.00
C ARG D 83 -9.38 6.31 10.80
N ARG D 84 -8.96 7.59 10.79
CA ARG D 84 -8.24 8.14 9.63
C ARG D 84 -6.81 7.61 9.58
N TYR D 85 -6.11 7.69 10.72
CA TYR D 85 -4.77 7.12 10.81
C TYR D 85 -4.79 5.68 10.31
N MET D 86 -5.74 4.89 10.83
CA MET D 86 -6.01 3.56 10.32
C MET D 86 -6.11 3.53 8.79
N ARG D 87 -6.96 4.40 8.20
CA ARG D 87 -7.19 4.33 6.74
C ARG D 87 -5.87 4.50 6.00
N GLU D 88 -5.01 5.42 6.46
CA GLU D 88 -3.87 5.85 5.66
C GLU D 88 -2.68 4.91 5.78
N LEU D 89 -2.72 3.93 6.68
CA LEU D 89 -1.61 3.00 6.85
C LEU D 89 -1.61 1.94 5.75
N THR D 90 -0.41 1.57 5.28
CA THR D 90 -0.27 0.44 4.37
C THR D 90 -0.68 -0.80 5.16
N PRO D 91 -0.86 -1.99 4.54
CA PRO D 91 -1.28 -3.14 5.35
C PRO D 91 -0.17 -3.71 6.23
N ARG D 92 1.08 -3.29 6.00
CA ARG D 92 2.25 -3.78 6.72
C ARG D 92 3.25 -2.61 6.79
N GLN D 93 2.98 -1.66 7.68
CA GLN D 93 3.76 -0.43 7.84
C GLN D 93 4.33 -0.39 9.26
N ASP D 94 5.39 -1.18 9.51
CA ASP D 94 5.93 -1.30 10.86
C ASP D 94 6.71 -0.08 11.32
N GLY D 95 6.78 0.99 10.53
CA GLY D 95 7.47 2.18 10.95
C GLY D 95 8.97 2.20 10.68
N ARG D 96 9.48 1.27 9.87
CA ARG D 96 10.87 1.26 9.43
C ARG D 96 11.16 2.23 8.30
N ASN D 97 10.15 2.85 7.72
CA ASN D 97 10.36 3.69 6.53
C ASN D 97 10.35 5.16 6.94
N ALA D 98 11.47 5.84 6.83
CA ALA D 98 11.50 7.20 7.36
C ALA D 98 10.55 8.10 6.62
N ASN D 99 10.57 8.03 5.31
CA ASN D 99 9.77 8.98 4.51
C ASN D 99 8.30 8.73 4.77
N ARG D 100 7.90 7.48 4.84
CA ARG D 100 6.49 7.16 5.04
C ARG D 100 5.96 7.68 6.37
N GLU D 101 6.79 7.60 7.40
CA GLU D 101 6.46 8.05 8.76
C GLU D 101 6.42 9.55 8.78
N ALA D 102 7.27 10.16 8.00
CA ALA D 102 7.31 11.62 7.92
C ALA D 102 6.01 12.10 7.34
N VAL D 103 5.50 11.43 6.33
CA VAL D 103 4.20 11.91 5.79
C VAL D 103 3.14 11.75 6.86
N MET D 104 3.05 10.58 7.49
CA MET D 104 2.09 10.33 8.57
C MET D 104 2.13 11.44 9.61
N ALA D 105 3.34 11.92 9.92
CA ALA D 105 3.50 12.94 10.97
C ALA D 105 2.91 14.27 10.54
N LYS D 106 3.14 14.67 9.29
CA LYS D 106 2.54 15.90 8.81
C LYS D 106 1.01 15.79 8.77
N GLU D 107 0.49 14.64 8.34
CA GLU D 107 -0.96 14.49 8.23
C GLU D 107 -1.64 14.46 9.59
N PHE D 108 -0.97 13.97 10.63
CA PHE D 108 -1.57 13.82 11.95
C PHE D 108 -0.61 14.34 13.02
N PRO D 109 -0.43 15.65 13.11
CA PRO D 109 0.46 16.21 14.11
C PRO D 109 -0.01 15.87 15.51
N PRO D 110 0.87 15.96 16.52
CA PRO D 110 0.41 15.76 17.91
C PRO D 110 -0.72 16.68 18.33
N GLY D 111 -0.72 17.93 17.86
CA GLY D 111 -1.82 18.83 18.08
C GLY D 111 -1.59 19.79 19.24
N ALA D 112 -2.45 20.80 19.29
CA ALA D 112 -2.30 21.92 20.24
C ALA D 112 -1.98 21.45 21.66
N GLU D 113 -2.65 20.39 22.13
CA GLU D 113 -2.47 19.92 23.51
C GLU D 113 -1.11 19.28 23.77
N LEU D 114 -0.29 19.13 22.75
CA LEU D 114 0.88 18.26 22.77
C LEU D 114 2.11 18.79 22.04
N ASN D 115 1.95 19.58 20.96
CA ASN D 115 3.12 20.03 20.20
C ASN D 115 3.89 21.09 20.99
N SER D 116 4.21 20.76 22.24
CA SER D 116 5.06 21.59 23.09
C SER D 116 6.50 21.20 22.80
N ASP D 117 7.15 21.99 21.95
CA ASP D 117 8.52 21.71 21.51
C ASP D 117 9.42 21.34 22.68
N HIS D 118 10.13 20.22 22.53
CA HIS D 118 11.01 19.65 23.55
C HIS D 118 10.21 19.36 24.81
N PRO D 119 9.43 18.28 24.82
CA PRO D 119 8.59 17.97 25.99
C PRO D 119 9.39 17.27 27.07
N VAL D 120 8.92 17.43 28.31
CA VAL D 120 9.50 16.63 29.36
C VAL D 120 9.10 15.17 29.19
N GLN D 121 9.92 14.30 29.73
CA GLN D 121 9.53 12.91 29.92
C GLN D 121 8.43 12.86 30.98
N GLU D 122 7.41 12.03 30.76
CA GLU D 122 6.21 12.08 31.59
C GLU D 122 6.22 10.98 32.65
N ILE D 123 6.02 11.39 33.90
CA ILE D 123 5.93 10.47 35.03
C ILE D 123 4.51 10.29 35.57
N LEU D 124 3.66 11.31 35.47
CA LEU D 124 2.31 11.21 36.00
C LEU D 124 1.47 10.26 35.13
N PRO D 125 0.64 9.39 35.75
CA PRO D 125 -0.17 8.47 34.94
C PRO D 125 -1.12 9.27 34.07
N ALA D 126 -1.43 8.74 32.91
CA ALA D 126 -2.12 9.58 31.93
C ALA D 126 -2.65 8.71 30.80
N MET D 127 -3.15 9.36 29.76
CA MET D 127 -3.65 8.66 28.58
C MET D 127 -3.79 9.70 27.49
N ILE D 128 -3.77 9.23 26.25
CA ILE D 128 -4.11 10.08 25.13
C ILE D 128 -5.13 9.35 24.28
N ILE D 129 -5.95 10.13 23.59
CA ILE D 129 -7.24 9.74 23.04
C ILE D 129 -7.52 10.62 21.84
N ASP D 130 -8.33 10.11 20.91
CA ASP D 130 -8.46 10.77 19.61
C ASP D 130 -9.63 11.76 19.62
N ALA D 131 -9.79 12.48 18.51
CA ALA D 131 -10.77 13.55 18.42
C ALA D 131 -12.19 13.08 18.72
N GLU D 132 -12.46 11.78 18.60
CA GLU D 132 -13.75 11.19 18.93
C GLU D 132 -13.68 10.36 20.21
N ASP D 133 -12.78 10.74 21.12
CA ASP D 133 -12.73 10.29 22.51
C ASP D 133 -12.40 8.80 22.66
N HIS D 134 -11.84 8.17 21.63
CA HIS D 134 -11.38 6.79 21.74
C HIS D 134 -10.01 6.73 22.42
N ILE D 135 -9.84 5.75 23.31
CA ILE D 135 -8.53 5.47 23.90
C ILE D 135 -7.54 5.00 22.85
N LEU D 136 -6.44 5.74 22.72
CA LEU D 136 -5.26 5.34 21.96
C LEU D 136 -4.18 4.75 22.85
N PHE D 137 -3.85 5.42 23.96
CA PHE D 137 -2.65 5.11 24.72
C PHE D 137 -2.89 5.38 26.19
N CYS D 138 -2.79 4.34 27.03
CA CYS D 138 -2.99 4.47 28.46
C CYS D 138 -1.70 4.10 29.19
N TYR D 139 -1.27 4.98 30.10
CA TYR D 139 0.01 4.91 30.80
C TYR D 139 -0.25 4.80 32.29
N LEU D 140 0.09 3.64 32.87
CA LEU D 140 -0.08 3.34 34.29
C LEU D 140 1.28 3.02 34.88
N PRO D 141 1.97 4.01 35.47
CA PRO D 141 3.22 3.72 36.20
C PRO D 141 2.94 3.12 37.57
N SER D 142 3.80 2.16 37.96
CA SER D 142 3.71 1.46 39.25
C SER D 142 2.35 0.82 39.47
N CYS D 143 1.75 0.29 38.40
CA CYS D 143 0.40 -0.28 38.47
C CYS D 143 0.39 -1.67 39.07
N VAL D 144 1.52 -2.38 39.08
CA VAL D 144 1.56 -3.73 39.61
C VAL D 144 2.09 -3.68 41.05
N SER D 145 1.52 -4.52 41.92
CA SER D 145 1.99 -4.60 43.29
C SER D 145 3.41 -5.16 43.32
N PRO D 146 4.31 -4.57 44.13
CA PRO D 146 5.69 -5.09 44.19
C PRO D 146 5.77 -6.58 44.47
N ALA D 147 4.80 -7.13 45.20
CA ALA D 147 4.76 -8.57 45.45
C ALA D 147 4.61 -9.34 44.14
N ILE D 148 3.57 -9.00 43.36
CA ILE D 148 3.36 -9.66 42.07
C ILE D 148 4.60 -9.52 41.20
N MET D 149 5.39 -8.45 41.40
CA MET D 149 6.60 -8.29 40.61
C MET D 149 7.71 -9.20 41.10
N THR D 150 7.77 -9.49 42.41
CA THR D 150 8.61 -10.60 42.86
C THR D 150 8.17 -11.90 42.20
N ILE D 151 6.85 -12.07 42.01
CA ILE D 151 6.34 -13.36 41.53
C ILE D 151 6.75 -13.58 40.07
N ILE D 152 6.67 -12.52 39.25
CA ILE D 152 7.09 -12.60 37.85
C ILE D 152 8.61 -12.62 37.72
N ASP D 153 9.34 -11.75 38.44
CA ASP D 153 10.78 -11.97 38.60
C ASP D 153 11.13 -13.44 38.75
N ALA D 154 10.44 -14.13 39.66
CA ALA D 154 10.69 -15.55 39.88
C ALA D 154 10.36 -16.39 38.65
N ALA D 155 9.11 -16.32 38.19
CA ALA D 155 8.68 -17.17 37.07
C ALA D 155 9.50 -16.92 35.80
N VAL D 156 10.00 -15.70 35.64
CA VAL D 156 10.89 -15.36 34.53
C VAL D 156 12.25 -16.01 34.73
N GLY D 157 12.89 -15.73 35.88
CA GLY D 157 14.18 -16.31 36.15
C GLY D 157 14.20 -17.81 35.93
N THR D 158 13.17 -18.50 36.41
CA THR D 158 13.16 -19.96 36.31
C THR D 158 13.05 -20.45 34.87
N LEU D 159 12.59 -19.62 33.93
CA LEU D 159 12.40 -20.14 32.60
C LEU D 159 13.70 -19.94 31.84
N VAL D 222 12.93 -13.90 22.60
CA VAL D 222 11.52 -13.64 22.87
C VAL D 222 10.80 -14.98 22.77
N LEU D 223 9.65 -15.15 23.43
CA LEU D 223 8.96 -16.45 23.43
C LEU D 223 7.45 -16.26 23.46
N THR D 224 6.76 -17.00 22.59
CA THR D 224 5.32 -16.83 22.36
C THR D 224 4.55 -18.01 22.93
N PHE D 225 3.60 -17.72 23.83
CA PHE D 225 2.68 -18.68 24.42
C PHE D 225 1.27 -18.40 23.91
N ALA D 226 0.59 -19.46 23.46
CA ALA D 226 -0.79 -19.27 23.00
C ALA D 226 -1.53 -20.58 23.10
N PRO D 227 -2.77 -20.58 23.61
CA PRO D 227 -3.61 -21.79 23.48
C PRO D 227 -3.83 -22.21 22.03
N ALA D 228 -4.26 -21.29 21.17
CA ALA D 228 -4.33 -21.52 19.73
C ALA D 228 -3.37 -20.57 19.04
N TRP D 229 -2.63 -21.11 18.07
CA TRP D 229 -1.55 -20.39 17.44
C TRP D 229 -1.35 -20.98 16.05
N TRP D 230 -0.72 -20.21 15.18
CA TRP D 230 -0.32 -20.71 13.86
C TRP D 230 1.19 -20.68 13.78
N PRO D 231 1.87 -21.83 13.70
CA PRO D 231 3.31 -21.80 13.44
C PRO D 231 3.57 -21.35 12.02
N VAL D 232 4.70 -20.65 11.85
CA VAL D 232 4.98 -19.97 10.58
C VAL D 232 4.96 -20.99 9.45
N GLY D 233 4.34 -20.61 8.32
CA GLY D 233 4.25 -21.49 7.17
C GLY D 233 3.06 -22.44 7.17
N HIS D 234 2.33 -22.54 8.29
CA HIS D 234 1.14 -23.38 8.40
C HIS D 234 -0.14 -22.54 8.53
N GLU D 235 -0.12 -21.33 7.99
CA GLU D 235 -1.23 -20.39 8.08
C GLU D 235 -2.48 -20.87 7.35
N ASN D 236 -2.37 -21.91 6.52
CA ASN D 236 -3.50 -22.46 5.80
C ASN D 236 -4.20 -23.59 6.55
N GLN D 237 -3.68 -24.01 7.70
CA GLN D 237 -4.27 -25.06 8.51
C GLN D 237 -4.86 -24.48 9.80
N LEU D 238 -5.42 -25.39 10.58
CA LEU D 238 -6.09 -25.05 11.82
C LEU D 238 -5.05 -24.63 12.87
N PRO D 239 -5.46 -23.83 13.86
CA PRO D 239 -4.51 -23.46 14.92
C PRO D 239 -4.23 -24.64 15.83
N GLY D 240 -3.06 -24.62 16.44
CA GLY D 240 -2.71 -25.59 17.44
C GLY D 240 -2.17 -24.90 18.68
N PRO D 241 -1.85 -25.66 19.72
CA PRO D 241 -1.18 -25.07 20.88
C PRO D 241 0.20 -24.57 20.52
N ALA D 242 0.64 -23.53 21.22
CA ALA D 242 2.00 -23.06 21.05
C ALA D 242 2.98 -24.19 21.38
N SER D 243 3.97 -24.38 20.52
CA SER D 243 4.91 -25.48 20.70
C SER D 243 5.62 -25.38 22.05
N THR D 244 5.89 -24.16 22.51
CA THR D 244 6.48 -23.97 23.82
C THR D 244 5.58 -24.48 24.95
N LEU D 245 4.31 -24.82 24.68
CA LEU D 245 3.39 -25.23 25.71
C LEU D 245 2.90 -26.66 25.50
N LYS D 246 3.56 -27.41 24.63
CA LYS D 246 3.18 -28.79 24.36
C LYS D 246 3.72 -29.74 25.42
N PRO D 247 4.98 -29.59 25.88
CA PRO D 247 5.41 -30.37 27.05
C PRO D 247 4.56 -30.06 28.27
N PRO D 248 3.87 -31.06 28.84
CA PRO D 248 2.93 -30.78 29.94
C PRO D 248 3.59 -30.44 31.28
N LYS D 249 4.87 -30.74 31.47
CA LYS D 249 5.59 -30.37 32.69
C LYS D 249 6.77 -29.44 32.41
N GLY D 250 6.82 -28.84 31.23
CA GLY D 250 8.02 -28.18 30.76
C GLY D 250 7.90 -26.65 30.76
N GLU D 251 8.92 -26.01 31.32
CA GLU D 251 9.46 -24.82 30.67
C GLU D 251 8.44 -23.70 30.53
N GLY D 252 7.45 -23.91 29.67
CA GLY D 252 6.36 -22.98 29.52
C GLY D 252 5.16 -23.26 30.41
N ARG D 253 5.13 -24.46 31.02
CA ARG D 253 3.92 -24.82 31.73
C ARG D 253 3.85 -24.20 33.13
N MET D 254 4.96 -24.17 33.91
CA MET D 254 4.88 -23.49 35.19
C MET D 254 4.92 -22.00 34.95
N PHE D 255 5.62 -21.57 33.90
CA PHE D 255 5.62 -20.15 33.57
C PHE D 255 4.18 -19.63 33.51
N LEU D 256 3.26 -20.45 32.99
CA LEU D 256 1.83 -20.17 33.07
C LEU D 256 1.27 -20.43 34.47
N SER D 257 1.74 -21.50 35.13
CA SER D 257 1.25 -21.86 36.45
C SER D 257 1.80 -20.97 37.57
N ASP D 258 2.91 -20.27 37.34
CA ASP D 258 3.51 -19.40 38.34
C ASP D 258 3.02 -17.96 38.26
N ILE D 259 2.23 -17.61 37.26
CA ILE D 259 1.79 -16.22 37.09
C ILE D 259 0.29 -16.05 36.86
N PRO D 260 -0.61 -16.89 37.39
CA PRO D 260 -2.04 -16.65 37.12
C PRO D 260 -2.51 -15.34 37.74
N ILE D 261 -1.81 -14.86 38.78
CA ILE D 261 -2.20 -13.63 39.45
C ILE D 261 -2.17 -12.48 38.45
N ALA D 262 -1.05 -12.37 37.74
CA ALA D 262 -0.80 -11.25 36.84
C ALA D 262 -1.62 -11.36 35.55
N SER D 263 -1.76 -12.57 34.99
CA SER D 263 -2.68 -12.74 33.86
C SER D 263 -4.07 -12.22 34.23
N ALA D 264 -4.54 -12.59 35.42
CA ALA D 264 -5.83 -12.08 35.88
C ALA D 264 -5.80 -10.56 36.01
N LEU D 265 -4.74 -10.01 36.62
CA LEU D 265 -4.71 -8.57 36.88
C LEU D 265 -4.67 -7.77 35.58
N VAL D 266 -3.87 -8.21 34.61
CA VAL D 266 -3.81 -7.51 33.34
C VAL D 266 -5.13 -7.64 32.59
N GLY D 267 -5.72 -8.84 32.58
CA GLY D 267 -7.08 -8.95 32.08
C GLY D 267 -7.99 -7.90 32.70
N ALA D 268 -7.94 -7.79 34.04
CA ALA D 268 -8.81 -6.87 34.75
C ALA D 268 -8.60 -5.42 34.32
N ILE D 269 -7.34 -5.00 34.19
CA ILE D 269 -7.09 -3.63 33.73
C ILE D 269 -7.63 -3.44 32.32
N LEU D 270 -7.58 -4.48 31.49
CA LEU D 270 -8.18 -4.42 30.16
C LEU D 270 -9.68 -4.20 30.25
N ALA D 271 -10.33 -4.90 31.17
CA ALA D 271 -11.75 -4.64 31.44
C ALA D 271 -11.98 -3.18 31.77
N GLN D 272 -11.16 -2.64 32.67
CA GLN D 272 -11.31 -1.26 33.09
C GLN D 272 -11.10 -0.26 31.95
N ILE D 273 -10.43 -0.68 30.88
CA ILE D 273 -10.17 0.19 29.75
C ILE D 273 -11.05 -0.15 28.55
N ASN D 274 -11.17 -1.45 28.16
CA ASN D 274 -12.01 -1.83 27.01
C ASN D 274 -12.87 -3.00 27.51
N GLN D 275 -14.06 -2.75 28.05
CA GLN D 275 -14.84 -3.92 28.49
C GLN D 275 -15.33 -4.80 27.35
N PRO D 276 -15.89 -4.27 26.25
CA PRO D 276 -16.37 -5.16 25.19
C PRO D 276 -15.27 -6.02 24.59
N LEU D 277 -14.04 -5.50 24.50
CA LEU D 277 -12.93 -6.33 24.08
C LEU D 277 -12.71 -7.47 25.05
N PHE D 278 -12.70 -7.14 26.36
CA PHE D 278 -12.53 -8.15 27.40
C PHE D 278 -13.43 -9.33 27.07
N GLU D 279 -14.74 -9.02 26.99
CA GLU D 279 -15.73 -10.08 27.00
C GLU D 279 -15.91 -10.73 25.63
N SER D 280 -15.66 -10.00 24.54
CA SER D 280 -15.55 -10.65 23.24
C SER D 280 -14.42 -11.67 23.25
N GLY D 281 -13.29 -11.33 23.87
CA GLY D 281 -12.20 -12.29 23.99
C GLY D 281 -12.59 -13.50 24.81
N VAL D 282 -13.19 -13.27 25.98
CA VAL D 282 -13.62 -14.38 26.83
C VAL D 282 -14.58 -15.28 26.08
N LYS D 283 -15.52 -14.71 25.33
CA LYS D 283 -16.38 -15.51 24.45
C LYS D 283 -15.57 -16.36 23.48
N VAL D 284 -14.50 -15.79 22.93
CA VAL D 284 -13.73 -16.55 21.93
C VAL D 284 -13.01 -17.72 22.58
N LEU D 285 -12.30 -17.49 23.69
CA LEU D 285 -11.73 -18.58 24.46
C LEU D 285 -12.80 -19.61 24.83
N ARG D 286 -14.00 -19.13 25.13
CA ARG D 286 -15.11 -19.90 25.65
C ARG D 286 -15.73 -20.80 24.58
N GLU D 287 -15.73 -20.34 23.33
CA GLU D 287 -16.15 -21.16 22.21
C GLU D 287 -15.06 -22.15 21.82
N LEU D 288 -13.80 -21.70 21.86
CA LEU D 288 -12.70 -22.59 21.50
C LEU D 288 -12.58 -23.75 22.47
N TYR D 289 -12.86 -23.52 23.75
CA TYR D 289 -12.80 -24.60 24.74
C TYR D 289 -13.87 -25.64 24.49
N SER D 290 -15.07 -25.22 24.09
CA SER D 290 -16.22 -26.10 23.96
C SER D 290 -16.49 -26.54 22.53
N ASN D 291 -15.76 -26.01 21.55
CA ASN D 291 -15.93 -26.42 20.15
C ASN D 291 -14.70 -27.21 19.71
N SER D 292 -14.91 -28.49 19.39
CA SER D 292 -13.82 -29.36 19.00
C SER D 292 -13.43 -29.23 17.54
N LYS D 293 -14.19 -28.47 16.75
CA LYS D 293 -14.02 -28.40 15.30
C LYS D 293 -13.04 -27.33 14.86
N LEU D 294 -12.31 -26.71 15.78
CA LEU D 294 -11.55 -25.51 15.48
C LEU D 294 -10.04 -25.62 15.67
N THR D 295 -9.53 -26.64 16.34
CA THR D 295 -8.11 -26.69 16.65
C THR D 295 -7.52 -28.07 16.39
N LYS D 296 -6.23 -28.07 16.02
CA LYS D 296 -5.42 -29.28 16.12
C LYS D 296 -5.07 -29.54 17.58
N ASP D 297 -5.17 -30.80 18.01
CA ASP D 297 -4.85 -31.22 19.37
C ASP D 297 -5.66 -30.39 20.39
N HIS D 298 -6.96 -30.70 20.43
CA HIS D 298 -7.85 -29.99 21.35
C HIS D 298 -7.61 -30.37 22.81
N SER D 299 -6.91 -31.49 23.07
CA SER D 299 -6.63 -31.88 24.44
C SER D 299 -5.70 -30.87 25.12
N THR D 300 -4.55 -30.58 24.51
CA THR D 300 -3.61 -29.61 25.08
C THR D 300 -4.13 -28.18 24.96
N VAL D 301 -4.94 -27.90 23.93
CA VAL D 301 -5.70 -26.65 23.87
C VAL D 301 -6.49 -26.46 25.15
N SER D 302 -7.26 -27.48 25.54
CA SER D 302 -8.09 -27.40 26.73
C SER D 302 -7.24 -27.33 28.00
N LYS D 303 -6.12 -28.06 28.03
CA LYS D 303 -5.17 -27.95 29.15
C LYS D 303 -4.76 -26.49 29.37
N ILE D 304 -4.15 -25.88 28.34
CA ILE D 304 -3.72 -24.48 28.45
C ILE D 304 -4.89 -23.58 28.83
N ILE D 305 -6.05 -23.77 28.19
CA ILE D 305 -7.18 -22.91 28.50
C ILE D 305 -7.53 -23.00 29.99
N GLU D 306 -7.44 -24.22 30.56
CA GLU D 306 -7.65 -24.38 31.99
C GLU D 306 -6.63 -23.57 32.78
N ILE D 307 -5.37 -23.53 32.33
CA ILE D 307 -4.41 -22.60 32.92
C ILE D 307 -4.46 -21.18 32.35
N TRP D 308 -5.16 -20.93 31.25
CA TRP D 308 -5.15 -19.58 30.67
C TRP D 308 -6.03 -18.66 31.52
N PHE D 309 -5.38 -17.69 32.18
CA PHE D 309 -6.03 -16.76 33.11
C PHE D 309 -5.98 -15.31 32.60
N SER D 310 -6.02 -15.11 31.29
CA SER D 310 -6.15 -13.82 30.63
C SER D 310 -7.20 -13.91 29.55
N PRO D 311 -7.80 -12.78 29.18
CA PRO D 311 -8.75 -12.77 28.05
C PRO D 311 -8.10 -12.75 26.67
N PHE D 312 -6.80 -12.46 26.59
CA PHE D 312 -6.10 -12.35 25.32
C PHE D 312 -5.92 -13.70 24.66
N SER D 313 -5.73 -13.67 23.35
CA SER D 313 -5.45 -14.89 22.63
C SER D 313 -3.98 -15.26 22.60
N SER D 314 -3.08 -14.33 22.95
CA SER D 314 -1.67 -14.67 22.97
C SER D 314 -0.89 -13.84 23.97
N LEU D 315 0.23 -14.43 24.43
CA LEU D 315 1.17 -13.85 25.38
C LEU D 315 2.57 -13.96 24.79
N SER D 316 3.39 -12.94 24.92
CA SER D 316 4.79 -13.04 24.55
C SER D 316 5.66 -12.53 25.69
N LEU D 317 6.87 -13.10 25.79
CA LEU D 317 7.84 -12.63 26.76
C LEU D 317 9.05 -12.09 26.00
N ILE D 318 9.44 -10.86 26.28
CA ILE D 318 10.58 -10.19 25.67
C ILE D 318 11.62 -10.01 26.77
N VAL D 319 12.79 -10.68 26.66
CA VAL D 319 13.80 -10.64 27.71
C VAL D 319 15.11 -10.08 27.18
N ASN D 320 15.65 -9.10 27.90
CA ASN D 320 16.98 -8.52 27.67
C ASN D 320 17.18 -8.16 26.21
N ARG D 321 16.30 -7.28 25.72
CA ARG D 321 16.22 -6.94 24.30
C ARG D 321 15.36 -5.71 24.09
N ALA D 322 15.97 -4.53 23.99
CA ALA D 322 15.22 -3.31 23.73
C ALA D 322 14.42 -3.47 22.43
N THR D 323 13.54 -2.51 22.18
CA THR D 323 12.83 -2.57 20.91
C THR D 323 12.86 -1.23 20.20
N PRO D 324 12.79 -1.25 18.88
CA PRO D 324 12.85 -0.01 18.12
C PRO D 324 11.47 0.63 18.03
N ILE D 325 11.45 1.90 17.67
CA ILE D 325 10.20 2.57 17.31
C ILE D 325 9.48 1.79 16.20
N HIS D 326 8.30 1.26 16.48
CA HIS D 326 7.65 0.39 15.50
C HIS D 326 6.14 0.40 15.72
N ARG D 327 5.45 -0.50 15.02
CA ARG D 327 4.05 -0.78 15.23
C ARG D 327 3.87 -2.29 15.15
N ASP D 328 2.94 -2.82 15.94
CA ASP D 328 2.59 -4.21 15.75
C ASP D 328 2.23 -4.41 14.28
N THR D 329 2.72 -5.50 13.71
CA THR D 329 2.43 -5.83 12.33
C THR D 329 1.32 -6.86 12.22
N SER D 330 1.24 -7.75 13.21
CA SER D 330 0.30 -8.84 13.27
C SER D 330 -0.95 -8.43 14.05
N GLY D 331 -1.99 -9.25 13.96
CA GLY D 331 -3.18 -9.03 14.75
C GLY D 331 -3.98 -7.84 14.29
N PRO D 332 -5.10 -7.59 14.96
CA PRO D 332 -6.10 -6.65 14.42
C PRO D 332 -5.67 -5.20 14.56
N ILE D 333 -6.11 -4.39 13.59
CA ILE D 333 -5.79 -2.96 13.60
C ILE D 333 -6.41 -2.28 14.81
N GLU D 334 -7.51 -2.83 15.33
CA GLU D 334 -8.19 -2.29 16.49
C GLU D 334 -7.82 -3.02 17.77
N GLY D 335 -6.72 -3.77 17.78
CA GLY D 335 -6.31 -4.46 18.98
C GLY D 335 -5.81 -3.51 20.07
N MET D 336 -6.04 -3.92 21.31
CA MET D 336 -5.53 -3.25 22.51
C MET D 336 -4.48 -4.18 23.12
N ASP D 337 -3.21 -3.80 22.99
CA ASP D 337 -2.10 -4.58 23.50
C ASP D 337 -1.73 -4.06 24.88
N ILE D 338 -1.37 -4.97 25.79
CA ILE D 338 -0.94 -4.54 27.11
C ILE D 338 0.44 -5.09 27.41
N LEU D 339 1.34 -4.18 27.77
CA LEU D 339 2.71 -4.47 28.11
C LEU D 339 2.89 -4.23 29.59
N VAL D 340 3.60 -5.15 30.26
CA VAL D 340 4.02 -5.00 31.64
C VAL D 340 5.53 -5.22 31.70
N THR D 341 6.27 -4.20 32.14
CA THR D 341 7.73 -4.30 32.15
C THR D 341 8.26 -4.59 33.55
N GLY D 342 9.48 -5.16 33.59
CA GLY D 342 10.09 -5.47 34.87
C GLY D 342 11.57 -5.72 34.71
N GLY D 343 12.23 -5.98 35.86
CA GLY D 343 13.64 -6.27 35.95
C GLY D 343 14.31 -5.43 37.02
N ASN D 344 15.64 -5.26 36.90
CA ASN D 344 16.37 -4.39 37.81
C ASN D 344 17.15 -3.33 37.04
N TYR D 345 16.48 -2.66 36.10
CA TYR D 345 17.05 -1.54 35.36
C TYR D 345 16.65 -0.24 36.04
N SER D 346 17.17 0.86 35.53
CA SER D 346 17.07 2.14 36.23
C SER D 346 16.63 3.32 35.38
N ASN D 347 16.75 3.28 34.06
CA ASN D 347 16.55 4.45 33.22
C ASN D 347 15.57 4.17 32.07
N GLY D 348 14.44 3.56 32.40
CA GLY D 348 13.48 3.16 31.37
C GLY D 348 12.83 4.38 30.71
N VAL D 349 12.81 4.37 29.36
CA VAL D 349 12.04 5.32 28.56
C VAL D 349 11.30 4.53 27.48
N LEU D 350 10.07 4.96 27.18
CA LEU D 350 9.24 4.44 26.10
C LEU D 350 8.78 5.64 25.28
N VAL D 351 8.99 5.60 23.96
CA VAL D 351 8.90 6.80 23.13
C VAL D 351 7.68 6.70 22.22
N THR D 352 6.82 7.72 22.28
CA THR D 352 5.70 7.89 21.37
C THR D 352 5.95 9.16 20.58
N PRO D 353 6.52 9.06 19.37
CA PRO D 353 6.80 10.27 18.59
C PRO D 353 5.53 10.88 18.07
N SER D 354 4.54 10.04 17.75
CA SER D 354 3.24 10.51 17.32
C SER D 354 2.69 11.53 18.30
N PHE D 355 2.96 11.33 19.60
CA PHE D 355 2.47 12.19 20.66
C PHE D 355 3.46 13.26 21.10
N ASN D 356 4.65 13.31 20.50
CA ASN D 356 5.72 14.20 20.96
C ASN D 356 5.96 13.99 22.45
N ARG D 357 5.96 12.73 22.88
CA ARG D 357 6.16 12.47 24.31
C ARG D 357 6.99 11.21 24.50
N ARG D 358 7.62 11.13 25.66
CA ARG D 358 8.29 9.92 26.10
C ARG D 358 8.02 9.74 27.58
N TRP D 359 7.94 8.48 28.00
CA TRP D 359 7.34 8.10 29.27
C TRP D 359 8.29 7.16 30.00
N THR D 360 8.59 7.48 31.27
CA THR D 360 9.40 6.59 32.09
C THR D 360 8.71 5.24 32.28
N TYR D 361 9.44 4.18 31.93
CA TYR D 361 8.86 2.88 31.63
C TYR D 361 9.49 1.82 32.54
N ASN D 362 9.56 2.14 33.84
CA ASN D 362 10.34 1.42 34.85
C ASN D 362 9.56 0.26 35.43
N PRO D 363 10.24 -0.73 36.04
CA PRO D 363 9.58 -1.99 36.41
C PRO D 363 8.31 -1.77 37.22
N GLY D 364 7.35 -2.68 37.04
CA GLY D 364 6.01 -2.51 37.55
C GLY D 364 5.13 -1.58 36.75
N CYS D 365 5.55 -1.20 35.54
CA CYS D 365 4.77 -0.30 34.68
C CYS D 365 3.91 -1.10 33.71
N VAL D 366 2.70 -0.59 33.47
CA VAL D 366 1.75 -1.17 32.53
C VAL D 366 1.41 -0.11 31.49
N VAL D 367 1.40 -0.56 30.23
CA VAL D 367 0.99 0.27 29.11
C VAL D 367 -0.08 -0.50 28.33
N ALA D 368 -1.18 0.17 28.03
CA ALA D 368 -2.20 -0.36 27.14
C ALA D 368 -2.27 0.56 25.93
N LEU D 369 -2.16 -0.01 24.75
CA LEU D 369 -2.07 0.89 23.59
C LEU D 369 -2.59 0.16 22.36
N LEU D 370 -2.86 0.96 21.32
CA LEU D 370 -3.25 0.44 20.02
C LEU D 370 -1.97 0.07 19.28
N GLY D 371 -1.60 -1.21 19.43
CA GLY D 371 -0.29 -1.64 18.97
C GLY D 371 -0.02 -1.32 17.52
N LYS D 372 -0.93 -1.72 16.64
CA LYS D 372 -0.73 -1.52 15.22
C LYS D 372 -0.83 -0.05 14.80
N LEU D 373 -1.08 0.88 15.72
CA LEU D 373 -1.26 2.26 15.33
C LEU D 373 -0.27 3.22 15.95
N VAL D 374 0.20 2.96 17.15
CA VAL D 374 0.93 3.94 17.94
C VAL D 374 2.42 3.62 17.83
N LEU D 375 3.22 4.59 17.38
CA LEU D 375 4.65 4.31 17.22
C LEU D 375 5.32 4.27 18.58
N HIS D 376 5.72 3.09 19.01
CA HIS D 376 6.37 3.02 20.33
C HIS D 376 7.74 2.39 20.26
N GLY D 377 8.66 2.95 21.01
CA GLY D 377 10.00 2.36 21.13
C GLY D 377 10.62 2.50 22.51
N VAL D 378 11.40 1.50 22.89
CA VAL D 378 12.11 1.53 24.20
C VAL D 378 13.58 1.25 23.94
N PRO D 379 14.48 2.15 24.28
CA PRO D 379 15.91 1.91 24.17
C PRO D 379 16.56 0.91 25.16
N GLU D 380 17.88 0.80 25.12
CA GLU D 380 18.54 -0.13 26.08
C GLU D 380 18.86 0.61 27.38
N VAL D 381 18.81 -0.14 28.49
CA VAL D 381 19.01 0.26 29.91
C VAL D 381 20.08 -0.62 30.59
N ASP D 382 21.04 -0.03 31.31
CA ASP D 382 22.01 -0.83 32.09
C ASP D 382 21.21 -1.72 33.02
N GLY D 383 21.38 -3.04 32.97
CA GLY D 383 20.59 -3.78 33.94
C GLY D 383 19.64 -4.68 33.21
N GLU D 384 19.24 -5.80 33.82
CA GLU D 384 18.30 -6.71 33.19
C GLU D 384 17.00 -5.97 32.87
N ARG D 385 16.27 -6.47 31.86
CA ARG D 385 14.91 -6.00 31.62
C ARG D 385 14.13 -7.08 30.88
N TYR D 386 12.87 -7.26 31.30
CA TYR D 386 11.91 -8.09 30.58
C TYR D 386 10.62 -7.30 30.39
N CYS D 387 9.76 -7.84 29.52
CA CYS D 387 8.50 -7.19 29.18
C CYS D 387 7.53 -8.27 28.73
N MET D 388 6.39 -8.37 29.41
CA MET D 388 5.31 -9.27 28.99
C MET D 388 4.35 -8.49 28.10
N ALA D 389 4.04 -9.04 26.93
CA ALA D 389 3.07 -8.44 26.03
C ALA D 389 1.86 -9.35 25.89
N HIS D 390 0.67 -8.78 25.95
CA HIS D 390 -0.57 -9.50 25.65
C HIS D 390 -1.20 -8.91 24.40
N PHE D 391 -1.56 -9.80 23.48
CA PHE D 391 -2.07 -9.39 22.17
C PHE D 391 -3.06 -10.42 21.64
N TRP D 392 -3.51 -10.15 20.41
CA TRP D 392 -4.69 -10.78 19.84
C TRP D 392 -4.39 -11.32 18.46
N ARG D 393 -5.19 -12.32 18.08
CA ARG D 393 -5.24 -12.83 16.70
C ARG D 393 -6.70 -12.75 16.28
N GLU D 394 -7.05 -11.66 15.58
CA GLU D 394 -8.40 -11.48 15.05
C GLU D 394 -8.91 -12.69 14.28
N ARG D 395 -8.00 -13.51 13.76
CA ARG D 395 -8.39 -14.74 13.06
C ARG D 395 -8.99 -15.78 14.01
N LEU D 396 -8.60 -15.75 15.29
CA LEU D 396 -9.26 -16.59 16.28
C LEU D 396 -10.69 -16.15 16.53
N PHE D 397 -10.90 -14.84 16.65
CA PHE D 397 -12.26 -14.30 16.73
C PHE D 397 -13.06 -14.68 15.51
N ASP D 398 -12.42 -14.72 14.33
CA ASP D 398 -13.09 -15.25 13.14
C ASP D 398 -13.51 -16.70 13.35
N ALA D 399 -12.60 -17.52 13.89
CA ALA D 399 -12.92 -18.92 14.12
C ALA D 399 -14.11 -19.08 15.08
N ALA D 400 -14.17 -18.25 16.12
CA ALA D 400 -15.18 -18.41 17.17
C ALA D 400 -16.54 -17.85 16.77
N GLY D 401 -16.58 -16.84 15.89
CA GLY D 401 -17.82 -16.17 15.56
C GLY D 401 -18.05 -14.87 16.29
N VAL D 402 -17.04 -14.33 16.95
CA VAL D 402 -17.14 -13.06 17.67
C VAL D 402 -16.35 -12.00 16.92
N PRO D 403 -16.98 -11.13 16.13
CA PRO D 403 -16.26 -9.95 15.62
C PRO D 403 -15.52 -9.23 16.73
N PHE D 404 -14.43 -8.61 16.35
CA PHE D 404 -13.63 -7.80 17.25
C PHE D 404 -14.31 -6.45 17.44
N PRO D 405 -14.32 -5.91 18.66
CA PRO D 405 -14.94 -4.60 18.89
C PRO D 405 -14.01 -3.45 18.54
N TYR D 406 -14.63 -2.30 18.22
CA TYR D 406 -13.85 -1.09 18.01
C TYR D 406 -13.33 -0.57 19.36
N PRO D 407 -12.18 0.09 19.36
CA PRO D 407 -11.66 0.70 20.59
C PRO D 407 -12.70 1.53 21.33
N SER D 408 -12.83 1.25 22.64
CA SER D 408 -13.79 1.97 23.45
C SER D 408 -13.38 3.41 23.68
N LYS D 409 -14.26 4.10 24.40
CA LYS D 409 -14.08 5.48 24.80
C LYS D 409 -14.06 5.54 26.32
N TRP D 410 -13.51 6.63 26.86
CA TRP D 410 -13.40 6.76 28.30
C TRP D 410 -14.75 6.98 28.97
N GLN D 411 -15.77 7.40 28.22
CA GLN D 411 -17.12 7.44 28.75
C GLN D 411 -17.54 6.08 29.29
N GLU D 412 -17.07 4.99 28.67
CA GLU D 412 -17.39 3.65 29.11
C GLU D 412 -16.90 3.36 30.53
N SER D 413 -16.12 4.27 31.14
CA SER D 413 -15.65 4.10 32.50
C SER D 413 -16.54 4.76 33.54
N TYR D 414 -17.53 5.56 33.13
CA TYR D 414 -18.38 6.28 34.07
C TYR D 414 -19.84 5.86 34.00
N THR D 415 -20.19 4.96 33.08
CA THR D 415 -21.52 4.37 33.04
C THR D 415 -21.81 3.54 34.30
#